data_1O4I
# 
_entry.id   1O4I 
# 
_audit_conform.dict_name       mmcif_pdbx.dic 
_audit_conform.dict_version    5.397 
_audit_conform.dict_location   http://mmcif.pdb.org/dictionaries/ascii/mmcif_pdbx.dic 
# 
loop_
_database_2.database_id 
_database_2.database_code 
_database_2.pdbx_database_accession 
_database_2.pdbx_DOI 
PDB   1O4I         pdb_00001o4i 10.2210/pdb1o4i/pdb 
RCSB  RCSB001793   ?            ?                   
WWPDB D_1000001793 ?            ?                   
# 
loop_
_pdbx_audit_revision_history.ordinal 
_pdbx_audit_revision_history.data_content_type 
_pdbx_audit_revision_history.major_revision 
_pdbx_audit_revision_history.minor_revision 
_pdbx_audit_revision_history.revision_date 
1 'Structure model' 1 0 2004-02-17 
2 'Structure model' 1 1 2008-04-26 
3 'Structure model' 1 2 2011-07-13 
4 'Structure model' 1 3 2015-09-16 
5 'Structure model' 1 4 2023-08-16 
6 'Structure model' 1 5 2024-10-16 
# 
_pdbx_audit_revision_details.ordinal             1 
_pdbx_audit_revision_details.revision_ordinal    1 
_pdbx_audit_revision_details.data_content_type   'Structure model' 
_pdbx_audit_revision_details.provider            repository 
_pdbx_audit_revision_details.type                'Initial release' 
_pdbx_audit_revision_details.description         ? 
_pdbx_audit_revision_details.details             ? 
# 
loop_
_pdbx_audit_revision_group.ordinal 
_pdbx_audit_revision_group.revision_ordinal 
_pdbx_audit_revision_group.data_content_type 
_pdbx_audit_revision_group.group 
1 2 'Structure model' 'Version format compliance' 
2 3 'Structure model' 'Version format compliance' 
3 4 'Structure model' 'Non-polymer description'   
4 5 'Structure model' 'Data collection'           
5 5 'Structure model' 'Database references'       
6 5 'Structure model' 'Derived calculations'      
7 5 'Structure model' 'Refinement description'    
8 6 'Structure model' 'Structure summary'         
# 
loop_
_pdbx_audit_revision_category.ordinal 
_pdbx_audit_revision_category.revision_ordinal 
_pdbx_audit_revision_category.data_content_type 
_pdbx_audit_revision_category.category 
1 5 'Structure model' chem_comp_atom                
2 5 'Structure model' chem_comp_bond                
3 5 'Structure model' database_2                    
4 5 'Structure model' pdbx_initial_refinement_model 
5 5 'Structure model' struct_conn                   
6 5 'Structure model' struct_site                   
7 6 'Structure model' pdbx_entry_details            
8 6 'Structure model' pdbx_modification_feature     
# 
loop_
_pdbx_audit_revision_item.ordinal 
_pdbx_audit_revision_item.revision_ordinal 
_pdbx_audit_revision_item.data_content_type 
_pdbx_audit_revision_item.item 
1 5 'Structure model' '_database_2.pdbx_DOI'                
2 5 'Structure model' '_database_2.pdbx_database_accession' 
3 5 'Structure model' '_struct_conn.pdbx_leaving_atom_flag' 
4 5 'Structure model' '_struct_site.pdbx_auth_asym_id'      
5 5 'Structure model' '_struct_site.pdbx_auth_comp_id'      
6 5 'Structure model' '_struct_site.pdbx_auth_seq_id'       
# 
_pdbx_database_status.status_code                     REL 
_pdbx_database_status.entry_id                        1O4I 
_pdbx_database_status.recvd_initial_deposition_date   2003-06-15 
_pdbx_database_status.deposit_site                    RCSB 
_pdbx_database_status.process_site                    RCSB 
_pdbx_database_status.SG_entry                        . 
_pdbx_database_status.status_code_sf                  ? 
_pdbx_database_status.status_code_mr                  ? 
_pdbx_database_status.status_code_cs                  ? 
_pdbx_database_status.methods_development_category    ? 
_pdbx_database_status.pdb_format_compatible           Y 
_pdbx_database_status.status_code_nmr_data            ? 
# 
loop_
_audit_author.name 
_audit_author.pdbx_ordinal 
'Lange, G.'  1 
'Loenze, P.' 2 
'Liesum, A.' 3 
# 
_citation.id                        primary 
_citation.title                     
;Requirements for specific binding of low affinity inhibitor fragments to the SH2 domain of (pp60)Src are identical to those for high affinity binding of full length inhibitors.
;
_citation.journal_abbrev            J.Med.Chem. 
_citation.journal_volume            46 
_citation.page_first                5184 
_citation.page_last                 5195 
_citation.year                      2003 
_citation.journal_id_ASTM           JMCMAR 
_citation.country                   US 
_citation.journal_id_ISSN           0022-2623 
_citation.journal_id_CSD            0151 
_citation.book_publisher            ? 
_citation.pdbx_database_id_PubMed   14613321 
_citation.pdbx_database_id_DOI      10.1021/jm020970s 
# 
loop_
_citation_author.citation_id 
_citation_author.name 
_citation_author.ordinal 
_citation_author.identifier_ORCID 
primary 'Lange, G.'       1  ? 
primary 'Lesuisse, D.'    2  ? 
primary 'Deprez, P.'      3  ? 
primary 'Schoot, B.'      4  ? 
primary 'Loenze, P.'      5  ? 
primary 'Benard, D.'      6  ? 
primary 'Marquette, J.P.' 7  ? 
primary 'Broto, P.'       8  ? 
primary 'Sarubbi, E.'     9  ? 
primary 'Mandine, E.'     10 ? 
# 
loop_
_entity.id 
_entity.type 
_entity.src_method 
_entity.pdbx_description 
_entity.formula_weight 
_entity.pdbx_number_of_molecules 
_entity.pdbx_ec 
_entity.pdbx_mutation 
_entity.pdbx_fragment 
_entity.details 
1 polymer     man 'PROTO-ONCOGENE TYROSINE-PROTEIN KINASE SRC'             12374.964 1   2.7.1.112 ? 'SH2 DOMAIN' ? 
2 non-polymer syn 'cyclohexylmethyl 2-formylphenyl hydrogen (S)-phosphate' 298.271   1   ?         ? ?            ? 
3 water       nat water                                                    18.015    168 ?         ? ?            ? 
# 
_entity_name_com.entity_id   1 
_entity_name_com.name        'P60-SRC, C-SRC' 
# 
_entity_poly.entity_id                      1 
_entity_poly.type                           'polypeptide(L)' 
_entity_poly.nstd_linkage                   no 
_entity_poly.nstd_monomer                   no 
_entity_poly.pdbx_seq_one_letter_code       
;SIQAEEWYFGKITRRESERLLLNAENPRGTFLVRESETTKGAYCLSVSDFDNAKGLNVKHYKIRKLDSGGFYITSRTQFN
SLQQLVAYYSKHADGLCHRLTTVCPTSK
;
_entity_poly.pdbx_seq_one_letter_code_can   
;SIQAEEWYFGKITRRESERLLLNAENPRGTFLVRESETTKGAYCLSVSDFDNAKGLNVKHYKIRKLDSGGFYITSRTQFN
SLQQLVAYYSKHADGLCHRLTTVCPTSK
;
_entity_poly.pdbx_strand_id                 A 
_entity_poly.pdbx_target_identifier         ? 
# 
loop_
_pdbx_entity_nonpoly.entity_id 
_pdbx_entity_nonpoly.name 
_pdbx_entity_nonpoly.comp_id 
2 'cyclohexylmethyl 2-formylphenyl hydrogen (S)-phosphate' 219 
3 water                                                    HOH 
# 
loop_
_entity_poly_seq.entity_id 
_entity_poly_seq.num 
_entity_poly_seq.mon_id 
_entity_poly_seq.hetero 
1 1   SER n 
1 2   ILE n 
1 3   GLN n 
1 4   ALA n 
1 5   GLU n 
1 6   GLU n 
1 7   TRP n 
1 8   TYR n 
1 9   PHE n 
1 10  GLY n 
1 11  LYS n 
1 12  ILE n 
1 13  THR n 
1 14  ARG n 
1 15  ARG n 
1 16  GLU n 
1 17  SER n 
1 18  GLU n 
1 19  ARG n 
1 20  LEU n 
1 21  LEU n 
1 22  LEU n 
1 23  ASN n 
1 24  ALA n 
1 25  GLU n 
1 26  ASN n 
1 27  PRO n 
1 28  ARG n 
1 29  GLY n 
1 30  THR n 
1 31  PHE n 
1 32  LEU n 
1 33  VAL n 
1 34  ARG n 
1 35  GLU n 
1 36  SER n 
1 37  GLU n 
1 38  THR n 
1 39  THR n 
1 40  LYS n 
1 41  GLY n 
1 42  ALA n 
1 43  TYR n 
1 44  CYS n 
1 45  LEU n 
1 46  SER n 
1 47  VAL n 
1 48  SER n 
1 49  ASP n 
1 50  PHE n 
1 51  ASP n 
1 52  ASN n 
1 53  ALA n 
1 54  LYS n 
1 55  GLY n 
1 56  LEU n 
1 57  ASN n 
1 58  VAL n 
1 59  LYS n 
1 60  HIS n 
1 61  TYR n 
1 62  LYS n 
1 63  ILE n 
1 64  ARG n 
1 65  LYS n 
1 66  LEU n 
1 67  ASP n 
1 68  SER n 
1 69  GLY n 
1 70  GLY n 
1 71  PHE n 
1 72  TYR n 
1 73  ILE n 
1 74  THR n 
1 75  SER n 
1 76  ARG n 
1 77  THR n 
1 78  GLN n 
1 79  PHE n 
1 80  ASN n 
1 81  SER n 
1 82  LEU n 
1 83  GLN n 
1 84  GLN n 
1 85  LEU n 
1 86  VAL n 
1 87  ALA n 
1 88  TYR n 
1 89  TYR n 
1 90  SER n 
1 91  LYS n 
1 92  HIS n 
1 93  ALA n 
1 94  ASP n 
1 95  GLY n 
1 96  LEU n 
1 97  CYS n 
1 98  HIS n 
1 99  ARG n 
1 100 LEU n 
1 101 THR n 
1 102 THR n 
1 103 VAL n 
1 104 CYS n 
1 105 PRO n 
1 106 THR n 
1 107 SER n 
1 108 LYS n 
# 
_entity_src_gen.entity_id                          1 
_entity_src_gen.pdbx_src_id                        1 
_entity_src_gen.pdbx_alt_source_flag               sample 
_entity_src_gen.pdbx_seq_type                      ? 
_entity_src_gen.pdbx_beg_seq_num                   ? 
_entity_src_gen.pdbx_end_seq_num                   ? 
_entity_src_gen.gene_src_common_name               human 
_entity_src_gen.gene_src_genus                     Homo 
_entity_src_gen.pdbx_gene_src_gene                 SRC 
_entity_src_gen.gene_src_species                   ? 
_entity_src_gen.gene_src_strain                    ? 
_entity_src_gen.gene_src_tissue                    ? 
_entity_src_gen.gene_src_tissue_fraction           ? 
_entity_src_gen.gene_src_details                   ? 
_entity_src_gen.pdbx_gene_src_fragment             ? 
_entity_src_gen.pdbx_gene_src_scientific_name      'Homo sapiens' 
_entity_src_gen.pdbx_gene_src_ncbi_taxonomy_id     9606 
_entity_src_gen.pdbx_gene_src_variant              ? 
_entity_src_gen.pdbx_gene_src_cell_line            ? 
_entity_src_gen.pdbx_gene_src_atcc                 ? 
_entity_src_gen.pdbx_gene_src_organ                ? 
_entity_src_gen.pdbx_gene_src_organelle            ? 
_entity_src_gen.pdbx_gene_src_cell                 ? 
_entity_src_gen.pdbx_gene_src_cellular_location    ? 
_entity_src_gen.host_org_common_name               ? 
_entity_src_gen.pdbx_host_org_scientific_name      'Escherichia coli' 
_entity_src_gen.pdbx_host_org_ncbi_taxonomy_id     562 
_entity_src_gen.host_org_genus                     Escherichia 
_entity_src_gen.pdbx_host_org_gene                 ? 
_entity_src_gen.pdbx_host_org_organ                ? 
_entity_src_gen.host_org_species                   ? 
_entity_src_gen.pdbx_host_org_tissue               ? 
_entity_src_gen.pdbx_host_org_tissue_fraction      ? 
_entity_src_gen.pdbx_host_org_strain               ? 
_entity_src_gen.pdbx_host_org_variant              ? 
_entity_src_gen.pdbx_host_org_cell_line            ? 
_entity_src_gen.pdbx_host_org_atcc                 ? 
_entity_src_gen.pdbx_host_org_culture_collection   ? 
_entity_src_gen.pdbx_host_org_cell                 ? 
_entity_src_gen.pdbx_host_org_organelle            ? 
_entity_src_gen.pdbx_host_org_cellular_location    ? 
_entity_src_gen.pdbx_host_org_vector_type          ? 
_entity_src_gen.pdbx_host_org_vector               ? 
_entity_src_gen.host_org_details                   ? 
_entity_src_gen.expression_system_id               ? 
_entity_src_gen.plasmid_name                       'BL21 (DE3)' 
_entity_src_gen.plasmid_details                    ? 
_entity_src_gen.pdbx_description                   ? 
# 
loop_
_chem_comp.id 
_chem_comp.type 
_chem_comp.mon_nstd_flag 
_chem_comp.name 
_chem_comp.pdbx_synonyms 
_chem_comp.formula 
_chem_comp.formula_weight 
219 non-polymer         . 'cyclohexylmethyl 2-formylphenyl hydrogen (S)-phosphate' PAS219 'C14 H19 O5 P'   298.271 
ALA 'L-peptide linking' y ALANINE                                                  ?      'C3 H7 N O2'     89.093  
ARG 'L-peptide linking' y ARGININE                                                 ?      'C6 H15 N4 O2 1' 175.209 
ASN 'L-peptide linking' y ASPARAGINE                                               ?      'C4 H8 N2 O3'    132.118 
ASP 'L-peptide linking' y 'ASPARTIC ACID'                                          ?      'C4 H7 N O4'     133.103 
CYS 'L-peptide linking' y CYSTEINE                                                 ?      'C3 H7 N O2 S'   121.158 
GLN 'L-peptide linking' y GLUTAMINE                                                ?      'C5 H10 N2 O3'   146.144 
GLU 'L-peptide linking' y 'GLUTAMIC ACID'                                          ?      'C5 H9 N O4'     147.129 
GLY 'peptide linking'   y GLYCINE                                                  ?      'C2 H5 N O2'     75.067  
HIS 'L-peptide linking' y HISTIDINE                                                ?      'C6 H10 N3 O2 1' 156.162 
HOH non-polymer         . WATER                                                    ?      'H2 O'           18.015  
ILE 'L-peptide linking' y ISOLEUCINE                                               ?      'C6 H13 N O2'    131.173 
LEU 'L-peptide linking' y LEUCINE                                                  ?      'C6 H13 N O2'    131.173 
LYS 'L-peptide linking' y LYSINE                                                   ?      'C6 H15 N2 O2 1' 147.195 
PHE 'L-peptide linking' y PHENYLALANINE                                            ?      'C9 H11 N O2'    165.189 
PRO 'L-peptide linking' y PROLINE                                                  ?      'C5 H9 N O2'     115.130 
SER 'L-peptide linking' y SERINE                                                   ?      'C3 H7 N O3'     105.093 
THR 'L-peptide linking' y THREONINE                                                ?      'C4 H9 N O3'     119.119 
TRP 'L-peptide linking' y TRYPTOPHAN                                               ?      'C11 H12 N2 O2'  204.225 
TYR 'L-peptide linking' y TYROSINE                                                 ?      'C9 H11 N O3'    181.189 
VAL 'L-peptide linking' y VALINE                                                   ?      'C5 H11 N O2'    117.146 
# 
loop_
_pdbx_poly_seq_scheme.asym_id 
_pdbx_poly_seq_scheme.entity_id 
_pdbx_poly_seq_scheme.seq_id 
_pdbx_poly_seq_scheme.mon_id 
_pdbx_poly_seq_scheme.ndb_seq_num 
_pdbx_poly_seq_scheme.pdb_seq_num 
_pdbx_poly_seq_scheme.auth_seq_num 
_pdbx_poly_seq_scheme.pdb_mon_id 
_pdbx_poly_seq_scheme.auth_mon_id 
_pdbx_poly_seq_scheme.pdb_strand_id 
_pdbx_poly_seq_scheme.pdb_ins_code 
_pdbx_poly_seq_scheme.hetero 
A 1 1   SER 1   1   1   SER SER A . n 
A 1 2   ILE 2   2   2   ILE ILE A . n 
A 1 3   GLN 3   3   3   GLN GLN A . n 
A 1 4   ALA 4   4   4   ALA ALA A . n 
A 1 5   GLU 5   5   5   GLU GLU A . n 
A 1 6   GLU 6   6   6   GLU GLU A . n 
A 1 7   TRP 7   7   7   TRP TRP A . n 
A 1 8   TYR 8   8   8   TYR TYR A . n 
A 1 9   PHE 9   9   9   PHE PHE A . n 
A 1 10  GLY 10  10  10  GLY GLY A . n 
A 1 11  LYS 11  11  11  LYS LYS A . n 
A 1 12  ILE 12  12  12  ILE ILE A . n 
A 1 13  THR 13  13  13  THR THR A . n 
A 1 14  ARG 14  14  14  ARG ARG A . n 
A 1 15  ARG 15  15  15  ARG ARG A . n 
A 1 16  GLU 16  16  16  GLU GLU A . n 
A 1 17  SER 17  17  17  SER SER A . n 
A 1 18  GLU 18  18  18  GLU GLU A . n 
A 1 19  ARG 19  19  19  ARG ARG A . n 
A 1 20  LEU 20  20  20  LEU LEU A . n 
A 1 21  LEU 21  21  21  LEU LEU A . n 
A 1 22  LEU 22  22  22  LEU LEU A . n 
A 1 23  ASN 23  23  23  ASN ASN A . n 
A 1 24  ALA 24  24  24  ALA ALA A . n 
A 1 25  GLU 25  25  25  GLU GLU A . n 
A 1 26  ASN 26  26  26  ASN ASN A . n 
A 1 27  PRO 27  27  27  PRO PRO A . n 
A 1 28  ARG 28  28  28  ARG ARG A . n 
A 1 29  GLY 29  29  29  GLY GLY A . n 
A 1 30  THR 30  30  30  THR THR A . n 
A 1 31  PHE 31  31  31  PHE PHE A . n 
A 1 32  LEU 32  32  32  LEU LEU A . n 
A 1 33  VAL 33  33  33  VAL VAL A . n 
A 1 34  ARG 34  34  34  ARG ARG A . n 
A 1 35  GLU 35  35  35  GLU GLU A . n 
A 1 36  SER 36  36  36  SER SER A . n 
A 1 37  GLU 37  37  37  GLU GLU A . n 
A 1 38  THR 38  38  38  THR THR A . n 
A 1 39  THR 39  39  39  THR THR A . n 
A 1 40  LYS 40  40  40  LYS LYS A . n 
A 1 41  GLY 41  41  41  GLY GLY A . n 
A 1 42  ALA 42  42  42  ALA ALA A . n 
A 1 43  TYR 43  43  43  TYR TYR A . n 
A 1 44  CYS 44  44  44  CYS CYS A . n 
A 1 45  LEU 45  45  45  LEU LEU A . n 
A 1 46  SER 46  46  46  SER SER A . n 
A 1 47  VAL 47  47  47  VAL VAL A . n 
A 1 48  SER 48  48  48  SER SER A . n 
A 1 49  ASP 49  49  49  ASP ASP A . n 
A 1 50  PHE 50  50  50  PHE PHE A . n 
A 1 51  ASP 51  51  51  ASP ASP A . n 
A 1 52  ASN 52  52  52  ASN ASN A . n 
A 1 53  ALA 53  53  53  ALA ALA A . n 
A 1 54  LYS 54  54  54  LYS LYS A . n 
A 1 55  GLY 55  55  55  GLY GLY A . n 
A 1 56  LEU 56  56  56  LEU LEU A . n 
A 1 57  ASN 57  57  57  ASN ASN A . n 
A 1 58  VAL 58  58  58  VAL VAL A . n 
A 1 59  LYS 59  59  59  LYS LYS A . n 
A 1 60  HIS 60  60  60  HIS HIS A . n 
A 1 61  TYR 61  61  61  TYR TYR A . n 
A 1 62  LYS 62  62  62  LYS LYS A . n 
A 1 63  ILE 63  63  63  ILE ILE A . n 
A 1 64  ARG 64  64  64  ARG ARG A . n 
A 1 65  LYS 65  65  65  LYS LYS A . n 
A 1 66  LEU 66  66  66  LEU LEU A . n 
A 1 67  ASP 67  67  67  ASP ASP A . n 
A 1 68  SER 68  68  68  SER SER A . n 
A 1 69  GLY 69  69  69  GLY GLY A . n 
A 1 70  GLY 70  70  70  GLY GLY A . n 
A 1 71  PHE 71  71  71  PHE PHE A . n 
A 1 72  TYR 72  72  72  TYR TYR A . n 
A 1 73  ILE 73  73  73  ILE ILE A . n 
A 1 74  THR 74  74  74  THR THR A . n 
A 1 75  SER 75  75  75  SER SER A . n 
A 1 76  ARG 76  76  76  ARG ARG A . n 
A 1 77  THR 77  77  77  THR THR A . n 
A 1 78  GLN 78  78  78  GLN GLN A . n 
A 1 79  PHE 79  79  79  PHE PHE A . n 
A 1 80  ASN 80  80  80  ASN ASN A . n 
A 1 81  SER 81  81  81  SER SER A . n 
A 1 82  LEU 82  82  82  LEU LEU A . n 
A 1 83  GLN 83  83  83  GLN GLN A . n 
A 1 84  GLN 84  84  84  GLN GLN A . n 
A 1 85  LEU 85  85  85  LEU LEU A . n 
A 1 86  VAL 86  86  86  VAL VAL A . n 
A 1 87  ALA 87  87  87  ALA ALA A . n 
A 1 88  TYR 88  88  88  TYR TYR A . n 
A 1 89  TYR 89  89  89  TYR TYR A . n 
A 1 90  SER 90  90  90  SER SER A . n 
A 1 91  LYS 91  91  91  LYS LYS A . n 
A 1 92  HIS 92  92  92  HIS HIS A . n 
A 1 93  ALA 93  93  93  ALA ALA A . n 
A 1 94  ASP 94  94  94  ASP ASP A . n 
A 1 95  GLY 95  95  95  GLY GLY A . n 
A 1 96  LEU 96  96  96  LEU LEU A . n 
A 1 97  CYS 97  97  97  CYS CYS A . n 
A 1 98  HIS 98  98  98  HIS HIS A . n 
A 1 99  ARG 99  99  99  ARG ARG A . n 
A 1 100 LEU 100 100 100 LEU LEU A . n 
A 1 101 THR 101 101 101 THR THR A . n 
A 1 102 THR 102 102 102 THR THR A . n 
A 1 103 VAL 103 103 103 VAL VAL A . n 
A 1 104 CYS 104 104 104 CYS CYS A . n 
A 1 105 PRO 105 105 105 PRO PRO A . n 
A 1 106 THR 106 106 106 THR THR A . n 
A 1 107 SER 107 107 ?   ?   ?   A . n 
A 1 108 LYS 108 108 ?   ?   ?   A . n 
# 
loop_
_pdbx_nonpoly_scheme.asym_id 
_pdbx_nonpoly_scheme.entity_id 
_pdbx_nonpoly_scheme.mon_id 
_pdbx_nonpoly_scheme.ndb_seq_num 
_pdbx_nonpoly_scheme.pdb_seq_num 
_pdbx_nonpoly_scheme.auth_seq_num 
_pdbx_nonpoly_scheme.pdb_mon_id 
_pdbx_nonpoly_scheme.auth_mon_id 
_pdbx_nonpoly_scheme.pdb_strand_id 
_pdbx_nonpoly_scheme.pdb_ins_code 
B 2 219 1   300 1   219 INH A . 
C 3 HOH 1   301 1   HOH HOH A . 
C 3 HOH 2   302 2   HOH HOH A . 
C 3 HOH 3   303 3   HOH HOH A . 
C 3 HOH 4   304 4   HOH HOH A . 
C 3 HOH 5   305 5   HOH HOH A . 
C 3 HOH 6   306 6   HOH HOH A . 
C 3 HOH 7   307 7   HOH HOH A . 
C 3 HOH 8   308 8   HOH HOH A . 
C 3 HOH 9   309 9   HOH HOH A . 
C 3 HOH 10  310 10  HOH HOH A . 
C 3 HOH 11  311 11  HOH HOH A . 
C 3 HOH 12  312 12  HOH HOH A . 
C 3 HOH 13  313 13  HOH HOH A . 
C 3 HOH 14  314 14  HOH HOH A . 
C 3 HOH 15  315 15  HOH HOH A . 
C 3 HOH 16  316 16  HOH HOH A . 
C 3 HOH 17  317 17  HOH HOH A . 
C 3 HOH 18  318 18  HOH HOH A . 
C 3 HOH 19  319 19  HOH HOH A . 
C 3 HOH 20  320 20  HOH HOH A . 
C 3 HOH 21  321 21  HOH HOH A . 
C 3 HOH 22  322 22  HOH HOH A . 
C 3 HOH 23  323 23  HOH HOH A . 
C 3 HOH 24  324 24  HOH HOH A . 
C 3 HOH 25  325 25  HOH HOH A . 
C 3 HOH 26  326 26  HOH HOH A . 
C 3 HOH 27  327 27  HOH HOH A . 
C 3 HOH 28  328 28  HOH HOH A . 
C 3 HOH 29  329 29  HOH HOH A . 
C 3 HOH 30  330 30  HOH HOH A . 
C 3 HOH 31  331 31  HOH HOH A . 
C 3 HOH 32  332 32  HOH HOH A . 
C 3 HOH 33  333 33  HOH HOH A . 
C 3 HOH 34  334 34  HOH HOH A . 
C 3 HOH 35  335 35  HOH HOH A . 
C 3 HOH 36  336 36  HOH HOH A . 
C 3 HOH 37  337 37  HOH HOH A . 
C 3 HOH 38  338 38  HOH HOH A . 
C 3 HOH 39  339 39  HOH HOH A . 
C 3 HOH 40  340 40  HOH HOH A . 
C 3 HOH 41  341 41  HOH HOH A . 
C 3 HOH 42  342 43  HOH HOH A . 
C 3 HOH 43  343 44  HOH HOH A . 
C 3 HOH 44  344 45  HOH HOH A . 
C 3 HOH 45  345 46  HOH HOH A . 
C 3 HOH 46  346 47  HOH HOH A . 
C 3 HOH 47  347 48  HOH HOH A . 
C 3 HOH 48  348 49  HOH HOH A . 
C 3 HOH 49  349 50  HOH HOH A . 
C 3 HOH 50  350 52  HOH HOH A . 
C 3 HOH 51  351 54  HOH HOH A . 
C 3 HOH 52  352 55  HOH HOH A . 
C 3 HOH 53  353 56  HOH HOH A . 
C 3 HOH 54  354 57  HOH HOH A . 
C 3 HOH 55  355 58  HOH HOH A . 
C 3 HOH 56  356 59  HOH HOH A . 
C 3 HOH 57  357 60  HOH HOH A . 
C 3 HOH 58  358 62  HOH HOH A . 
C 3 HOH 59  359 63  HOH HOH A . 
C 3 HOH 60  360 64  HOH HOH A . 
C 3 HOH 61  361 65  HOH HOH A . 
C 3 HOH 62  362 66  HOH HOH A . 
C 3 HOH 63  363 67  HOH HOH A . 
C 3 HOH 64  364 68  HOH HOH A . 
C 3 HOH 65  365 69  HOH HOH A . 
C 3 HOH 66  366 70  HOH HOH A . 
C 3 HOH 67  367 71  HOH HOH A . 
C 3 HOH 68  368 72  HOH HOH A . 
C 3 HOH 69  369 74  HOH HOH A . 
C 3 HOH 70  370 75  HOH HOH A . 
C 3 HOH 71  371 76  HOH HOH A . 
C 3 HOH 72  372 77  HOH HOH A . 
C 3 HOH 73  373 78  HOH HOH A . 
C 3 HOH 74  374 79  HOH HOH A . 
C 3 HOH 75  375 80  HOH HOH A . 
C 3 HOH 76  376 81  HOH HOH A . 
C 3 HOH 77  377 82  HOH HOH A . 
C 3 HOH 78  378 83  HOH HOH A . 
C 3 HOH 79  379 84  HOH HOH A . 
C 3 HOH 80  380 85  HOH HOH A . 
C 3 HOH 81  381 86  HOH HOH A . 
C 3 HOH 82  382 89  HOH HOH A . 
C 3 HOH 83  383 90  HOH HOH A . 
C 3 HOH 84  384 91  HOH HOH A . 
C 3 HOH 85  385 92  HOH HOH A . 
C 3 HOH 86  386 93  HOH HOH A . 
C 3 HOH 87  387 94  HOH HOH A . 
C 3 HOH 88  388 96  HOH HOH A . 
C 3 HOH 89  389 97  HOH HOH A . 
C 3 HOH 90  390 98  HOH HOH A . 
C 3 HOH 91  391 99  HOH HOH A . 
C 3 HOH 92  392 100 HOH HOH A . 
C 3 HOH 93  393 101 HOH HOH A . 
C 3 HOH 94  394 102 HOH HOH A . 
C 3 HOH 95  395 103 HOH HOH A . 
C 3 HOH 96  396 104 HOH HOH A . 
C 3 HOH 97  397 105 HOH HOH A . 
C 3 HOH 98  398 106 HOH HOH A . 
C 3 HOH 99  399 107 HOH HOH A . 
C 3 HOH 100 400 108 HOH HOH A . 
C 3 HOH 101 401 109 HOH HOH A . 
C 3 HOH 102 402 110 HOH HOH A . 
C 3 HOH 103 403 111 HOH HOH A . 
C 3 HOH 104 404 112 HOH HOH A . 
C 3 HOH 105 405 113 HOH HOH A . 
C 3 HOH 106 406 114 HOH HOH A . 
C 3 HOH 107 407 115 HOH HOH A . 
C 3 HOH 108 408 116 HOH HOH A . 
C 3 HOH 109 409 117 HOH HOH A . 
C 3 HOH 110 410 118 HOH HOH A . 
C 3 HOH 111 411 119 HOH HOH A . 
C 3 HOH 112 412 120 HOH HOH A . 
C 3 HOH 113 413 122 HOH HOH A . 
C 3 HOH 114 414 123 HOH HOH A . 
C 3 HOH 115 415 124 HOH HOH A . 
C 3 HOH 116 416 126 HOH HOH A . 
C 3 HOH 117 417 128 HOH HOH A . 
C 3 HOH 118 418 132 HOH HOH A . 
C 3 HOH 119 419 133 HOH HOH A . 
C 3 HOH 120 420 134 HOH HOH A . 
C 3 HOH 121 421 136 HOH HOH A . 
C 3 HOH 122 422 137 HOH HOH A . 
C 3 HOH 123 423 141 HOH HOH A . 
C 3 HOH 124 424 150 HOH HOH A . 
C 3 HOH 125 425 151 HOH HOH A . 
C 3 HOH 126 426 152 HOH HOH A . 
C 3 HOH 127 427 154 HOH HOH A . 
C 3 HOH 128 428 155 HOH HOH A . 
C 3 HOH 129 429 156 HOH HOH A . 
C 3 HOH 130 430 157 HOH HOH A . 
C 3 HOH 131 431 160 HOH HOH A . 
C 3 HOH 132 432 164 HOH HOH A . 
C 3 HOH 133 433 165 HOH HOH A . 
C 3 HOH 134 434 166 HOH HOH A . 
C 3 HOH 135 435 167 HOH HOH A . 
C 3 HOH 136 436 169 HOH HOH A . 
C 3 HOH 137 437 170 HOH HOH A . 
C 3 HOH 138 438 172 HOH HOH A . 
C 3 HOH 139 439 174 HOH HOH A . 
C 3 HOH 140 440 175 HOH HOH A . 
C 3 HOH 141 441 177 HOH HOH A . 
C 3 HOH 142 442 179 HOH HOH A . 
C 3 HOH 143 443 181 HOH HOH A . 
C 3 HOH 144 444 182 HOH HOH A . 
C 3 HOH 145 445 184 HOH HOH A . 
C 3 HOH 146 446 185 HOH HOH A . 
C 3 HOH 147 447 186 HOH HOH A . 
C 3 HOH 148 448 187 HOH HOH A . 
C 3 HOH 149 449 188 HOH HOH A . 
C 3 HOH 150 450 189 HOH HOH A . 
C 3 HOH 151 451 190 HOH HOH A . 
C 3 HOH 152 452 191 HOH HOH A . 
C 3 HOH 153 453 192 HOH HOH A . 
C 3 HOH 154 454 193 HOH HOH A . 
C 3 HOH 155 455 194 HOH HOH A . 
C 3 HOH 156 456 195 HOH HOH A . 
C 3 HOH 157 457 196 HOH HOH A . 
C 3 HOH 158 458 197 HOH HOH A . 
C 3 HOH 159 459 198 HOH HOH A . 
C 3 HOH 160 460 199 HOH HOH A . 
C 3 HOH 161 461 200 HOH HOH A . 
C 3 HOH 162 462 201 HOH HOH A . 
C 3 HOH 163 463 202 HOH HOH A . 
C 3 HOH 164 464 203 HOH HOH A . 
C 3 HOH 165 465 204 HOH HOH A . 
C 3 HOH 166 466 205 HOH HOH A . 
C 3 HOH 167 467 206 HOH HOH A . 
C 3 HOH 168 468 207 HOH HOH A . 
# 
loop_
_software.name 
_software.classification 
_software.version 
_software.citation_id 
_software.pdbx_ordinal 
XDS    'data scaling'   .     ? 1 
XDS    'data reduction' .     ? 2 
X-PLOR 'model building' 3.851 ? 3 
X-PLOR refinement       3.851 ? 4 
X-PLOR phasing          3.851 ? 5 
# 
_cell.entry_id           1O4I 
_cell.length_a           26.300 
_cell.length_b           58.700 
_cell.length_c           63.900 
_cell.angle_alpha        90.00 
_cell.angle_beta         90.00 
_cell.angle_gamma        90.00 
_cell.Z_PDB              4 
_cell.pdbx_unique_axis   ? 
_cell.length_a_esd       ? 
_cell.length_b_esd       ? 
_cell.length_c_esd       ? 
_cell.angle_alpha_esd    ? 
_cell.angle_beta_esd     ? 
_cell.angle_gamma_esd    ? 
# 
_symmetry.entry_id                         1O4I 
_symmetry.space_group_name_H-M             'P 21 21 21' 
_symmetry.pdbx_full_space_group_name_H-M   ? 
_symmetry.cell_setting                     ? 
_symmetry.Int_Tables_number                19 
_symmetry.space_group_name_Hall            ? 
# 
_exptl.entry_id          1O4I 
_exptl.method            'X-RAY DIFFRACTION' 
_exptl.crystals_number   1 
# 
_exptl_crystal.id                    1 
_exptl_crystal.density_meas          ? 
_exptl_crystal.density_Matthews      2.2 
_exptl_crystal.density_percent_sol   41.9 
_exptl_crystal.description           ? 
_exptl_crystal.F_000                 ? 
_exptl_crystal.preparation           ? 
# 
_exptl_crystal_grow.crystal_id      1 
_exptl_crystal_grow.method          ? 
_exptl_crystal_grow.temp            ? 
_exptl_crystal_grow.temp_details    ? 
_exptl_crystal_grow.pH              5.50 
_exptl_crystal_grow.pdbx_pH_range   ? 
_exptl_crystal_grow.pdbx_details    'pH 5.50' 
# 
_diffrn.id                     1 
_diffrn.ambient_temp           100.0 
_diffrn.ambient_temp_details   ? 
_diffrn.crystal_id             1 
# 
_diffrn_detector.diffrn_id              1 
_diffrn_detector.detector               'IMAGE PLATE' 
_diffrn_detector.type                   'MAR scanner 345 mm plate' 
_diffrn_detector.pdbx_collection_date   1998-04-14 
_diffrn_detector.details                ? 
# 
_diffrn_radiation.diffrn_id                        1 
_diffrn_radiation.wavelength_id                    1 
_diffrn_radiation.pdbx_monochromatic_or_laue_m_l   M 
_diffrn_radiation.monochromator                    GRAPHITE 
_diffrn_radiation.pdbx_diffrn_protocol             'SINGLE WAVELENGTH' 
_diffrn_radiation.pdbx_scattering_type             x-ray 
# 
_diffrn_radiation_wavelength.id           1 
_diffrn_radiation_wavelength.wavelength   1.5418 
_diffrn_radiation_wavelength.wt           1.0 
# 
_diffrn_source.diffrn_id                   1 
_diffrn_source.source                      'ROTATING ANODE' 
_diffrn_source.type                        'ELLIOTT GX-21' 
_diffrn_source.pdbx_synchrotron_site       ? 
_diffrn_source.pdbx_synchrotron_beamline   ? 
_diffrn_source.pdbx_wavelength             1.5418 
_diffrn_source.pdbx_wavelength_list        ? 
# 
_reflns.entry_id                     1O4I 
_reflns.observed_criterion_sigma_I   -3.000 
_reflns.observed_criterion_sigma_F   ? 
_reflns.d_resolution_low             40.000 
_reflns.d_resolution_high            1.75 
_reflns.number_obs                   10492 
_reflns.number_all                   ? 
_reflns.percent_possible_obs         99.8 
_reflns.pdbx_Rmerge_I_obs            0.046 
_reflns.pdbx_Rsym_value              ? 
_reflns.pdbx_netI_over_sigmaI        13 
_reflns.B_iso_Wilson_estimate        ? 
_reflns.pdbx_redundancy              ? 
_reflns.pdbx_ordinal                 1 
_reflns.pdbx_diffrn_id               1 
_reflns.R_free_details               ? 
_reflns.limit_h_max                  ? 
_reflns.limit_h_min                  ? 
_reflns.limit_k_max                  ? 
_reflns.limit_k_min                  ? 
_reflns.limit_l_max                  ? 
_reflns.limit_l_min                  ? 
_reflns.observed_criterion_F_max     ? 
_reflns.observed_criterion_F_min     ? 
_reflns.pdbx_chi_squared             ? 
_reflns.pdbx_scaling_rejects         ? 
# 
_reflns_shell.d_res_high             1.75 
_reflns_shell.d_res_low              1.80 
_reflns_shell.percent_possible_all   99.6 
_reflns_shell.Rmerge_I_obs           0.166 
_reflns_shell.pdbx_Rsym_value        ? 
_reflns_shell.meanI_over_sigI_obs    5 
_reflns_shell.pdbx_redundancy        ? 
_reflns_shell.pdbx_ordinal           1 
_reflns_shell.pdbx_diffrn_id         1 
_reflns_shell.percent_possible_obs   ? 
_reflns_shell.number_unique_all      ? 
_reflns_shell.number_measured_all    ? 
_reflns_shell.number_measured_obs    ? 
_reflns_shell.number_unique_obs      ? 
_reflns_shell.pdbx_chi_squared       ? 
# 
_refine.entry_id                                 1O4I 
_refine.ls_number_reflns_obs                     10492 
_refine.ls_number_reflns_all                     ? 
_refine.pdbx_ls_sigma_I                          ? 
_refine.pdbx_ls_sigma_F                          ? 
_refine.pdbx_data_cutoff_high_absF               1000000.000 
_refine.pdbx_data_cutoff_low_absF                0.1000 
_refine.pdbx_data_cutoff_high_rms_absF           ? 
_refine.ls_d_res_low                             8.00 
_refine.ls_d_res_high                            1.75 
_refine.ls_percent_reflns_obs                    99.8 
_refine.ls_R_factor_obs                          0.207 
_refine.ls_R_factor_all                          ? 
_refine.ls_R_factor_R_work                       0.207 
_refine.ls_R_factor_R_free                       ? 
_refine.ls_R_factor_R_free_error                 ? 
_refine.ls_R_factor_R_free_error_details         ? 
_refine.ls_percent_reflns_R_free                 ? 
_refine.ls_number_reflns_R_free                  ? 
_refine.ls_number_parameters                     ? 
_refine.ls_number_restraints                     ? 
_refine.occupancy_min                            ? 
_refine.occupancy_max                            ? 
_refine.correlation_coeff_Fo_to_Fc               ? 
_refine.correlation_coeff_Fo_to_Fc_free          ? 
_refine.B_iso_mean                               18.0 
_refine.aniso_B[1][1]                            ? 
_refine.aniso_B[2][2]                            ? 
_refine.aniso_B[3][3]                            ? 
_refine.aniso_B[1][2]                            ? 
_refine.aniso_B[1][3]                            ? 
_refine.aniso_B[2][3]                            ? 
_refine.solvent_model_details                    ? 
_refine.solvent_model_param_ksol                 ? 
_refine.solvent_model_param_bsol                 ? 
_refine.pdbx_solvent_vdw_probe_radii             ? 
_refine.pdbx_solvent_ion_probe_radii             ? 
_refine.pdbx_solvent_shrinkage_radii             ? 
_refine.pdbx_ls_cross_valid_method               ? 
_refine.details                                  ? 
_refine.pdbx_starting_model                      1SHD 
_refine.pdbx_method_to_determine_struct          MR 
_refine.pdbx_isotropic_thermal_model             ? 
_refine.pdbx_stereochemistry_target_values       ? 
_refine.pdbx_stereochem_target_val_spec_case     ? 
_refine.pdbx_R_Free_selection_details            ? 
_refine.pdbx_overall_ESU_R                       ? 
_refine.pdbx_overall_ESU_R_Free                  ? 
_refine.overall_SU_ML                            ? 
_refine.overall_SU_B                             ? 
_refine.pdbx_refine_id                           'X-RAY DIFFRACTION' 
_refine.pdbx_diffrn_id                           1 
_refine.ls_redundancy_reflns_obs                 ? 
_refine.pdbx_overall_phase_error                 ? 
_refine.B_iso_min                                ? 
_refine.B_iso_max                                ? 
_refine.overall_SU_R_Cruickshank_DPI             ? 
_refine.overall_SU_R_free                        ? 
_refine.ls_wR_factor_R_free                      ? 
_refine.ls_wR_factor_R_work                      ? 
_refine.overall_FOM_free_R_set                   ? 
_refine.overall_FOM_work_R_set                   ? 
_refine.pdbx_TLS_residual_ADP_flag               ? 
_refine.pdbx_overall_SU_R_free_Cruickshank_DPI   ? 
_refine.pdbx_overall_SU_R_Blow_DPI               ? 
_refine.pdbx_overall_SU_R_free_Blow_DPI          ? 
# 
_refine_hist.pdbx_refine_id                   'X-RAY DIFFRACTION' 
_refine_hist.cycle_id                         LAST 
_refine_hist.pdbx_number_atoms_protein        855 
_refine_hist.pdbx_number_atoms_nucleic_acid   0 
_refine_hist.pdbx_number_atoms_ligand         20 
_refine_hist.number_atoms_solvent             168 
_refine_hist.number_atoms_total               1043 
_refine_hist.d_res_high                       1.75 
_refine_hist.d_res_low                        8.00 
# 
loop_
_refine_ls_restr.type 
_refine_ls_restr.dev_ideal 
_refine_ls_restr.dev_ideal_target 
_refine_ls_restr.weight 
_refine_ls_restr.number 
_refine_ls_restr.pdbx_refine_id 
_refine_ls_restr.pdbx_restraint_function 
x_bond_d                0.009 ? ? ? 'X-RAY DIFFRACTION' ? 
x_bond_d_na             ?     ? ? ? 'X-RAY DIFFRACTION' ? 
x_bond_d_prot           ?     ? ? ? 'X-RAY DIFFRACTION' ? 
x_angle_d               ?     ? ? ? 'X-RAY DIFFRACTION' ? 
x_angle_d_na            ?     ? ? ? 'X-RAY DIFFRACTION' ? 
x_angle_d_prot          ?     ? ? ? 'X-RAY DIFFRACTION' ? 
x_angle_deg             1.3   ? ? ? 'X-RAY DIFFRACTION' ? 
x_angle_deg_na          ?     ? ? ? 'X-RAY DIFFRACTION' ? 
x_angle_deg_prot        ?     ? ? ? 'X-RAY DIFFRACTION' ? 
x_dihedral_angle_d      ?     ? ? ? 'X-RAY DIFFRACTION' ? 
x_dihedral_angle_d_na   ?     ? ? ? 'X-RAY DIFFRACTION' ? 
x_dihedral_angle_d_prot ?     ? ? ? 'X-RAY DIFFRACTION' ? 
x_improper_angle_d      ?     ? ? ? 'X-RAY DIFFRACTION' ? 
x_improper_angle_d_na   ?     ? ? ? 'X-RAY DIFFRACTION' ? 
x_improper_angle_d_prot ?     ? ? ? 'X-RAY DIFFRACTION' ? 
x_mcbond_it             ?     ? ? ? 'X-RAY DIFFRACTION' ? 
x_mcangle_it            ?     ? ? ? 'X-RAY DIFFRACTION' ? 
x_scbond_it             ?     ? ? ? 'X-RAY DIFFRACTION' ? 
x_scangle_it            ?     ? ? ? 'X-RAY DIFFRACTION' ? 
# 
_struct.entry_id                  1O4I 
_struct.title                     'CRYSTAL STRUCTURE OF SH2 IN COMPLEX WITH PAS219.' 
_struct.pdbx_model_details        ? 
_struct.pdbx_CASP_flag            ? 
_struct.pdbx_model_type_details   ? 
# 
_struct_keywords.entry_id        1O4I 
_struct_keywords.pdbx_keywords   'SIGNALING PROTEIN' 
_struct_keywords.text            'SH2 DOMAIN FRAGMENT APPROACH, SIGNALING PROTEIN' 
# 
loop_
_struct_asym.id 
_struct_asym.pdbx_blank_PDB_chainid_flag 
_struct_asym.pdbx_modified 
_struct_asym.entity_id 
_struct_asym.details 
A N N 1 ? 
B N N 2 ? 
C N N 3 ? 
# 
_struct_ref.id                         1 
_struct_ref.db_name                    UNP 
_struct_ref.db_code                    SRC_HUMAN 
_struct_ref.pdbx_db_accession          P12931 
_struct_ref.entity_id                  1 
_struct_ref.pdbx_seq_one_letter_code   
;SIQAEEWYFGKITRRESERLLLNAENPRGTFLVRESETTKGAYCLSVSDFDNAKGLNVKHYKIRKLDSGGFYITSRTQFN
SLQQLVAYYSKHADGLCHRLTTVCPTSK
;
_struct_ref.pdbx_align_begin           144 
_struct_ref.pdbx_db_isoform            ? 
# 
_struct_ref_seq.align_id                      1 
_struct_ref_seq.ref_id                        1 
_struct_ref_seq.pdbx_PDB_id_code              1O4I 
_struct_ref_seq.pdbx_strand_id                A 
_struct_ref_seq.seq_align_beg                 1 
_struct_ref_seq.pdbx_seq_align_beg_ins_code   ? 
_struct_ref_seq.seq_align_end                 108 
_struct_ref_seq.pdbx_seq_align_end_ins_code   ? 
_struct_ref_seq.pdbx_db_accession             P12931 
_struct_ref_seq.db_align_beg                  144 
_struct_ref_seq.pdbx_db_align_beg_ins_code    ? 
_struct_ref_seq.db_align_end                  251 
_struct_ref_seq.pdbx_db_align_end_ins_code    ? 
_struct_ref_seq.pdbx_auth_seq_align_beg       1 
_struct_ref_seq.pdbx_auth_seq_align_end       108 
# 
_pdbx_struct_assembly.id                   1 
_pdbx_struct_assembly.details              author_defined_assembly 
_pdbx_struct_assembly.method_details       ? 
_pdbx_struct_assembly.oligomeric_details   monomeric 
_pdbx_struct_assembly.oligomeric_count     1 
# 
_pdbx_struct_assembly_gen.assembly_id       1 
_pdbx_struct_assembly_gen.oper_expression   1 
_pdbx_struct_assembly_gen.asym_id_list      A,B,C 
# 
_pdbx_struct_oper_list.id                   1 
_pdbx_struct_oper_list.type                 'identity operation' 
_pdbx_struct_oper_list.name                 1_555 
_pdbx_struct_oper_list.symmetry_operation   x,y,z 
_pdbx_struct_oper_list.matrix[1][1]         1.0000000000 
_pdbx_struct_oper_list.matrix[1][2]         0.0000000000 
_pdbx_struct_oper_list.matrix[1][3]         0.0000000000 
_pdbx_struct_oper_list.vector[1]            0.0000000000 
_pdbx_struct_oper_list.matrix[2][1]         0.0000000000 
_pdbx_struct_oper_list.matrix[2][2]         1.0000000000 
_pdbx_struct_oper_list.matrix[2][3]         0.0000000000 
_pdbx_struct_oper_list.vector[2]            0.0000000000 
_pdbx_struct_oper_list.matrix[3][1]         0.0000000000 
_pdbx_struct_oper_list.matrix[3][2]         0.0000000000 
_pdbx_struct_oper_list.matrix[3][3]         1.0000000000 
_pdbx_struct_oper_list.vector[3]            0.0000000000 
# 
_struct_biol.id        1 
_struct_biol.details   ? 
# 
loop_
_struct_conf.conf_type_id 
_struct_conf.id 
_struct_conf.pdbx_PDB_helix_id 
_struct_conf.beg_label_comp_id 
_struct_conf.beg_label_asym_id 
_struct_conf.beg_label_seq_id 
_struct_conf.pdbx_beg_PDB_ins_code 
_struct_conf.end_label_comp_id 
_struct_conf.end_label_asym_id 
_struct_conf.end_label_seq_id 
_struct_conf.pdbx_end_PDB_ins_code 
_struct_conf.beg_auth_comp_id 
_struct_conf.beg_auth_asym_id 
_struct_conf.beg_auth_seq_id 
_struct_conf.end_auth_comp_id 
_struct_conf.end_auth_asym_id 
_struct_conf.end_auth_seq_id 
_struct_conf.pdbx_PDB_helix_class 
_struct_conf.details 
_struct_conf.pdbx_PDB_helix_length 
HELX_P HELX_P1 1 THR A 13 ? LEU A 22 ? THR A 13 LEU A 22 1 ? 10 
HELX_P HELX_P2 2 SER A 81 ? SER A 90 ? SER A 81 SER A 90 1 ? 10 
# 
_struct_conf_type.id          HELX_P 
_struct_conf_type.criteria    ? 
_struct_conf_type.reference   ? 
# 
_struct_conn.id                            covale1 
_struct_conn.conn_type_id                  covale 
_struct_conn.pdbx_leaving_atom_flag        none 
_struct_conn.pdbx_PDB_id                   ? 
_struct_conn.ptnr1_label_asym_id           A 
_struct_conn.ptnr1_label_comp_id           CYS 
_struct_conn.ptnr1_label_seq_id            44 
_struct_conn.ptnr1_label_atom_id           SG 
_struct_conn.pdbx_ptnr1_label_alt_id       ? 
_struct_conn.pdbx_ptnr1_PDB_ins_code       ? 
_struct_conn.pdbx_ptnr1_standard_comp_id   ? 
_struct_conn.ptnr1_symmetry                1_555 
_struct_conn.ptnr2_label_asym_id           B 
_struct_conn.ptnr2_label_comp_id           219 
_struct_conn.ptnr2_label_seq_id            . 
_struct_conn.ptnr2_label_atom_id           C7 
_struct_conn.pdbx_ptnr2_label_alt_id       ? 
_struct_conn.pdbx_ptnr2_PDB_ins_code       ? 
_struct_conn.ptnr1_auth_asym_id            A 
_struct_conn.ptnr1_auth_comp_id            CYS 
_struct_conn.ptnr1_auth_seq_id             44 
_struct_conn.ptnr2_auth_asym_id            A 
_struct_conn.ptnr2_auth_comp_id            219 
_struct_conn.ptnr2_auth_seq_id             300 
_struct_conn.ptnr2_symmetry                1_555 
_struct_conn.pdbx_ptnr3_label_atom_id      ? 
_struct_conn.pdbx_ptnr3_label_seq_id       ? 
_struct_conn.pdbx_ptnr3_label_comp_id      ? 
_struct_conn.pdbx_ptnr3_label_asym_id      ? 
_struct_conn.pdbx_ptnr3_label_alt_id       ? 
_struct_conn.pdbx_ptnr3_PDB_ins_code       ? 
_struct_conn.details                       ? 
_struct_conn.pdbx_dist_value               1.759 
_struct_conn.pdbx_value_order              ? 
_struct_conn.pdbx_role                     ? 
# 
_struct_conn_type.id          covale 
_struct_conn_type.criteria    ? 
_struct_conn_type.reference   ? 
# 
_pdbx_modification_feature.ordinal                            1 
_pdbx_modification_feature.label_comp_id                      219 
_pdbx_modification_feature.label_asym_id                      B 
_pdbx_modification_feature.label_seq_id                       . 
_pdbx_modification_feature.label_alt_id                       ? 
_pdbx_modification_feature.modified_residue_label_comp_id     CYS 
_pdbx_modification_feature.modified_residue_label_asym_id     A 
_pdbx_modification_feature.modified_residue_label_seq_id      44 
_pdbx_modification_feature.modified_residue_label_alt_id      ? 
_pdbx_modification_feature.auth_comp_id                       219 
_pdbx_modification_feature.auth_asym_id                       A 
_pdbx_modification_feature.auth_seq_id                        300 
_pdbx_modification_feature.PDB_ins_code                       ? 
_pdbx_modification_feature.symmetry                           1_555 
_pdbx_modification_feature.modified_residue_auth_comp_id      CYS 
_pdbx_modification_feature.modified_residue_auth_asym_id      A 
_pdbx_modification_feature.modified_residue_auth_seq_id       44 
_pdbx_modification_feature.modified_residue_PDB_ins_code      ? 
_pdbx_modification_feature.modified_residue_symmetry          1_555 
_pdbx_modification_feature.comp_id_linking_atom               C7 
_pdbx_modification_feature.modified_residue_id_linking_atom   SG 
_pdbx_modification_feature.modified_residue_id                CYS 
_pdbx_modification_feature.ref_pcm_id                         1 
_pdbx_modification_feature.ref_comp_id                        219 
_pdbx_modification_feature.type                               None 
_pdbx_modification_feature.category                           'Covalent chemical modification' 
# 
_struct_sheet.id               A 
_struct_sheet.type             ? 
_struct_sheet.number_strands   6 
_struct_sheet.details          ? 
# 
loop_
_struct_sheet_order.sheet_id 
_struct_sheet_order.range_id_1 
_struct_sheet_order.range_id_2 
_struct_sheet_order.offset 
_struct_sheet_order.sense 
A 1 2 ? parallel      
A 2 3 ? anti-parallel 
A 3 4 ? anti-parallel 
A 4 5 ? anti-parallel 
A 5 6 ? anti-parallel 
# 
loop_
_struct_sheet_range.sheet_id 
_struct_sheet_range.id 
_struct_sheet_range.beg_label_comp_id 
_struct_sheet_range.beg_label_asym_id 
_struct_sheet_range.beg_label_seq_id 
_struct_sheet_range.pdbx_beg_PDB_ins_code 
_struct_sheet_range.end_label_comp_id 
_struct_sheet_range.end_label_asym_id 
_struct_sheet_range.end_label_seq_id 
_struct_sheet_range.pdbx_end_PDB_ins_code 
_struct_sheet_range.beg_auth_comp_id 
_struct_sheet_range.beg_auth_asym_id 
_struct_sheet_range.beg_auth_seq_id 
_struct_sheet_range.end_auth_comp_id 
_struct_sheet_range.end_auth_asym_id 
_struct_sheet_range.end_auth_seq_id 
A 1 TYR A 8  ? GLY A 10 ? TYR A 8  GLY A 10 
A 2 PHE A 31 ? GLU A 35 ? PHE A 31 GLU A 35 
A 3 TYR A 43 ? ASP A 51 ? TYR A 43 ASP A 51 
A 4 GLY A 55 ? LYS A 65 ? GLY A 55 LYS A 65 
A 5 PHE A 71 ? TYR A 72 ? PHE A 71 TYR A 72 
A 6 GLN A 78 ? PHE A 79 ? GLN A 78 PHE A 79 
# 
loop_
_pdbx_struct_sheet_hbond.sheet_id 
_pdbx_struct_sheet_hbond.range_id_1 
_pdbx_struct_sheet_hbond.range_id_2 
_pdbx_struct_sheet_hbond.range_1_label_atom_id 
_pdbx_struct_sheet_hbond.range_1_label_comp_id 
_pdbx_struct_sheet_hbond.range_1_label_asym_id 
_pdbx_struct_sheet_hbond.range_1_label_seq_id 
_pdbx_struct_sheet_hbond.range_1_PDB_ins_code 
_pdbx_struct_sheet_hbond.range_1_auth_atom_id 
_pdbx_struct_sheet_hbond.range_1_auth_comp_id 
_pdbx_struct_sheet_hbond.range_1_auth_asym_id 
_pdbx_struct_sheet_hbond.range_1_auth_seq_id 
_pdbx_struct_sheet_hbond.range_2_label_atom_id 
_pdbx_struct_sheet_hbond.range_2_label_comp_id 
_pdbx_struct_sheet_hbond.range_2_label_asym_id 
_pdbx_struct_sheet_hbond.range_2_label_seq_id 
_pdbx_struct_sheet_hbond.range_2_PDB_ins_code 
_pdbx_struct_sheet_hbond.range_2_auth_atom_id 
_pdbx_struct_sheet_hbond.range_2_auth_comp_id 
_pdbx_struct_sheet_hbond.range_2_auth_asym_id 
_pdbx_struct_sheet_hbond.range_2_auth_seq_id 
A 1 2 N GLY A 10 ? N GLY A 10 O GLU A 35 ? O GLU A 35 
A 2 3 N ARG A 34 ? N ARG A 34 O CYS A 44 ? O CYS A 44 
A 3 4 N LEU A 45 ? N LEU A 45 O TYR A 61 ? O TYR A 61 
A 4 5 N ARG A 64 ? N ARG A 64 O TYR A 72 ? O TYR A 72 
A 5 6 N PHE A 71 ? N PHE A 71 O PHE A 79 ? O PHE A 79 
# 
_struct_site.id                   AC1 
_struct_site.pdbx_evidence_code   Software 
_struct_site.pdbx_auth_asym_id    A 
_struct_site.pdbx_auth_comp_id    219 
_struct_site.pdbx_auth_seq_id     300 
_struct_site.pdbx_auth_ins_code   ? 
_struct_site.pdbx_num_residues    12 
_struct_site.details              'BINDING SITE FOR RESIDUE 219 A 300' 
# 
loop_
_struct_site_gen.id 
_struct_site_gen.site_id 
_struct_site_gen.pdbx_num_res 
_struct_site_gen.label_comp_id 
_struct_site_gen.label_asym_id 
_struct_site_gen.label_seq_id 
_struct_site_gen.pdbx_auth_ins_code 
_struct_site_gen.auth_comp_id 
_struct_site_gen.auth_asym_id 
_struct_site_gen.auth_seq_id 
_struct_site_gen.label_atom_id 
_struct_site_gen.label_alt_id 
_struct_site_gen.symmetry 
_struct_site_gen.details 
1  AC1 12 ARG A 14  ? ARG A 14  . ? 1_555 ? 
2  AC1 12 ARG A 34  ? ARG A 34  . ? 1_555 ? 
3  AC1 12 SER A 36  ? SER A 36  . ? 1_555 ? 
4  AC1 12 GLU A 37  ? GLU A 37  . ? 1_555 ? 
5  AC1 12 THR A 38  ? THR A 38  . ? 1_555 ? 
6  AC1 12 THR A 39  ? THR A 39  . ? 1_555 ? 
7  AC1 12 TYR A 43  ? TYR A 43  . ? 1_555 ? 
8  AC1 12 CYS A 44  ? CYS A 44  . ? 1_555 ? 
9  AC1 12 HIS A 60  ? HIS A 60  . ? 1_555 ? 
10 AC1 12 TYR A 61  ? TYR A 61  . ? 1_555 ? 
11 AC1 12 LYS A 62  ? LYS A 62  . ? 1_555 ? 
12 AC1 12 THR A 106 ? THR A 106 . ? 1_655 ? 
# 
_pdbx_entry_details.entry_id                   1O4I 
_pdbx_entry_details.compound_details           ? 
_pdbx_entry_details.source_details             ? 
_pdbx_entry_details.nonpolymer_details         ? 
_pdbx_entry_details.sequence_details           ? 
_pdbx_entry_details.has_ligand_of_interest     ? 
_pdbx_entry_details.has_protein_modification   Y 
# 
_pdbx_validate_rmsd_bond.id                        1 
_pdbx_validate_rmsd_bond.PDB_model_num             1 
_pdbx_validate_rmsd_bond.auth_atom_id_1            CA 
_pdbx_validate_rmsd_bond.auth_asym_id_1            A 
_pdbx_validate_rmsd_bond.auth_comp_id_1            CYS 
_pdbx_validate_rmsd_bond.auth_seq_id_1             44 
_pdbx_validate_rmsd_bond.PDB_ins_code_1            ? 
_pdbx_validate_rmsd_bond.label_alt_id_1            ? 
_pdbx_validate_rmsd_bond.auth_atom_id_2            CB 
_pdbx_validate_rmsd_bond.auth_asym_id_2            A 
_pdbx_validate_rmsd_bond.auth_comp_id_2            CYS 
_pdbx_validate_rmsd_bond.auth_seq_id_2             44 
_pdbx_validate_rmsd_bond.PDB_ins_code_2            ? 
_pdbx_validate_rmsd_bond.label_alt_id_2            ? 
_pdbx_validate_rmsd_bond.bond_value                1.429 
_pdbx_validate_rmsd_bond.bond_target_value         1.526 
_pdbx_validate_rmsd_bond.bond_deviation            -0.097 
_pdbx_validate_rmsd_bond.bond_standard_deviation   0.013 
_pdbx_validate_rmsd_bond.linker_flag               N 
# 
_pdbx_validate_rmsd_angle.id                         1 
_pdbx_validate_rmsd_angle.PDB_model_num              1 
_pdbx_validate_rmsd_angle.auth_atom_id_1             CA 
_pdbx_validate_rmsd_angle.auth_asym_id_1             A 
_pdbx_validate_rmsd_angle.auth_comp_id_1             GLN 
_pdbx_validate_rmsd_angle.auth_seq_id_1              3 
_pdbx_validate_rmsd_angle.PDB_ins_code_1             ? 
_pdbx_validate_rmsd_angle.label_alt_id_1             ? 
_pdbx_validate_rmsd_angle.auth_atom_id_2             CB 
_pdbx_validate_rmsd_angle.auth_asym_id_2             A 
_pdbx_validate_rmsd_angle.auth_comp_id_2             GLN 
_pdbx_validate_rmsd_angle.auth_seq_id_2              3 
_pdbx_validate_rmsd_angle.PDB_ins_code_2             ? 
_pdbx_validate_rmsd_angle.label_alt_id_2             ? 
_pdbx_validate_rmsd_angle.auth_atom_id_3             CG 
_pdbx_validate_rmsd_angle.auth_asym_id_3             A 
_pdbx_validate_rmsd_angle.auth_comp_id_3             GLN 
_pdbx_validate_rmsd_angle.auth_seq_id_3              3 
_pdbx_validate_rmsd_angle.PDB_ins_code_3             ? 
_pdbx_validate_rmsd_angle.label_alt_id_3             ? 
_pdbx_validate_rmsd_angle.angle_value                126.94 
_pdbx_validate_rmsd_angle.angle_target_value         113.40 
_pdbx_validate_rmsd_angle.angle_deviation            13.54 
_pdbx_validate_rmsd_angle.angle_standard_deviation   2.20 
_pdbx_validate_rmsd_angle.linker_flag                N 
# 
loop_
_pdbx_validate_torsion.id 
_pdbx_validate_torsion.PDB_model_num 
_pdbx_validate_torsion.auth_comp_id 
_pdbx_validate_torsion.auth_asym_id 
_pdbx_validate_torsion.auth_seq_id 
_pdbx_validate_torsion.PDB_ins_code 
_pdbx_validate_torsion.label_alt_id 
_pdbx_validate_torsion.phi 
_pdbx_validate_torsion.psi 
1 1 ASP A 94  ? ? 50.76   -121.45 
2 1 THR A 101 ? ? -114.75 -70.38  
# 
loop_
_pdbx_unobs_or_zero_occ_residues.id 
_pdbx_unobs_or_zero_occ_residues.PDB_model_num 
_pdbx_unobs_or_zero_occ_residues.polymer_flag 
_pdbx_unobs_or_zero_occ_residues.occupancy_flag 
_pdbx_unobs_or_zero_occ_residues.auth_asym_id 
_pdbx_unobs_or_zero_occ_residues.auth_comp_id 
_pdbx_unobs_or_zero_occ_residues.auth_seq_id 
_pdbx_unobs_or_zero_occ_residues.PDB_ins_code 
_pdbx_unobs_or_zero_occ_residues.label_asym_id 
_pdbx_unobs_or_zero_occ_residues.label_comp_id 
_pdbx_unobs_or_zero_occ_residues.label_seq_id 
1 1 Y 1 A SER 107 ? A SER 107 
2 1 Y 1 A LYS 108 ? A LYS 108 
# 
loop_
_chem_comp_atom.comp_id 
_chem_comp_atom.atom_id 
_chem_comp_atom.type_symbol 
_chem_comp_atom.pdbx_aromatic_flag 
_chem_comp_atom.pdbx_stereo_config 
_chem_comp_atom.pdbx_ordinal 
219 C1   C Y N 1   
219 C2   C Y N 2   
219 C3   C Y N 3   
219 C4   C Y N 4   
219 C5   C Y N 5   
219 C6   C Y N 6   
219 C7   C N N 7   
219 O8   O N N 8   
219 P9   P N N 9   
219 O10  O N N 10  
219 O11  O N N 11  
219 C12  C N N 12  
219 O17  O N N 13  
219 O19  O N N 14  
219 C21  C N N 15  
219 C24  C N N 16  
219 C25  C N N 17  
219 C26  C N N 18  
219 C27  C N N 19  
219 C28  C N N 20  
219 H1   H N N 21  
219 H2   H N N 22  
219 H3   H N N 23  
219 H6   H N N 24  
219 H7   H N N 25  
219 HO11 H N N 26  
219 H12  H N N 27  
219 H12A H N N 28  
219 H21  H N N 29  
219 H24  H N N 30  
219 H24A H N N 31  
219 H25  H N N 32  
219 H25A H N N 33  
219 H26  H N N 34  
219 H26A H N N 35  
219 H27  H N N 36  
219 H27A H N N 37  
219 H28  H N N 38  
219 H28A H N N 39  
ALA N    N N N 40  
ALA CA   C N S 41  
ALA C    C N N 42  
ALA O    O N N 43  
ALA CB   C N N 44  
ALA OXT  O N N 45  
ALA H    H N N 46  
ALA H2   H N N 47  
ALA HA   H N N 48  
ALA HB1  H N N 49  
ALA HB2  H N N 50  
ALA HB3  H N N 51  
ALA HXT  H N N 52  
ARG N    N N N 53  
ARG CA   C N S 54  
ARG C    C N N 55  
ARG O    O N N 56  
ARG CB   C N N 57  
ARG CG   C N N 58  
ARG CD   C N N 59  
ARG NE   N N N 60  
ARG CZ   C N N 61  
ARG NH1  N N N 62  
ARG NH2  N N N 63  
ARG OXT  O N N 64  
ARG H    H N N 65  
ARG H2   H N N 66  
ARG HA   H N N 67  
ARG HB2  H N N 68  
ARG HB3  H N N 69  
ARG HG2  H N N 70  
ARG HG3  H N N 71  
ARG HD2  H N N 72  
ARG HD3  H N N 73  
ARG HE   H N N 74  
ARG HH11 H N N 75  
ARG HH12 H N N 76  
ARG HH21 H N N 77  
ARG HH22 H N N 78  
ARG HXT  H N N 79  
ASN N    N N N 80  
ASN CA   C N S 81  
ASN C    C N N 82  
ASN O    O N N 83  
ASN CB   C N N 84  
ASN CG   C N N 85  
ASN OD1  O N N 86  
ASN ND2  N N N 87  
ASN OXT  O N N 88  
ASN H    H N N 89  
ASN H2   H N N 90  
ASN HA   H N N 91  
ASN HB2  H N N 92  
ASN HB3  H N N 93  
ASN HD21 H N N 94  
ASN HD22 H N N 95  
ASN HXT  H N N 96  
ASP N    N N N 97  
ASP CA   C N S 98  
ASP C    C N N 99  
ASP O    O N N 100 
ASP CB   C N N 101 
ASP CG   C N N 102 
ASP OD1  O N N 103 
ASP OD2  O N N 104 
ASP OXT  O N N 105 
ASP H    H N N 106 
ASP H2   H N N 107 
ASP HA   H N N 108 
ASP HB2  H N N 109 
ASP HB3  H N N 110 
ASP HD2  H N N 111 
ASP HXT  H N N 112 
CYS N    N N N 113 
CYS CA   C N R 114 
CYS C    C N N 115 
CYS O    O N N 116 
CYS CB   C N N 117 
CYS SG   S N N 118 
CYS OXT  O N N 119 
CYS H    H N N 120 
CYS H2   H N N 121 
CYS HA   H N N 122 
CYS HB2  H N N 123 
CYS HB3  H N N 124 
CYS HG   H N N 125 
CYS HXT  H N N 126 
GLN N    N N N 127 
GLN CA   C N S 128 
GLN C    C N N 129 
GLN O    O N N 130 
GLN CB   C N N 131 
GLN CG   C N N 132 
GLN CD   C N N 133 
GLN OE1  O N N 134 
GLN NE2  N N N 135 
GLN OXT  O N N 136 
GLN H    H N N 137 
GLN H2   H N N 138 
GLN HA   H N N 139 
GLN HB2  H N N 140 
GLN HB3  H N N 141 
GLN HG2  H N N 142 
GLN HG3  H N N 143 
GLN HE21 H N N 144 
GLN HE22 H N N 145 
GLN HXT  H N N 146 
GLU N    N N N 147 
GLU CA   C N S 148 
GLU C    C N N 149 
GLU O    O N N 150 
GLU CB   C N N 151 
GLU CG   C N N 152 
GLU CD   C N N 153 
GLU OE1  O N N 154 
GLU OE2  O N N 155 
GLU OXT  O N N 156 
GLU H    H N N 157 
GLU H2   H N N 158 
GLU HA   H N N 159 
GLU HB2  H N N 160 
GLU HB3  H N N 161 
GLU HG2  H N N 162 
GLU HG3  H N N 163 
GLU HE2  H N N 164 
GLU HXT  H N N 165 
GLY N    N N N 166 
GLY CA   C N N 167 
GLY C    C N N 168 
GLY O    O N N 169 
GLY OXT  O N N 170 
GLY H    H N N 171 
GLY H2   H N N 172 
GLY HA2  H N N 173 
GLY HA3  H N N 174 
GLY HXT  H N N 175 
HIS N    N N N 176 
HIS CA   C N S 177 
HIS C    C N N 178 
HIS O    O N N 179 
HIS CB   C N N 180 
HIS CG   C Y N 181 
HIS ND1  N Y N 182 
HIS CD2  C Y N 183 
HIS CE1  C Y N 184 
HIS NE2  N Y N 185 
HIS OXT  O N N 186 
HIS H    H N N 187 
HIS H2   H N N 188 
HIS HA   H N N 189 
HIS HB2  H N N 190 
HIS HB3  H N N 191 
HIS HD1  H N N 192 
HIS HD2  H N N 193 
HIS HE1  H N N 194 
HIS HE2  H N N 195 
HIS HXT  H N N 196 
HOH O    O N N 197 
HOH H1   H N N 198 
HOH H2   H N N 199 
ILE N    N N N 200 
ILE CA   C N S 201 
ILE C    C N N 202 
ILE O    O N N 203 
ILE CB   C N S 204 
ILE CG1  C N N 205 
ILE CG2  C N N 206 
ILE CD1  C N N 207 
ILE OXT  O N N 208 
ILE H    H N N 209 
ILE H2   H N N 210 
ILE HA   H N N 211 
ILE HB   H N N 212 
ILE HG12 H N N 213 
ILE HG13 H N N 214 
ILE HG21 H N N 215 
ILE HG22 H N N 216 
ILE HG23 H N N 217 
ILE HD11 H N N 218 
ILE HD12 H N N 219 
ILE HD13 H N N 220 
ILE HXT  H N N 221 
LEU N    N N N 222 
LEU CA   C N S 223 
LEU C    C N N 224 
LEU O    O N N 225 
LEU CB   C N N 226 
LEU CG   C N N 227 
LEU CD1  C N N 228 
LEU CD2  C N N 229 
LEU OXT  O N N 230 
LEU H    H N N 231 
LEU H2   H N N 232 
LEU HA   H N N 233 
LEU HB2  H N N 234 
LEU HB3  H N N 235 
LEU HG   H N N 236 
LEU HD11 H N N 237 
LEU HD12 H N N 238 
LEU HD13 H N N 239 
LEU HD21 H N N 240 
LEU HD22 H N N 241 
LEU HD23 H N N 242 
LEU HXT  H N N 243 
LYS N    N N N 244 
LYS CA   C N S 245 
LYS C    C N N 246 
LYS O    O N N 247 
LYS CB   C N N 248 
LYS CG   C N N 249 
LYS CD   C N N 250 
LYS CE   C N N 251 
LYS NZ   N N N 252 
LYS OXT  O N N 253 
LYS H    H N N 254 
LYS H2   H N N 255 
LYS HA   H N N 256 
LYS HB2  H N N 257 
LYS HB3  H N N 258 
LYS HG2  H N N 259 
LYS HG3  H N N 260 
LYS HD2  H N N 261 
LYS HD3  H N N 262 
LYS HE2  H N N 263 
LYS HE3  H N N 264 
LYS HZ1  H N N 265 
LYS HZ2  H N N 266 
LYS HZ3  H N N 267 
LYS HXT  H N N 268 
PHE N    N N N 269 
PHE CA   C N S 270 
PHE C    C N N 271 
PHE O    O N N 272 
PHE CB   C N N 273 
PHE CG   C Y N 274 
PHE CD1  C Y N 275 
PHE CD2  C Y N 276 
PHE CE1  C Y N 277 
PHE CE2  C Y N 278 
PHE CZ   C Y N 279 
PHE OXT  O N N 280 
PHE H    H N N 281 
PHE H2   H N N 282 
PHE HA   H N N 283 
PHE HB2  H N N 284 
PHE HB3  H N N 285 
PHE HD1  H N N 286 
PHE HD2  H N N 287 
PHE HE1  H N N 288 
PHE HE2  H N N 289 
PHE HZ   H N N 290 
PHE HXT  H N N 291 
PRO N    N N N 292 
PRO CA   C N S 293 
PRO C    C N N 294 
PRO O    O N N 295 
PRO CB   C N N 296 
PRO CG   C N N 297 
PRO CD   C N N 298 
PRO OXT  O N N 299 
PRO H    H N N 300 
PRO HA   H N N 301 
PRO HB2  H N N 302 
PRO HB3  H N N 303 
PRO HG2  H N N 304 
PRO HG3  H N N 305 
PRO HD2  H N N 306 
PRO HD3  H N N 307 
PRO HXT  H N N 308 
SER N    N N N 309 
SER CA   C N S 310 
SER C    C N N 311 
SER O    O N N 312 
SER CB   C N N 313 
SER OG   O N N 314 
SER OXT  O N N 315 
SER H    H N N 316 
SER H2   H N N 317 
SER HA   H N N 318 
SER HB2  H N N 319 
SER HB3  H N N 320 
SER HG   H N N 321 
SER HXT  H N N 322 
THR N    N N N 323 
THR CA   C N S 324 
THR C    C N N 325 
THR O    O N N 326 
THR CB   C N R 327 
THR OG1  O N N 328 
THR CG2  C N N 329 
THR OXT  O N N 330 
THR H    H N N 331 
THR H2   H N N 332 
THR HA   H N N 333 
THR HB   H N N 334 
THR HG1  H N N 335 
THR HG21 H N N 336 
THR HG22 H N N 337 
THR HG23 H N N 338 
THR HXT  H N N 339 
TRP N    N N N 340 
TRP CA   C N S 341 
TRP C    C N N 342 
TRP O    O N N 343 
TRP CB   C N N 344 
TRP CG   C Y N 345 
TRP CD1  C Y N 346 
TRP CD2  C Y N 347 
TRP NE1  N Y N 348 
TRP CE2  C Y N 349 
TRP CE3  C Y N 350 
TRP CZ2  C Y N 351 
TRP CZ3  C Y N 352 
TRP CH2  C Y N 353 
TRP OXT  O N N 354 
TRP H    H N N 355 
TRP H2   H N N 356 
TRP HA   H N N 357 
TRP HB2  H N N 358 
TRP HB3  H N N 359 
TRP HD1  H N N 360 
TRP HE1  H N N 361 
TRP HE3  H N N 362 
TRP HZ2  H N N 363 
TRP HZ3  H N N 364 
TRP HH2  H N N 365 
TRP HXT  H N N 366 
TYR N    N N N 367 
TYR CA   C N S 368 
TYR C    C N N 369 
TYR O    O N N 370 
TYR CB   C N N 371 
TYR CG   C Y N 372 
TYR CD1  C Y N 373 
TYR CD2  C Y N 374 
TYR CE1  C Y N 375 
TYR CE2  C Y N 376 
TYR CZ   C Y N 377 
TYR OH   O N N 378 
TYR OXT  O N N 379 
TYR H    H N N 380 
TYR H2   H N N 381 
TYR HA   H N N 382 
TYR HB2  H N N 383 
TYR HB3  H N N 384 
TYR HD1  H N N 385 
TYR HD2  H N N 386 
TYR HE1  H N N 387 
TYR HE2  H N N 388 
TYR HH   H N N 389 
TYR HXT  H N N 390 
VAL N    N N N 391 
VAL CA   C N S 392 
VAL C    C N N 393 
VAL O    O N N 394 
VAL CB   C N N 395 
VAL CG1  C N N 396 
VAL CG2  C N N 397 
VAL OXT  O N N 398 
VAL H    H N N 399 
VAL H2   H N N 400 
VAL HA   H N N 401 
VAL HB   H N N 402 
VAL HG11 H N N 403 
VAL HG12 H N N 404 
VAL HG13 H N N 405 
VAL HG21 H N N 406 
VAL HG22 H N N 407 
VAL HG23 H N N 408 
VAL HXT  H N N 409 
# 
loop_
_chem_comp_bond.comp_id 
_chem_comp_bond.atom_id_1 
_chem_comp_bond.atom_id_2 
_chem_comp_bond.value_order 
_chem_comp_bond.pdbx_aromatic_flag 
_chem_comp_bond.pdbx_stereo_config 
_chem_comp_bond.pdbx_ordinal 
219 C2  C1   doub Y N 1   
219 C6  C1   sing Y N 2   
219 C1  H1   sing N N 3   
219 C3  C2   sing Y N 4   
219 C2  H2   sing N N 5   
219 C4  C3   doub Y N 6   
219 C3  H3   sing N N 7   
219 C7  C4   sing N N 8   
219 C4  C5   sing Y N 9   
219 O8  C5   sing N N 10  
219 C5  C6   doub Y N 11  
219 C6  H6   sing N N 12  
219 O17 C7   doub N N 13  
219 C7  H7   sing N N 14  
219 P9  O8   sing N N 15  
219 O19 P9   doub N N 16  
219 O10 P9   sing N N 17  
219 P9  O11  sing N N 18  
219 C12 O10  sing N N 19  
219 O11 HO11 sing N N 20  
219 C21 C12  sing N N 21  
219 C12 H12  sing N N 22  
219 C12 H12A sing N N 23  
219 C24 C21  sing N N 24  
219 C21 C28  sing N N 25  
219 C21 H21  sing N N 26  
219 C24 C25  sing N N 27  
219 C24 H24  sing N N 28  
219 C24 H24A sing N N 29  
219 C25 C26  sing N N 30  
219 C25 H25  sing N N 31  
219 C25 H25A sing N N 32  
219 C26 C27  sing N N 33  
219 C26 H26  sing N N 34  
219 C26 H26A sing N N 35  
219 C28 C27  sing N N 36  
219 C27 H27  sing N N 37  
219 C27 H27A sing N N 38  
219 C28 H28  sing N N 39  
219 C28 H28A sing N N 40  
ALA N   CA   sing N N 41  
ALA N   H    sing N N 42  
ALA N   H2   sing N N 43  
ALA CA  C    sing N N 44  
ALA CA  CB   sing N N 45  
ALA CA  HA   sing N N 46  
ALA C   O    doub N N 47  
ALA C   OXT  sing N N 48  
ALA CB  HB1  sing N N 49  
ALA CB  HB2  sing N N 50  
ALA CB  HB3  sing N N 51  
ALA OXT HXT  sing N N 52  
ARG N   CA   sing N N 53  
ARG N   H    sing N N 54  
ARG N   H2   sing N N 55  
ARG CA  C    sing N N 56  
ARG CA  CB   sing N N 57  
ARG CA  HA   sing N N 58  
ARG C   O    doub N N 59  
ARG C   OXT  sing N N 60  
ARG CB  CG   sing N N 61  
ARG CB  HB2  sing N N 62  
ARG CB  HB3  sing N N 63  
ARG CG  CD   sing N N 64  
ARG CG  HG2  sing N N 65  
ARG CG  HG3  sing N N 66  
ARG CD  NE   sing N N 67  
ARG CD  HD2  sing N N 68  
ARG CD  HD3  sing N N 69  
ARG NE  CZ   sing N N 70  
ARG NE  HE   sing N N 71  
ARG CZ  NH1  sing N N 72  
ARG CZ  NH2  doub N N 73  
ARG NH1 HH11 sing N N 74  
ARG NH1 HH12 sing N N 75  
ARG NH2 HH21 sing N N 76  
ARG NH2 HH22 sing N N 77  
ARG OXT HXT  sing N N 78  
ASN N   CA   sing N N 79  
ASN N   H    sing N N 80  
ASN N   H2   sing N N 81  
ASN CA  C    sing N N 82  
ASN CA  CB   sing N N 83  
ASN CA  HA   sing N N 84  
ASN C   O    doub N N 85  
ASN C   OXT  sing N N 86  
ASN CB  CG   sing N N 87  
ASN CB  HB2  sing N N 88  
ASN CB  HB3  sing N N 89  
ASN CG  OD1  doub N N 90  
ASN CG  ND2  sing N N 91  
ASN ND2 HD21 sing N N 92  
ASN ND2 HD22 sing N N 93  
ASN OXT HXT  sing N N 94  
ASP N   CA   sing N N 95  
ASP N   H    sing N N 96  
ASP N   H2   sing N N 97  
ASP CA  C    sing N N 98  
ASP CA  CB   sing N N 99  
ASP CA  HA   sing N N 100 
ASP C   O    doub N N 101 
ASP C   OXT  sing N N 102 
ASP CB  CG   sing N N 103 
ASP CB  HB2  sing N N 104 
ASP CB  HB3  sing N N 105 
ASP CG  OD1  doub N N 106 
ASP CG  OD2  sing N N 107 
ASP OD2 HD2  sing N N 108 
ASP OXT HXT  sing N N 109 
CYS N   CA   sing N N 110 
CYS N   H    sing N N 111 
CYS N   H2   sing N N 112 
CYS CA  C    sing N N 113 
CYS CA  CB   sing N N 114 
CYS CA  HA   sing N N 115 
CYS C   O    doub N N 116 
CYS C   OXT  sing N N 117 
CYS CB  SG   sing N N 118 
CYS CB  HB2  sing N N 119 
CYS CB  HB3  sing N N 120 
CYS SG  HG   sing N N 121 
CYS OXT HXT  sing N N 122 
GLN N   CA   sing N N 123 
GLN N   H    sing N N 124 
GLN N   H2   sing N N 125 
GLN CA  C    sing N N 126 
GLN CA  CB   sing N N 127 
GLN CA  HA   sing N N 128 
GLN C   O    doub N N 129 
GLN C   OXT  sing N N 130 
GLN CB  CG   sing N N 131 
GLN CB  HB2  sing N N 132 
GLN CB  HB3  sing N N 133 
GLN CG  CD   sing N N 134 
GLN CG  HG2  sing N N 135 
GLN CG  HG3  sing N N 136 
GLN CD  OE1  doub N N 137 
GLN CD  NE2  sing N N 138 
GLN NE2 HE21 sing N N 139 
GLN NE2 HE22 sing N N 140 
GLN OXT HXT  sing N N 141 
GLU N   CA   sing N N 142 
GLU N   H    sing N N 143 
GLU N   H2   sing N N 144 
GLU CA  C    sing N N 145 
GLU CA  CB   sing N N 146 
GLU CA  HA   sing N N 147 
GLU C   O    doub N N 148 
GLU C   OXT  sing N N 149 
GLU CB  CG   sing N N 150 
GLU CB  HB2  sing N N 151 
GLU CB  HB3  sing N N 152 
GLU CG  CD   sing N N 153 
GLU CG  HG2  sing N N 154 
GLU CG  HG3  sing N N 155 
GLU CD  OE1  doub N N 156 
GLU CD  OE2  sing N N 157 
GLU OE2 HE2  sing N N 158 
GLU OXT HXT  sing N N 159 
GLY N   CA   sing N N 160 
GLY N   H    sing N N 161 
GLY N   H2   sing N N 162 
GLY CA  C    sing N N 163 
GLY CA  HA2  sing N N 164 
GLY CA  HA3  sing N N 165 
GLY C   O    doub N N 166 
GLY C   OXT  sing N N 167 
GLY OXT HXT  sing N N 168 
HIS N   CA   sing N N 169 
HIS N   H    sing N N 170 
HIS N   H2   sing N N 171 
HIS CA  C    sing N N 172 
HIS CA  CB   sing N N 173 
HIS CA  HA   sing N N 174 
HIS C   O    doub N N 175 
HIS C   OXT  sing N N 176 
HIS CB  CG   sing N N 177 
HIS CB  HB2  sing N N 178 
HIS CB  HB3  sing N N 179 
HIS CG  ND1  sing Y N 180 
HIS CG  CD2  doub Y N 181 
HIS ND1 CE1  doub Y N 182 
HIS ND1 HD1  sing N N 183 
HIS CD2 NE2  sing Y N 184 
HIS CD2 HD2  sing N N 185 
HIS CE1 NE2  sing Y N 186 
HIS CE1 HE1  sing N N 187 
HIS NE2 HE2  sing N N 188 
HIS OXT HXT  sing N N 189 
HOH O   H1   sing N N 190 
HOH O   H2   sing N N 191 
ILE N   CA   sing N N 192 
ILE N   H    sing N N 193 
ILE N   H2   sing N N 194 
ILE CA  C    sing N N 195 
ILE CA  CB   sing N N 196 
ILE CA  HA   sing N N 197 
ILE C   O    doub N N 198 
ILE C   OXT  sing N N 199 
ILE CB  CG1  sing N N 200 
ILE CB  CG2  sing N N 201 
ILE CB  HB   sing N N 202 
ILE CG1 CD1  sing N N 203 
ILE CG1 HG12 sing N N 204 
ILE CG1 HG13 sing N N 205 
ILE CG2 HG21 sing N N 206 
ILE CG2 HG22 sing N N 207 
ILE CG2 HG23 sing N N 208 
ILE CD1 HD11 sing N N 209 
ILE CD1 HD12 sing N N 210 
ILE CD1 HD13 sing N N 211 
ILE OXT HXT  sing N N 212 
LEU N   CA   sing N N 213 
LEU N   H    sing N N 214 
LEU N   H2   sing N N 215 
LEU CA  C    sing N N 216 
LEU CA  CB   sing N N 217 
LEU CA  HA   sing N N 218 
LEU C   O    doub N N 219 
LEU C   OXT  sing N N 220 
LEU CB  CG   sing N N 221 
LEU CB  HB2  sing N N 222 
LEU CB  HB3  sing N N 223 
LEU CG  CD1  sing N N 224 
LEU CG  CD2  sing N N 225 
LEU CG  HG   sing N N 226 
LEU CD1 HD11 sing N N 227 
LEU CD1 HD12 sing N N 228 
LEU CD1 HD13 sing N N 229 
LEU CD2 HD21 sing N N 230 
LEU CD2 HD22 sing N N 231 
LEU CD2 HD23 sing N N 232 
LEU OXT HXT  sing N N 233 
LYS N   CA   sing N N 234 
LYS N   H    sing N N 235 
LYS N   H2   sing N N 236 
LYS CA  C    sing N N 237 
LYS CA  CB   sing N N 238 
LYS CA  HA   sing N N 239 
LYS C   O    doub N N 240 
LYS C   OXT  sing N N 241 
LYS CB  CG   sing N N 242 
LYS CB  HB2  sing N N 243 
LYS CB  HB3  sing N N 244 
LYS CG  CD   sing N N 245 
LYS CG  HG2  sing N N 246 
LYS CG  HG3  sing N N 247 
LYS CD  CE   sing N N 248 
LYS CD  HD2  sing N N 249 
LYS CD  HD3  sing N N 250 
LYS CE  NZ   sing N N 251 
LYS CE  HE2  sing N N 252 
LYS CE  HE3  sing N N 253 
LYS NZ  HZ1  sing N N 254 
LYS NZ  HZ2  sing N N 255 
LYS NZ  HZ3  sing N N 256 
LYS OXT HXT  sing N N 257 
PHE N   CA   sing N N 258 
PHE N   H    sing N N 259 
PHE N   H2   sing N N 260 
PHE CA  C    sing N N 261 
PHE CA  CB   sing N N 262 
PHE CA  HA   sing N N 263 
PHE C   O    doub N N 264 
PHE C   OXT  sing N N 265 
PHE CB  CG   sing N N 266 
PHE CB  HB2  sing N N 267 
PHE CB  HB3  sing N N 268 
PHE CG  CD1  doub Y N 269 
PHE CG  CD2  sing Y N 270 
PHE CD1 CE1  sing Y N 271 
PHE CD1 HD1  sing N N 272 
PHE CD2 CE2  doub Y N 273 
PHE CD2 HD2  sing N N 274 
PHE CE1 CZ   doub Y N 275 
PHE CE1 HE1  sing N N 276 
PHE CE2 CZ   sing Y N 277 
PHE CE2 HE2  sing N N 278 
PHE CZ  HZ   sing N N 279 
PHE OXT HXT  sing N N 280 
PRO N   CA   sing N N 281 
PRO N   CD   sing N N 282 
PRO N   H    sing N N 283 
PRO CA  C    sing N N 284 
PRO CA  CB   sing N N 285 
PRO CA  HA   sing N N 286 
PRO C   O    doub N N 287 
PRO C   OXT  sing N N 288 
PRO CB  CG   sing N N 289 
PRO CB  HB2  sing N N 290 
PRO CB  HB3  sing N N 291 
PRO CG  CD   sing N N 292 
PRO CG  HG2  sing N N 293 
PRO CG  HG3  sing N N 294 
PRO CD  HD2  sing N N 295 
PRO CD  HD3  sing N N 296 
PRO OXT HXT  sing N N 297 
SER N   CA   sing N N 298 
SER N   H    sing N N 299 
SER N   H2   sing N N 300 
SER CA  C    sing N N 301 
SER CA  CB   sing N N 302 
SER CA  HA   sing N N 303 
SER C   O    doub N N 304 
SER C   OXT  sing N N 305 
SER CB  OG   sing N N 306 
SER CB  HB2  sing N N 307 
SER CB  HB3  sing N N 308 
SER OG  HG   sing N N 309 
SER OXT HXT  sing N N 310 
THR N   CA   sing N N 311 
THR N   H    sing N N 312 
THR N   H2   sing N N 313 
THR CA  C    sing N N 314 
THR CA  CB   sing N N 315 
THR CA  HA   sing N N 316 
THR C   O    doub N N 317 
THR C   OXT  sing N N 318 
THR CB  OG1  sing N N 319 
THR CB  CG2  sing N N 320 
THR CB  HB   sing N N 321 
THR OG1 HG1  sing N N 322 
THR CG2 HG21 sing N N 323 
THR CG2 HG22 sing N N 324 
THR CG2 HG23 sing N N 325 
THR OXT HXT  sing N N 326 
TRP N   CA   sing N N 327 
TRP N   H    sing N N 328 
TRP N   H2   sing N N 329 
TRP CA  C    sing N N 330 
TRP CA  CB   sing N N 331 
TRP CA  HA   sing N N 332 
TRP C   O    doub N N 333 
TRP C   OXT  sing N N 334 
TRP CB  CG   sing N N 335 
TRP CB  HB2  sing N N 336 
TRP CB  HB3  sing N N 337 
TRP CG  CD1  doub Y N 338 
TRP CG  CD2  sing Y N 339 
TRP CD1 NE1  sing Y N 340 
TRP CD1 HD1  sing N N 341 
TRP CD2 CE2  doub Y N 342 
TRP CD2 CE3  sing Y N 343 
TRP NE1 CE2  sing Y N 344 
TRP NE1 HE1  sing N N 345 
TRP CE2 CZ2  sing Y N 346 
TRP CE3 CZ3  doub Y N 347 
TRP CE3 HE3  sing N N 348 
TRP CZ2 CH2  doub Y N 349 
TRP CZ2 HZ2  sing N N 350 
TRP CZ3 CH2  sing Y N 351 
TRP CZ3 HZ3  sing N N 352 
TRP CH2 HH2  sing N N 353 
TRP OXT HXT  sing N N 354 
TYR N   CA   sing N N 355 
TYR N   H    sing N N 356 
TYR N   H2   sing N N 357 
TYR CA  C    sing N N 358 
TYR CA  CB   sing N N 359 
TYR CA  HA   sing N N 360 
TYR C   O    doub N N 361 
TYR C   OXT  sing N N 362 
TYR CB  CG   sing N N 363 
TYR CB  HB2  sing N N 364 
TYR CB  HB3  sing N N 365 
TYR CG  CD1  doub Y N 366 
TYR CG  CD2  sing Y N 367 
TYR CD1 CE1  sing Y N 368 
TYR CD1 HD1  sing N N 369 
TYR CD2 CE2  doub Y N 370 
TYR CD2 HD2  sing N N 371 
TYR CE1 CZ   doub Y N 372 
TYR CE1 HE1  sing N N 373 
TYR CE2 CZ   sing Y N 374 
TYR CE2 HE2  sing N N 375 
TYR CZ  OH   sing N N 376 
TYR OH  HH   sing N N 377 
TYR OXT HXT  sing N N 378 
VAL N   CA   sing N N 379 
VAL N   H    sing N N 380 
VAL N   H2   sing N N 381 
VAL CA  C    sing N N 382 
VAL CA  CB   sing N N 383 
VAL CA  HA   sing N N 384 
VAL C   O    doub N N 385 
VAL C   OXT  sing N N 386 
VAL CB  CG1  sing N N 387 
VAL CB  CG2  sing N N 388 
VAL CB  HB   sing N N 389 
VAL CG1 HG11 sing N N 390 
VAL CG1 HG12 sing N N 391 
VAL CG1 HG13 sing N N 392 
VAL CG2 HG21 sing N N 393 
VAL CG2 HG22 sing N N 394 
VAL CG2 HG23 sing N N 395 
VAL OXT HXT  sing N N 396 
# 
_pdbx_initial_refinement_model.id               1 
_pdbx_initial_refinement_model.entity_id_list   ? 
_pdbx_initial_refinement_model.type             'experimental model' 
_pdbx_initial_refinement_model.source_name      PDB 
_pdbx_initial_refinement_model.accession_code   1SHD 
_pdbx_initial_refinement_model.details          ? 
# 
_atom_sites.entry_id                    1O4I 
_atom_sites.fract_transf_matrix[1][1]   -0.03528069 
_atom_sites.fract_transf_matrix[1][2]   0.01202184 
_atom_sites.fract_transf_matrix[1][3]   0.00751645 
_atom_sites.fract_transf_matrix[2][1]   0.00536903 
_atom_sites.fract_transf_matrix[2][2]   0.00650115 
_atom_sites.fract_transf_matrix[2][3]   0.01480317 
_atom_sites.fract_transf_matrix[3][1]   0.00311878 
_atom_sites.fract_transf_matrix[3][2]   0.01359219 
_atom_sites.fract_transf_matrix[3][3]   -0.00710048 
_atom_sites.fract_transf_vector[1]      0.390307 
_atom_sites.fract_transf_vector[2]      0.324846 
_atom_sites.fract_transf_vector[3]      0.312361 
# 
loop_
_atom_type.symbol 
C 
N 
O 
P 
S 
# 
loop_
_atom_site.group_PDB 
_atom_site.id 
_atom_site.type_symbol 
_atom_site.label_atom_id 
_atom_site.label_alt_id 
_atom_site.label_comp_id 
_atom_site.label_asym_id 
_atom_site.label_entity_id 
_atom_site.label_seq_id 
_atom_site.pdbx_PDB_ins_code 
_atom_site.Cartn_x 
_atom_site.Cartn_y 
_atom_site.Cartn_z 
_atom_site.occupancy 
_atom_site.B_iso_or_equiv 
_atom_site.pdbx_formal_charge 
_atom_site.auth_seq_id 
_atom_site.auth_comp_id 
_atom_site.auth_asym_id 
_atom_site.auth_atom_id 
_atom_site.pdbx_PDB_model_num 
ATOM   1    N N   . SER A 1 1   ? 4.028   -16.503 2.914   1.00 46.03 ? 1   SER A N   1 
ATOM   2    C CA  . SER A 1 1   ? 3.610   -16.124 1.521   1.00 45.82 ? 1   SER A CA  1 
ATOM   3    C C   . SER A 1 1   ? 3.587   -14.600 1.400   1.00 44.61 ? 1   SER A C   1 
ATOM   4    O O   . SER A 1 1   ? 4.299   -14.024 0.572   1.00 45.07 ? 1   SER A O   1 
ATOM   5    C CB  . SER A 1 1   ? 2.188   -16.726 1.164   1.00 48.14 ? 1   SER A CB  1 
ATOM   6    O OG  . SER A 1 1   ? 1.932   -16.661 -0.233  1.00 50.49 ? 1   SER A OG  1 
ATOM   7    N N   . ILE A 1 2   ? 2.792   -13.951 2.252   1.00 42.71 ? 2   ILE A N   1 
ATOM   8    C CA  . ILE A 1 2   ? 2.705   -12.493 2.271   1.00 40.28 ? 2   ILE A CA  1 
ATOM   9    C C   . ILE A 1 2   ? 4.025   -11.987 2.861   1.00 38.18 ? 2   ILE A C   1 
ATOM   10   O O   . ILE A 1 2   ? 4.593   -11.004 2.397   1.00 37.33 ? 2   ILE A O   1 
ATOM   11   C CB  . ILE A 1 2   ? 1.492   -12.024 3.122   1.00 40.71 ? 2   ILE A CB  1 
ATOM   12   C CG1 . ILE A 1 2   ? 0.178   -12.257 2.336   1.00 41.65 ? 2   ILE A CG1 1 
ATOM   13   C CG2 . ILE A 1 2   ? 1.639   -10.583 3.537   1.00 39.86 ? 2   ILE A CG2 1 
ATOM   14   C CD1 . ILE A 1 2   ? -1.063  -12.347 3.236   1.00 43.56 ? 2   ILE A CD1 1 
ATOM   15   N N   . GLN A 1 3   ? 4.540   -12.716 3.842   1.00 36.75 ? 3   GLN A N   1 
ATOM   16   C CA  . GLN A 1 3   ? 5.799   -12.349 4.470   1.00 35.69 ? 3   GLN A CA  1 
ATOM   17   C C   . GLN A 1 3   ? 6.929   -12.553 3.456   1.00 33.57 ? 3   GLN A C   1 
ATOM   18   O O   . GLN A 1 3   ? 8.011   -12.002 3.585   1.00 33.43 ? 3   GLN A O   1 
ATOM   19   C CB  . GLN A 1 3   ? 6.078   -13.238 5.709   1.00 39.65 ? 3   GLN A CB  1 
ATOM   20   C CG  . GLN A 1 3   ? 5.088   -13.628 6.796   1.00 47.01 ? 3   GLN A CG  1 
ATOM   21   C CD  . GLN A 1 3   ? 4.579   -12.452 7.625   1.00 52.35 ? 3   GLN A CD  1 
ATOM   22   O OE1 . GLN A 1 3   ? 5.349   -11.783 8.325   1.00 55.08 ? 3   GLN A OE1 1 
ATOM   23   N NE2 . GLN A 1 3   ? 3.261   -12.224 7.579   1.00 54.53 ? 3   GLN A NE2 1 
ATOM   24   N N   . ALA A 1 4   ? 6.675   -13.384 2.459   1.00 31.08 ? 4   ALA A N   1 
ATOM   25   C CA  . ALA A 1 4   ? 7.683   -13.643 1.445   1.00 28.76 ? 4   ALA A CA  1 
ATOM   26   C C   . ALA A 1 4   ? 7.799   -12.479 0.449   1.00 26.22 ? 4   ALA A C   1 
ATOM   27   O O   . ALA A 1 4   ? 8.805   -12.355 -0.251  1.00 26.06 ? 4   ALA A O   1 
ATOM   28   C CB  . ALA A 1 4   ? 7.340   -14.943 0.697   1.00 30.34 ? 4   ALA A CB  1 
ATOM   29   N N   . GLU A 1 5   ? 6.775   -11.629 0.391   1.00 22.76 ? 5   GLU A N   1 
ATOM   30   C CA  . GLU A 1 5   ? 6.760   -10.521 -0.554  1.00 19.66 ? 5   GLU A CA  1 
ATOM   31   C C   . GLU A 1 5   ? 7.738   -9.419  -0.191  1.00 17.27 ? 5   GLU A C   1 
ATOM   32   O O   . GLU A 1 5   ? 7.753   -8.927  0.928   1.00 16.54 ? 5   GLU A O   1 
ATOM   33   C CB  . GLU A 1 5   ? 5.335   -9.947  -0.675  1.00 19.03 ? 5   GLU A CB  1 
ATOM   34   C CG  . GLU A 1 5   ? 4.342   -11.092 -0.933  1.00 22.53 ? 5   GLU A CG  1 
ATOM   35   C CD  . GLU A 1 5   ? 4.662   -11.863 -2.219  1.00 23.57 ? 5   GLU A CD  1 
ATOM   36   O OE1 . GLU A 1 5   ? 4.375   -13.087 -2.298  1.00 24.25 ? 5   GLU A OE1 1 
ATOM   37   O OE2 . GLU A 1 5   ? 5.206   -11.227 -3.150  1.00 23.47 ? 5   GLU A OE2 1 
ATOM   38   N N   . GLU A 1 6   ? 8.543   -9.010  -1.161  1.00 14.87 ? 6   GLU A N   1 
ATOM   39   C CA  . GLU A 1 6   ? 9.515   -7.957  -0.931  1.00 13.49 ? 6   GLU A CA  1 
ATOM   40   C C   . GLU A 1 6   ? 8.848   -6.605  -0.619  1.00 12.40 ? 6   GLU A C   1 
ATOM   41   O O   . GLU A 1 6   ? 9.487   -5.728  -0.050  1.00 12.18 ? 6   GLU A O   1 
ATOM   42   C CB  . GLU A 1 6   ? 10.454  -7.806  -2.120  1.00 13.27 ? 6   GLU A CB  1 
ATOM   43   C CG  . GLU A 1 6   ? 9.976   -7.123  -3.386  1.00 11.02 ? 6   GLU A CG  1 
ATOM   44   C CD  . GLU A 1 6   ? 9.072   -7.996  -4.286  1.00 11.76 ? 6   GLU A CD  1 
ATOM   45   O OE1 . GLU A 1 6   ? 8.637   -7.446  -5.341  1.00 13.81 ? 6   GLU A OE1 1 
ATOM   46   O OE2 . GLU A 1 6   ? 8.793   -9.198  -3.961  1.00 11.11 ? 6   GLU A OE2 1 
ATOM   47   N N   . TRP A 1 7   ? 7.602   -6.406  -1.064  1.00 11.42 ? 7   TRP A N   1 
ATOM   48   C CA  . TRP A 1 7   ? 6.891   -5.162  -0.771  1.00 10.56 ? 7   TRP A CA  1 
ATOM   49   C C   . TRP A 1 7   ? 6.161   -5.244  0.568   1.00 10.59 ? 7   TRP A C   1 
ATOM   50   O O   . TRP A 1 7   ? 5.488   -4.290  0.966   1.00 10.78 ? 7   TRP A O   1 
ATOM   51   C CB  . TRP A 1 7   ? 5.876   -4.790  -1.885  1.00 10.29 ? 7   TRP A CB  1 
ATOM   52   C CG  . TRP A 1 7   ? 5.144   -5.941  -2.457  1.00 8.80  ? 7   TRP A CG  1 
ATOM   53   C CD1 . TRP A 1 7   ? 5.371   -6.533  -3.668  1.00 10.56 ? 7   TRP A CD1 1 
ATOM   54   C CD2 . TRP A 1 7   ? 4.027   -6.652  -1.875  1.00 9.11  ? 7   TRP A CD2 1 
ATOM   55   N NE1 . TRP A 1 7   ? 4.478   -7.556  -3.882  1.00 12.33 ? 7   TRP A NE1 1 
ATOM   56   C CE2 . TRP A 1 7   ? 3.634   -7.644  -2.799  1.00 10.98 ? 7   TRP A CE2 1 
ATOM   57   C CE3 . TRP A 1 7   ? 3.317   -6.537  -0.665  1.00 11.52 ? 7   TRP A CE3 1 
ATOM   58   C CZ2 . TRP A 1 7   ? 2.580   -8.532  -2.551  1.00 12.04 ? 7   TRP A CZ2 1 
ATOM   59   C CZ3 . TRP A 1 7   ? 2.266   -7.427  -0.419  1.00 13.44 ? 7   TRP A CZ3 1 
ATOM   60   C CH2 . TRP A 1 7   ? 1.908   -8.403  -1.356  1.00 12.11 ? 7   TRP A CH2 1 
ATOM   61   N N   . TYR A 1 8   ? 6.258   -6.378  1.251   1.00 10.62 ? 8   TYR A N   1 
ATOM   62   C CA  . TYR A 1 8   ? 5.586   -6.507  2.539   1.00 11.38 ? 8   TYR A CA  1 
ATOM   63   C C   . TYR A 1 8   ? 6.585   -6.156  3.627   1.00 11.79 ? 8   TYR A C   1 
ATOM   64   O O   . TYR A 1 8   ? 7.502   -6.942  3.904   1.00 13.21 ? 8   TYR A O   1 
ATOM   65   C CB  . TYR A 1 8   ? 5.038   -7.918  2.768   1.00 9.95  ? 8   TYR A CB  1 
ATOM   66   C CG  . TYR A 1 8   ? 4.235   -7.991  4.035   1.00 12.10 ? 8   TYR A CG  1 
ATOM   67   C CD1 . TYR A 1 8   ? 3.026   -7.291  4.158   1.00 11.49 ? 8   TYR A CD1 1 
ATOM   68   C CD2 . TYR A 1 8   ? 4.716   -8.665  5.149   1.00 12.61 ? 8   TYR A CD2 1 
ATOM   69   C CE1 . TYR A 1 8   ? 2.333   -7.250  5.369   1.00 13.00 ? 8   TYR A CE1 1 
ATOM   70   C CE2 . TYR A 1 8   ? 4.020   -8.640  6.380   1.00 14.68 ? 8   TYR A CE2 1 
ATOM   71   C CZ  . TYR A 1 8   ? 2.835   -7.932  6.473   1.00 14.27 ? 8   TYR A CZ  1 
ATOM   72   O OH  . TYR A 1 8   ? 2.119   -7.914  7.661   1.00 15.23 ? 8   TYR A OH  1 
ATOM   73   N N   . PHE A 1 9   ? 6.392   -5.010  4.286   1.00 11.24 ? 9   PHE A N   1 
ATOM   74   C CA  . PHE A 1 9   ? 7.315   -4.566  5.335   1.00 11.49 ? 9   PHE A CA  1 
ATOM   75   C C   . PHE A 1 9   ? 6.914   -5.007  6.730   1.00 11.66 ? 9   PHE A C   1 
ATOM   76   O O   . PHE A 1 9   ? 7.586   -4.676  7.704   1.00 11.74 ? 9   PHE A O   1 
ATOM   77   C CB  . PHE A 1 9   ? 7.523   -3.038  5.296   1.00 9.13  ? 9   PHE A CB  1 
ATOM   78   C CG  . PHE A 1 9   ? 8.432   -2.568  4.182   1.00 11.19 ? 9   PHE A CG  1 
ATOM   79   C CD1 . PHE A 1 9   ? 8.249   -2.982  2.870   1.00 12.82 ? 9   PHE A CD1 1 
ATOM   80   C CD2 . PHE A 1 9   ? 9.465   -1.667  4.445   1.00 15.53 ? 9   PHE A CD2 1 
ATOM   81   C CE1 . PHE A 1 9   ? 9.076   -2.506  1.821   1.00 11.01 ? 9   PHE A CE1 1 
ATOM   82   C CE2 . PHE A 1 9   ? 10.293  -1.189  3.390   1.00 16.37 ? 9   PHE A CE2 1 
ATOM   83   C CZ  . PHE A 1 9   ? 10.087  -1.616  2.085   1.00 12.61 ? 9   PHE A CZ  1 
ATOM   84   N N   . GLY A 1 10  ? 5.801   -5.718  6.831   1.00 12.33 ? 10  GLY A N   1 
ATOM   85   C CA  . GLY A 1 10  ? 5.369   -6.213  8.126   1.00 12.53 ? 10  GLY A CA  1 
ATOM   86   C C   . GLY A 1 10  ? 5.059   -5.175  9.172   1.00 12.06 ? 10  GLY A C   1 
ATOM   87   O O   . GLY A 1 10  ? 4.424   -4.170  8.913   1.00 11.92 ? 10  GLY A O   1 
ATOM   88   N N   . LYS A 1 11  ? 5.572   -5.388  10.367  1.00 12.59 ? 11  LYS A N   1 
ATOM   89   C CA  . LYS A 1 11  ? 5.271   -4.490  11.466  1.00 12.70 ? 11  LYS A CA  1 
ATOM   90   C C   . LYS A 1 11  ? 6.142   -3.254  11.512  1.00 12.61 ? 11  LYS A C   1 
ATOM   91   O O   . LYS A 1 11  ? 7.204   -3.279  12.142  1.00 13.20 ? 11  LYS A O   1 
ATOM   92   C CB  . LYS A 1 11  ? 5.341   -5.269  12.833  1.00 14.28 ? 11  LYS A CB  1 
ATOM   93   C CG  . LYS A 1 11  ? 4.741   -4.482  13.996  1.00 17.45 ? 11  LYS A CG  1 
ATOM   94   C CD  . LYS A 1 11  ? 5.103   -5.248  15.269  1.00 20.13 ? 11  LYS A CD  1 
ATOM   95   C CE  . LYS A 1 11  ? 4.541   -4.586  16.521  1.00 17.70 ? 11  LYS A CE  1 
ATOM   96   N NZ  . LYS A 1 11  ? 5.278   -5.033  17.731  1.00 15.38 ? 11  LYS A NZ  1 
ATOM   97   N N   . ILE A 1 12  ? 5.782   -2.233  10.733  1.00 10.88 ? 12  ILE A N   1 
ATOM   98   C CA  . ILE A 1 12  ? 6.473   -0.945  10.775  1.00 10.44 ? 12  ILE A CA  1 
ATOM   99   C C   . ILE A 1 12  ? 5.363   0.083   11.012  1.00 9.89  ? 12  ILE A C   1 
ATOM   100  O O   . ILE A 1 12  ? 4.209   -0.188  10.672  1.00 10.77 ? 12  ILE A O   1 
ATOM   101  C CB  . ILE A 1 12  ? 7.307   -0.605  9.498   1.00 10.76 ? 12  ILE A CB  1 
ATOM   102  C CG1 . ILE A 1 12  ? 6.443   -0.551  8.247   1.00 10.68 ? 12  ILE A CG1 1 
ATOM   103  C CG2 . ILE A 1 12  ? 8.439   -1.618  9.349   1.00 12.94 ? 12  ILE A CG2 1 
ATOM   104  C CD1 . ILE A 1 12  ? 7.106   0.211   7.143   1.00 11.01 ? 12  ILE A CD1 1 
ATOM   105  N N   . THR A 1 13  ? 5.677   1.203   11.663  1.00 8.70  ? 13  THR A N   1 
ATOM   106  C CA  . THR A 1 13  ? 4.665   2.223   11.968  1.00 8.01  ? 13  THR A CA  1 
ATOM   107  C C   . THR A 1 13  ? 4.330   3.080   10.753  1.00 8.51  ? 13  THR A C   1 
ATOM   108  O O   . THR A 1 13  ? 5.077   3.115   9.765   1.00 8.61  ? 13  THR A O   1 
ATOM   109  C CB  . THR A 1 13  ? 5.161   3.215   13.063  1.00 8.19  ? 13  THR A CB  1 
ATOM   110  O OG1 . THR A 1 13  ? 6.318   3.911   12.583  1.00 8.78  ? 13  THR A OG1 1 
ATOM   111  C CG2 . THR A 1 13  ? 5.528   2.482   14.353  1.00 7.09  ? 13  THR A CG2 1 
ATOM   112  N N   . ARG A 1 14  ? 3.232   3.823   10.862  1.00 7.95  ? 14  ARG A N   1 
ATOM   113  C CA  . ARG A 1 14  ? 2.827   4.766   9.824   1.00 8.68  ? 14  ARG A CA  1 
ATOM   114  C C   . ARG A 1 14  ? 3.951   5.792   9.625   1.00 8.74  ? 14  ARG A C   1 
ATOM   115  O O   . ARG A 1 14  ? 4.300   6.104   8.488   1.00 8.56  ? 14  ARG A O   1 
ATOM   116  C CB  . ARG A 1 14  ? 1.561   5.527   10.240  1.00 8.13  ? 14  ARG A CB  1 
ATOM   117  C CG  . ARG A 1 14  ? 1.179   6.602   9.286   1.00 9.47  ? 14  ARG A CG  1 
ATOM   118  C CD  . ARG A 1 14  ? 0.011   7.156   10.047  1.00 14.15 ? 14  ARG A CD  1 
ATOM   119  N NE  . ARG A 1 14  ? -0.652  8.223   9.335   1.00 22.40 ? 14  ARG A NE  1 
ATOM   120  C CZ  . ARG A 1 14  ? -1.937  8.193   8.991   1.00 25.88 ? 14  ARG A CZ  1 
ATOM   121  N NH1 . ARG A 1 14  ? -2.468  9.214   8.339   1.00 26.05 ? 14  ARG A NH1 1 
ATOM   122  N NH2 . ARG A 1 14  ? -2.672  7.111   9.233   1.00 27.87 ? 14  ARG A NH2 1 
ATOM   123  N N   . ARG A 1 15  ? 4.523   6.311   10.718  1.00 8.06  ? 15  ARG A N   1 
ATOM   124  C CA  . ARG A 1 15  ? 5.579   7.311   10.610  1.00 8.02  ? 15  ARG A CA  1 
ATOM   125  C C   . ARG A 1 15  ? 6.804   6.770   9.868   1.00 7.84  ? 15  ARG A C   1 
ATOM   126  O O   . ARG A 1 15  ? 7.416   7.470   9.057   1.00 8.17  ? 15  ARG A O   1 
ATOM   127  C CB  . ARG A 1 15  ? 5.973   7.822   12.011  1.00 9.68  ? 15  ARG A CB  1 
ATOM   128  C CG  . ARG A 1 15  ? 7.043   8.905   11.851  1.00 11.79 ? 15  ARG A CG  1 
ATOM   129  C CD  . ARG A 1 15  ? 7.268   9.590   13.179  1.00 11.15 ? 15  ARG A CD  1 
ATOM   130  N NE  . ARG A 1 15  ? 8.381   10.530  13.118  1.00 14.40 ? 15  ARG A NE  1 
ATOM   131  C CZ  . ARG A 1 15  ? 8.258   11.824  12.820  1.00 16.66 ? 15  ARG A CZ  1 
ATOM   132  N NH1 . ARG A 1 15  ? 7.068   12.348  12.553  1.00 13.78 ? 15  ARG A NH1 1 
ATOM   133  N NH2 . ARG A 1 15  ? 9.338   12.606  12.800  1.00 20.54 ? 15  ARG A NH2 1 
ATOM   134  N N   . GLU A 1 16  ? 7.163   5.519   10.162  1.00 8.05  ? 16  GLU A N   1 
ATOM   135  C CA  . GLU A 1 16  ? 8.302   4.897   9.481   1.00 8.83  ? 16  GLU A CA  1 
ATOM   136  C C   . GLU A 1 16  ? 7.983   4.742   7.990   1.00 8.84  ? 16  GLU A C   1 
ATOM   137  O O   . GLU A 1 16  ? 8.824   5.072   7.141   1.00 8.80  ? 16  GLU A O   1 
ATOM   138  C CB  . GLU A 1 16  ? 8.651   3.504   10.092  1.00 11.67 ? 16  GLU A CB  1 
ATOM   139  C CG  . GLU A 1 16  ? 9.680   2.695   9.317   1.00 11.23 ? 16  GLU A CG  1 
ATOM   140  C CD  . GLU A 1 16  ? 11.072  3.306   9.322   1.00 16.26 ? 16  GLU A CD  1 
ATOM   141  O OE1 . GLU A 1 16  ? 11.968  2.650   8.739   1.00 19.75 ? 16  GLU A OE1 1 
ATOM   142  O OE2 . GLU A 1 16  ? 11.303  4.406   9.891   1.00 12.84 ? 16  GLU A OE2 1 
ATOM   143  N N   . SER A 1 17  ? 6.763   4.298   7.660   1.00 8.05  ? 17  SER A N   1 
ATOM   144  C CA  . SER A 1 17  ? 6.410   4.152   6.235   1.00 7.49  ? 17  SER A CA  1 
ATOM   145  C C   . SER A 1 17  ? 6.555   5.522   5.571   1.00 7.51  ? 17  SER A C   1 
ATOM   146  O O   . SER A 1 17  ? 7.037   5.616   4.429   1.00 7.66  ? 17  SER A O   1 
ATOM   147  C CB  . SER A 1 17  ? 4.967   3.592   6.065   1.00 8.22  ? 17  SER A CB  1 
ATOM   148  O OG  . SER A 1 17  ? 3.958   4.551   6.328   1.00 7.87  ? 17  SER A OG  1 
ATOM   149  N N   . GLU A 1 18  ? 6.158   6.586   6.278   1.00 7.13  ? 18  GLU A N   1 
ATOM   150  C CA  . GLU A 1 18  ? 6.284   7.933   5.722   1.00 8.49  ? 18  GLU A CA  1 
ATOM   151  C C   . GLU A 1 18  ? 7.749   8.322   5.532   1.00 8.92  ? 18  GLU A C   1 
ATOM   152  O O   . GLU A 1 18  ? 8.111   8.894   4.490   1.00 10.51 ? 18  GLU A O   1 
ATOM   153  C CB  . GLU A 1 18  ? 5.554   8.986   6.574   1.00 8.34  ? 18  GLU A CB  1 
ATOM   154  C CG  . GLU A 1 18  ? 4.066   8.698   6.387   1.00 9.41  ? 18  GLU A CG  1 
ATOM   155  C CD  . GLU A 1 18  ? 3.138   9.493   7.329   1.00 12.33 ? 18  GLU A CD  1 
ATOM   156  O OE1 . GLU A 1 18  ? 1.903   9.398   7.170   1.00 9.62  ? 18  GLU A OE1 1 
ATOM   157  O OE2 . GLU A 1 18  ? 3.633   10.195  8.240   1.00 14.84 ? 18  GLU A OE2 1 
ATOM   158  N N   . ARG A 1 19  ? 8.595   8.026   6.520   1.00 7.87  ? 19  ARG A N   1 
ATOM   159  C CA  . ARG A 1 19  ? 10.027  8.341   6.418   1.00 9.20  ? 19  ARG A CA  1 
ATOM   160  C C   . ARG A 1 19  ? 10.623  7.697   5.155   1.00 8.46  ? 19  ARG A C   1 
ATOM   161  O O   . ARG A 1 19  ? 11.347  8.353   4.392   1.00 9.09  ? 19  ARG A O   1 
ATOM   162  C CB  . ARG A 1 19  ? 10.796  7.830   7.666   1.00 10.29 ? 19  ARG A CB  1 
ATOM   163  C CG  . ARG A 1 19  ? 12.249  8.344   7.752   1.00 10.49 ? 19  ARG A CG  1 
ATOM   164  C CD  . ARG A 1 19  ? 13.039  7.636   8.868   1.00 12.22 ? 19  ARG A CD  1 
ATOM   165  N NE  . ARG A 1 19  ? 13.177  6.198   8.635   1.00 13.68 ? 19  ARG A NE  1 
ATOM   166  C CZ  . ARG A 1 19  ? 14.052  5.635   7.805   1.00 14.44 ? 19  ARG A CZ  1 
ATOM   167  N NH1 . ARG A 1 19  ? 14.903  6.385   7.108   1.00 14.52 ? 19  ARG A NH1 1 
ATOM   168  N NH2 . ARG A 1 19  ? 14.044  4.321   7.632   1.00 14.69 ? 19  ARG A NH2 1 
ATOM   169  N N   . LEU A 1 20  ? 10.281  6.428   4.929   1.00 8.48  ? 20  LEU A N   1 
ATOM   170  C CA  . LEU A 1 20  ? 10.775  5.669   3.769   1.00 8.23  ? 20  LEU A CA  1 
ATOM   171  C C   . LEU A 1 20  ? 10.215  6.210   2.440   1.00 8.24  ? 20  LEU A C   1 
ATOM   172  O O   . LEU A 1 20  ? 10.938  6.353   1.435   1.00 8.76  ? 20  LEU A O   1 
ATOM   173  C CB  . LEU A 1 20  ? 10.370  4.187   3.906   1.00 10.14 ? 20  LEU A CB  1 
ATOM   174  C CG  . LEU A 1 20  ? 11.139  3.281   4.953   1.00 12.17 ? 20  LEU A CG  1 
ATOM   175  C CD1 . LEU A 1 20  ? 10.388  1.965   5.182   1.00 10.85 ? 20  LEU A CD1 1 
ATOM   176  C CD2 . LEU A 1 20  ? 12.579  3.048   4.494   1.00 13.78 ? 20  LEU A CD2 1 
ATOM   177  N N   . LEU A 1 21  ? 8.923   6.534   2.438   1.00 7.22  ? 21  LEU A N   1 
ATOM   178  C CA  . LEU A 1 21  ? 8.284   6.983   1.209   1.00 7.25  ? 21  LEU A CA  1 
ATOM   179  C C   . LEU A 1 21  ? 8.554   8.430   0.811   1.00 7.97  ? 21  LEU A C   1 
ATOM   180  O O   . LEU A 1 21  ? 8.413   8.792   -0.353  1.00 8.54  ? 21  LEU A O   1 
ATOM   181  C CB  . LEU A 1 21  ? 6.743   6.679   1.295   1.00 7.13  ? 21  LEU A CB  1 
ATOM   182  C CG  . LEU A 1 21  ? 6.433   5.178   1.292   1.00 6.51  ? 21  LEU A CG  1 
ATOM   183  C CD1 . LEU A 1 21  ? 5.000   4.922   1.792   1.00 8.73  ? 21  LEU A CD1 1 
ATOM   184  C CD2 . LEU A 1 21  ? 6.597   4.641   -0.104  1.00 6.92  ? 21  LEU A CD2 1 
ATOM   185  N N   . LEU A 1 22  ? 8.972   9.242   1.775   1.00 8.18  ? 22  LEU A N   1 
ATOM   186  C CA  . LEU A 1 22  ? 9.250   10.648  1.525   1.00 9.77  ? 22  LEU A CA  1 
ATOM   187  C C   . LEU A 1 22  ? 10.600  10.923  0.904   1.00 10.86 ? 22  LEU A C   1 
ATOM   188  O O   . LEU A 1 22  ? 11.002  12.061  0.775   1.00 14.07 ? 22  LEU A O   1 
ATOM   189  C CB  . LEU A 1 22  ? 9.094   11.454  2.802   1.00 11.55 ? 22  LEU A CB  1 
ATOM   190  C CG  . LEU A 1 22  ? 7.625   11.615  3.267   1.00 13.17 ? 22  LEU A CG  1 
ATOM   191  C CD1 . LEU A 1 22  ? 7.540   12.273  4.641   1.00 10.63 ? 22  LEU A CD1 1 
ATOM   192  C CD2 . LEU A 1 22  ? 6.861   12.409  2.226   1.00 14.08 ? 22  LEU A CD2 1 
ATOM   193  N N   . ASN A 1 23  ? 11.274  9.891   0.442   1.00 11.82 ? 23  ASN A N   1 
ATOM   194  C CA  . ASN A 1 23  ? 12.573  10.075  -0.198  1.00 11.45 ? 23  ASN A CA  1 
ATOM   195  C C   . ASN A 1 23  ? 12.387  10.780  -1.552  1.00 10.95 ? 23  ASN A C   1 
ATOM   196  O O   . ASN A 1 23  ? 11.580  10.337  -2.379  1.00 10.63 ? 23  ASN A O   1 
ATOM   197  C CB  . ASN A 1 23  ? 13.205  8.784   -0.356  1.00 13.65 ? 23  ASN A CB  1 
ATOM   198  C CG  . ASN A 1 23  ? 14.621  8.919   -0.795  1.00 19.24 ? 23  ASN A CG  1 
ATOM   199  O OD1 . ASN A 1 23  ? 14.884  9.402   -1.885  1.00 15.69 ? 23  ASN A OD1 1 
ATOM   200  N ND2 . ASN A 1 23  ? 15.557  8.570   0.087   1.00 22.56 ? 23  ASN A ND2 1 
ATOM   201  N N   . ALA A 1 24  ? 13.110  11.878  -1.796  1.00 10.57 ? 24  ALA A N   1 
ATOM   202  C CA  . ALA A 1 24  ? 12.969  12.656  -3.030  1.00 10.53 ? 24  ALA A CA  1 
ATOM   203  C C   . ALA A 1 24  ? 13.137  11.852  -4.308  1.00 9.75  ? 24  ALA A C   1 
ATOM   204  O O   . ALA A 1 24  ? 12.678  12.259  -5.375  1.00 10.84 ? 24  ALA A O   1 
ATOM   205  C CB  . ALA A 1 24  ? 13.942  13.816  -3.032  1.00 11.19 ? 24  ALA A CB  1 
ATOM   206  N N   . GLU A 1 25  ? 13.834  10.732  -4.199  1.00 9.01  ? 25  GLU A N   1 
ATOM   207  C CA  . GLU A 1 25  ? 14.080  9.885   -5.356  1.00 9.58  ? 25  GLU A CA  1 
ATOM   208  C C   . GLU A 1 25  ? 12.872  9.034   -5.735  1.00 9.87  ? 25  GLU A C   1 
ATOM   209  O O   . GLU A 1 25  ? 12.843  8.447   -6.814  1.00 10.07 ? 25  GLU A O   1 
ATOM   210  C CB  . GLU A 1 25  ? 15.260  8.953   -5.085  1.00 11.56 ? 25  GLU A CB  1 
ATOM   211  C CG  . GLU A 1 25  ? 16.545  9.755   -4.984  1.00 11.94 ? 25  GLU A CG  1 
ATOM   212  C CD  . GLU A 1 25  ? 17.773  8.861   -4.823  1.00 17.91 ? 25  GLU A CD  1 
ATOM   213  O OE1 . GLU A 1 25  ? 18.889  9.396   -4.884  1.00 22.03 ? 25  GLU A OE1 1 
ATOM   214  O OE2 . GLU A 1 25  ? 17.633  7.628   -4.641  1.00 21.24 ? 25  GLU A OE2 1 
ATOM   215  N N   . ASN A 1 26  ? 11.897  8.920   -4.838  1.00 8.94  ? 26  ASN A N   1 
ATOM   216  C CA  . ASN A 1 26  ? 10.726  8.084   -5.127  1.00 9.08  ? 26  ASN A CA  1 
ATOM   217  C C   . ASN A 1 26  ? 9.710   8.687   -6.102  1.00 8.74  ? 26  ASN A C   1 
ATOM   218  O O   . ASN A 1 26  ? 9.259   9.805   -5.911  1.00 9.00  ? 26  ASN A O   1 
ATOM   219  C CB  . ASN A 1 26  ? 9.938   7.759   -3.818  1.00 6.76  ? 26  ASN A CB  1 
ATOM   220  C CG  . ASN A 1 26  ? 10.722  6.891   -2.859  1.00 9.03  ? 26  ASN A CG  1 
ATOM   221  O OD1 . ASN A 1 26  ? 11.654  6.192   -3.258  1.00 8.64  ? 26  ASN A OD1 1 
ATOM   222  N ND2 . ASN A 1 26  ? 10.320  6.895   -1.585  1.00 6.79  ? 26  ASN A ND2 1 
ATOM   223  N N   . PRO A 1 27  ? 9.389   7.967   -7.195  1.00 8.87  ? 27  PRO A N   1 
ATOM   224  C CA  . PRO A 1 27  ? 8.393   8.509   -8.144  1.00 8.78  ? 27  PRO A CA  1 
ATOM   225  C C   . PRO A 1 27  ? 6.989   8.227   -7.571  1.00 8.48  ? 27  PRO A C   1 
ATOM   226  O O   . PRO A 1 27  ? 6.849   7.503   -6.552  1.00 8.25  ? 27  PRO A O   1 
ATOM   227  C CB  . PRO A 1 27  ? 8.634   7.674   -9.439  1.00 9.15  ? 27  PRO A CB  1 
ATOM   228  C CG  . PRO A 1 27  ? 9.156   6.404   -8.936  1.00 11.43 ? 27  PRO A CG  1 
ATOM   229  C CD  . PRO A 1 27  ? 10.055  6.766   -7.742  1.00 10.26 ? 27  PRO A CD  1 
ATOM   230  N N   . ARG A 1 28  ? 5.955   8.781   -8.201  1.00 7.20  ? 28  ARG A N   1 
ATOM   231  C CA  . ARG A 1 28  ? 4.593   8.536   -7.735  1.00 7.65  ? 28  ARG A CA  1 
ATOM   232  C C   . ARG A 1 28  ? 4.312   7.035   -7.781  1.00 6.95  ? 28  ARG A C   1 
ATOM   233  O O   . ARG A 1 28  ? 4.784   6.337   -8.673  1.00 8.14  ? 28  ARG A O   1 
ATOM   234  C CB  . ARG A 1 28  ? 3.602   9.244   -8.605  1.00 8.73  ? 28  ARG A CB  1 
ATOM   235  C CG  . ARG A 1 28  ? 3.687   10.736  -8.650  1.00 11.20 ? 28  ARG A CG  1 
ATOM   236  C CD  . ARG A 1 28  ? 2.661   11.204  -9.626  1.00 17.89 ? 28  ARG A CD  1 
ATOM   237  N NE  . ARG A 1 28  ? 2.678   12.653  -9.725  1.00 26.21 ? 28  ARG A NE  1 
ATOM   238  C CZ  . ARG A 1 28  ? 2.712   13.336  -10.874 1.00 29.47 ? 28  ARG A CZ  1 
ATOM   239  N NH1 . ARG A 1 28  ? 2.724   12.698  -12.053 1.00 28.18 ? 28  ARG A NH1 1 
ATOM   240  N NH2 . ARG A 1 28  ? 2.770   14.669  -10.840 1.00 27.74 ? 28  ARG A NH2 1 
ATOM   241  N N   . GLY A 1 29  ? 3.558   6.533   -6.813  1.00 6.28  ? 29  GLY A N   1 
ATOM   242  C CA  . GLY A 1 29  ? 3.239   5.116   -6.836  1.00 5.79  ? 29  GLY A CA  1 
ATOM   243  C C   . GLY A 1 29  ? 4.209   4.217   -6.106  1.00 6.56  ? 29  GLY A C   1 
ATOM   244  O O   . GLY A 1 29  ? 4.009   2.992   -6.109  1.00 7.04  ? 29  GLY A O   1 
ATOM   245  N N   . THR A 1 30  ? 5.293   4.787   -5.563  1.00 6.36  ? 30  THR A N   1 
ATOM   246  C CA  . THR A 1 30  ? 6.227   3.978   -4.769  1.00 6.64  ? 30  THR A CA  1 
ATOM   247  C C   . THR A 1 30  ? 5.380   3.493   -3.583  1.00 6.31  ? 30  THR A C   1 
ATOM   248  O O   . THR A 1 30  ? 4.585   4.240   -3.018  1.00 7.14  ? 30  THR A O   1 
ATOM   249  C CB  . THR A 1 30  ? 7.435   4.829   -4.311  1.00 5.89  ? 30  THR A CB  1 
ATOM   250  O OG1 . THR A 1 30  ? 8.138   5.304   -5.467  1.00 6.54  ? 30  THR A OG1 1 
ATOM   251  C CG2 . THR A 1 30  ? 8.366   3.978   -3.489  1.00 6.74  ? 30  THR A CG2 1 
ATOM   252  N N   . PHE A 1 31  ? 5.540   2.247   -3.185  1.00 6.78  ? 31  PHE A N   1 
ATOM   253  C CA  . PHE A 1 31  ? 4.660   1.736   -2.149  1.00 6.56  ? 31  PHE A CA  1 
ATOM   254  C C   . PHE A 1 31  ? 5.232   0.608   -1.309  1.00 7.09  ? 31  PHE A C   1 
ATOM   255  O O   . PHE A 1 31  ? 6.299   0.049   -1.596  1.00 6.95  ? 31  PHE A O   1 
ATOM   256  C CB  . PHE A 1 31  ? 3.355   1.199   -2.866  1.00 7.82  ? 31  PHE A CB  1 
ATOM   257  C CG  . PHE A 1 31  ? 3.546   -0.162  -3.528  1.00 8.53  ? 31  PHE A CG  1 
ATOM   258  C CD1 . PHE A 1 31  ? 3.182   -1.355  -2.850  1.00 7.38  ? 31  PHE A CD1 1 
ATOM   259  C CD2 . PHE A 1 31  ? 4.163   -0.267  -4.779  1.00 7.79  ? 31  PHE A CD2 1 
ATOM   260  C CE1 . PHE A 1 31  ? 3.446   -2.616  -3.408  1.00 7.21  ? 31  PHE A CE1 1 
ATOM   261  C CE2 . PHE A 1 31  ? 4.430   -1.544  -5.349  1.00 7.24  ? 31  PHE A CE2 1 
ATOM   262  C CZ  . PHE A 1 31  ? 4.072   -2.709  -4.657  1.00 6.94  ? 31  PHE A CZ  1 
ATOM   263  N N   . LEU A 1 32  ? 4.443   0.243   -0.302  1.00 6.61  ? 32  LEU A N   1 
ATOM   264  C CA  . LEU A 1 32  ? 4.752   -0.877  0.591   1.00 6.65  ? 32  LEU A CA  1 
ATOM   265  C C   . LEU A 1 32  ? 3.459   -1.276  1.293   1.00 7.04  ? 32  LEU A C   1 
ATOM   266  O O   . LEU A 1 32  ? 2.488   -0.499  1.292   1.00 6.92  ? 32  LEU A O   1 
ATOM   267  C CB  . LEU A 1 32  ? 5.823   -0.491  1.639   1.00 5.73  ? 32  LEU A CB  1 
ATOM   268  C CG  . LEU A 1 32  ? 5.530   0.675   2.627   1.00 6.26  ? 32  LEU A CG  1 
ATOM   269  C CD1 . LEU A 1 32  ? 4.760   0.163   3.835   1.00 6.96  ? 32  LEU A CD1 1 
ATOM   270  C CD2 . LEU A 1 32  ? 6.825   1.302   3.056   1.00 6.43  ? 32  LEU A CD2 1 
ATOM   271  N N   . VAL A 1 33  ? 3.414   -2.503  1.800   1.00 7.19  ? 33  VAL A N   1 
ATOM   272  C CA  . VAL A 1 33  ? 2.251   -2.981  2.561   1.00 7.43  ? 33  VAL A CA  1 
ATOM   273  C C   . VAL A 1 33  ? 2.810   -3.299  3.942   1.00 8.15  ? 33  VAL A C   1 
ATOM   274  O O   . VAL A 1 33  ? 3.916   -3.825  4.071   1.00 9.19  ? 33  VAL A O   1 
ATOM   275  C CB  . VAL A 1 33  ? 1.629   -4.239  1.930   1.00 7.29  ? 33  VAL A CB  1 
ATOM   276  C CG1 . VAL A 1 33  ? 0.488   -4.765  2.808   1.00 7.30  ? 33  VAL A CG1 1 
ATOM   277  C CG2 . VAL A 1 33  ? 1.104   -3.898  0.531   1.00 9.62  ? 33  VAL A CG2 1 
ATOM   278  N N   . ARG A 1 34  ? 2.071   -2.943  4.975   1.00 7.53  ? 34  ARG A N   1 
ATOM   279  C CA  . ARG A 1 34  ? 2.525   -3.149  6.341   1.00 8.19  ? 34  ARG A CA  1 
ATOM   280  C C   . ARG A 1 34  ? 1.307   -3.472  7.192   1.00 8.19  ? 34  ARG A C   1 
ATOM   281  O O   . ARG A 1 34  ? 0.176   -3.442  6.708   1.00 8.67  ? 34  ARG A O   1 
ATOM   282  C CB  . ARG A 1 34  ? 3.192   -1.844  6.852   1.00 6.67  ? 34  ARG A CB  1 
ATOM   283  C CG  . ARG A 1 34  ? 2.220   -0.649  6.816   1.00 6.84  ? 34  ARG A CG  1 
ATOM   284  C CD  . ARG A 1 34  ? 2.784   0.613   7.440   1.00 6.25  ? 34  ARG A CD  1 
ATOM   285  N NE  . ARG A 1 34  ? 1.953   1.800   7.218   1.00 6.39  ? 34  ARG A NE  1 
ATOM   286  C CZ  . ARG A 1 34  ? 0.960   2.176   8.018   1.00 7.66  ? 34  ARG A CZ  1 
ATOM   287  N NH1 . ARG A 1 34  ? 0.260   3.278   7.727   1.00 7.97  ? 34  ARG A NH1 1 
ATOM   288  N NH2 . ARG A 1 34  ? 0.673   1.463   9.109   1.00 9.51  ? 34  ARG A NH2 1 
ATOM   289  N N   . GLU A 1 35  ? 1.527   -3.847  8.444   1.00 8.88  ? 35  GLU A N   1 
ATOM   290  C CA  . GLU A 1 35  ? 0.386   -4.100  9.316   1.00 9.30  ? 35  GLU A CA  1 
ATOM   291  C C   . GLU A 1 35  ? -0.217  -2.753  9.694   1.00 9.20  ? 35  GLU A C   1 
ATOM   292  O O   . GLU A 1 35  ? 0.469   -1.714  9.695   1.00 9.59  ? 35  GLU A O   1 
ATOM   293  C CB  . GLU A 1 35  ? 0.825   -4.765  10.619  1.00 10.84 ? 35  GLU A CB  1 
ATOM   294  C CG  . GLU A 1 35  ? 1.377   -6.160  10.512  1.00 13.28 ? 35  GLU A CG  1 
ATOM   295  C CD  . GLU A 1 35  ? 1.856   -6.684  11.860  1.00 17.34 ? 35  GLU A CD  1 
ATOM   296  O OE1 . GLU A 1 35  ? 2.408   -7.812  11.897  1.00 18.27 ? 35  GLU A OE1 1 
ATOM   297  O OE2 . GLU A 1 35  ? 1.690   -5.960  12.883  1.00 17.34 ? 35  GLU A OE2 1 
ATOM   298  N N   . SER A 1 36  ? -1.526  -2.769  9.943   1.00 9.95  ? 36  SER A N   1 
ATOM   299  C CA  . SER A 1 36  ? -2.215  -1.592  10.422  1.00 10.24 ? 36  SER A CA  1 
ATOM   300  C C   . SER A 1 36  ? -1.716  -1.439  11.878  1.00 10.89 ? 36  SER A C   1 
ATOM   301  O O   . SER A 1 36  ? -1.520  -2.451  12.584  1.00 10.92 ? 36  SER A O   1 
ATOM   302  C CB  . SER A 1 36  ? -3.740  -1.874  10.451  1.00 11.58 ? 36  SER A CB  1 
ATOM   303  O OG  . SER A 1 36  ? -4.398  -0.948  11.292  1.00 11.97 ? 36  SER A OG  1 
ATOM   304  N N   . GLU A 1 37  ? -1.525  -0.208  12.341  1.00 10.32 ? 37  GLU A N   1 
ATOM   305  C CA  . GLU A 1 37  ? -1.066  0.003   13.713  1.00 12.44 ? 37  GLU A CA  1 
ATOM   306  C C   . GLU A 1 37  ? -2.101  -0.454  14.731  1.00 14.80 ? 37  GLU A C   1 
ATOM   307  O O   . GLU A 1 37  ? -1.759  -1.098  15.743  1.00 14.16 ? 37  GLU A O   1 
ATOM   308  C CB  . GLU A 1 37  ? -0.782  1.474   13.999  1.00 11.71 ? 37  GLU A CB  1 
ATOM   309  C CG  . GLU A 1 37  ? 0.537   1.909   13.413  1.00 10.13 ? 37  GLU A CG  1 
ATOM   310  C CD  . GLU A 1 37  ? 0.851   3.352   13.716  1.00 11.80 ? 37  GLU A CD  1 
ATOM   311  O OE1 . GLU A 1 37  ? 0.067   4.044   14.411  1.00 11.06 ? 37  GLU A OE1 1 
ATOM   312  O OE2 . GLU A 1 37  ? 1.919   3.814   13.280  1.00 10.53 ? 37  GLU A OE2 1 
ATOM   313  N N   . THR A 1 38  ? -3.365  -0.134  14.472  1.00 15.95 ? 38  THR A N   1 
ATOM   314  C CA  . THR A 1 38  ? -4.372  -0.464  15.454  1.00 17.58 ? 38  THR A CA  1 
ATOM   315  C C   . THR A 1 38  ? -5.493  -1.420  15.027  1.00 19.11 ? 38  THR A C   1 
ATOM   316  O O   . THR A 1 38  ? -6.272  -1.880  15.883  1.00 19.78 ? 38  THR A O   1 
ATOM   317  C CB  . THR A 1 38  ? -4.975  0.845   16.009  1.00 18.92 ? 38  THR A CB  1 
ATOM   318  O OG1 . THR A 1 38  ? -5.580  1.571   14.933  1.00 19.44 ? 38  THR A OG1 1 
ATOM   319  C CG2 . THR A 1 38  ? -3.880  1.750   16.645  1.00 19.69 ? 38  THR A CG2 1 
ATOM   320  N N   . THR A 1 39  ? -5.632  -1.708  13.736  1.00 18.74 ? 39  THR A N   1 
ATOM   321  C CA  . THR A 1 39  ? -6.696  -2.627  13.324  1.00 19.91 ? 39  THR A CA  1 
ATOM   322  C C   . THR A 1 39  ? -6.177  -4.056  13.197  1.00 19.89 ? 39  THR A C   1 
ATOM   323  O O   . THR A 1 39  ? -5.459  -4.378  12.249  1.00 19.72 ? 39  THR A O   1 
ATOM   324  C CB  . THR A 1 39  ? -7.346  -2.183  12.016  1.00 20.31 ? 39  THR A CB  1 
ATOM   325  O OG1 . THR A 1 39  ? -7.816  -0.842  12.161  1.00 21.44 ? 39  THR A OG1 1 
ATOM   326  C CG2 . THR A 1 39  ? -8.529  -3.110  11.663  1.00 20.39 ? 39  THR A CG2 1 
ATOM   327  N N   . LYS A 1 40  ? -6.510  -4.905  14.173  1.00 20.70 ? 40  LYS A N   1 
ATOM   328  C CA  . LYS A 1 40  ? -6.040  -6.276  14.128  1.00 21.35 ? 40  LYS A CA  1 
ATOM   329  C C   . LYS A 1 40  ? -6.539  -6.965  12.857  1.00 20.93 ? 40  LYS A C   1 
ATOM   330  O O   . LYS A 1 40  ? -7.646  -6.699  12.354  1.00 20.79 ? 40  LYS A O   1 
ATOM   331  C CB  . LYS A 1 40  ? -6.461  -7.083  15.427  1.00 24.64 ? 40  LYS A CB  1 
ATOM   332  C CG  . LYS A 1 40  ? -7.924  -7.470  15.469  1.00 31.12 ? 40  LYS A CG  1 
ATOM   333  C CD  . LYS A 1 40  ? -8.934  -6.328  15.181  1.00 37.11 ? 40  LYS A CD  1 
ATOM   334  C CE  . LYS A 1 40  ? -9.979  -6.455  14.041  1.00 39.73 ? 40  LYS A CE  1 
ATOM   335  N NZ  . LYS A 1 40  ? -10.797 -5.211  13.893  1.00 42.10 ? 40  LYS A NZ  1 
ATOM   336  N N   . GLY A 1 41  ? -5.659  -7.782  12.293  1.00 20.64 ? 41  GLY A N   1 
ATOM   337  C CA  . GLY A 1 41  ? -6.002  -8.508  11.091  1.00 20.59 ? 41  GLY A CA  1 
ATOM   338  C C   . GLY A 1 41  ? -6.062  -7.661  9.836   1.00 20.09 ? 41  GLY A C   1 
ATOM   339  O O   . GLY A 1 41  ? -6.328  -8.220  8.754   1.00 20.75 ? 41  GLY A O   1 
ATOM   340  N N   . ALA A 1 42  ? -5.836  -6.347  9.948   1.00 18.12 ? 42  ALA A N   1 
ATOM   341  C CA  . ALA A 1 42  ? -5.863  -5.479  8.769   1.00 15.31 ? 42  ALA A CA  1 
ATOM   342  C C   . ALA A 1 42  ? -4.468  -5.027  8.366   1.00 14.35 ? 42  ALA A C   1 
ATOM   343  O O   . ALA A 1 42  ? -3.559  -4.960  9.211   1.00 13.90 ? 42  ALA A O   1 
ATOM   344  C CB  . ALA A 1 42  ? -6.728  -4.280  8.996   1.00 14.49 ? 42  ALA A CB  1 
ATOM   345  N N   . TYR A 1 43  ? -4.316  -4.710  7.077   1.00 11.98 ? 43  TYR A N   1 
ATOM   346  C CA  . TYR A 1 43  ? -3.042  -4.241  6.539   1.00 11.39 ? 43  TYR A CA  1 
ATOM   347  C C   . TYR A 1 43  ? -3.193  -2.819  6.082   1.00 9.79  ? 43  TYR A C   1 
ATOM   348  O O   . TYR A 1 43  ? -4.308  -2.316  5.969   1.00 9.50  ? 43  TYR A O   1 
ATOM   349  C CB  . TYR A 1 43  ? -2.603  -5.086  5.357   1.00 13.11 ? 43  TYR A CB  1 
ATOM   350  C CG  . TYR A 1 43  ? -2.418  -6.522  5.727   1.00 14.09 ? 43  TYR A CG  1 
ATOM   351  C CD1 . TYR A 1 43  ? -3.388  -7.471  5.402   1.00 17.47 ? 43  TYR A CD1 1 
ATOM   352  C CD2 . TYR A 1 43  ? -1.312  -6.915  6.464   1.00 17.16 ? 43  TYR A CD2 1 
ATOM   353  C CE1 . TYR A 1 43  ? -3.256  -8.785  5.808   1.00 21.46 ? 43  TYR A CE1 1 
ATOM   354  C CE2 . TYR A 1 43  ? -1.163  -8.219  6.871   1.00 22.04 ? 43  TYR A CE2 1 
ATOM   355  C CZ  . TYR A 1 43  ? -2.141  -9.148  6.547   1.00 24.23 ? 43  TYR A CZ  1 
ATOM   356  O OH  . TYR A 1 43  ? -1.986  -10.451 6.976   1.00 29.46 ? 43  TYR A OH  1 
ATOM   357  N N   . CYS A 1 44  ? -2.072  -2.183  5.790   1.00 9.08  ? 44  CYS A N   1 
ATOM   358  C CA  . CYS A 1 44  ? -2.097  -0.822  5.326   1.00 9.78  ? 44  CYS A CA  1 
ATOM   359  C C   . CYS A 1 44  ? -1.221  -0.721  4.098   1.00 8.86  ? 44  CYS A C   1 
ATOM   360  O O   . CYS A 1 44  ? -0.101  -1.223  4.123   1.00 8.51  ? 44  CYS A O   1 
ATOM   361  C CB  . CYS A 1 44  ? -1.535  0.015   6.340   1.00 14.44 ? 44  CYS A CB  1 
ATOM   362  S SG  . CYS A 1 44  ? -2.205  1.677   6.242   1.00 31.58 ? 44  CYS A SG  1 
ATOM   363  N N   . LEU A 1 45  ? -1.761  -0.161  3.016   1.00 6.95  ? 45  LEU A N   1 
ATOM   364  C CA  . LEU A 1 45  ? -1.007  0.060   1.775   1.00 7.11  ? 45  LEU A CA  1 
ATOM   365  C C   . LEU A 1 45  ? -0.557  1.523   1.839   1.00 7.19  ? 45  LEU A C   1 
ATOM   366  O O   . LEU A 1 45  ? -1.398  2.418   1.794   1.00 6.16  ? 45  LEU A O   1 
ATOM   367  C CB  . LEU A 1 45  ? -1.931  -0.129  0.554   1.00 8.23  ? 45  LEU A CB  1 
ATOM   368  C CG  . LEU A 1 45  ? -1.425  0.253   -0.897  1.00 7.86  ? 45  LEU A CG  1 
ATOM   369  C CD1 . LEU A 1 45  ? -0.177  -0.574  -1.296  1.00 6.68  ? 45  LEU A CD1 1 
ATOM   370  C CD2 . LEU A 1 45  ? -2.578  0.003   -1.908  1.00 7.34  ? 45  LEU A CD2 1 
ATOM   371  N N   . SER A 1 46  ? 0.746   1.778   1.946   1.00 6.08  ? 46  SER A N   1 
ATOM   372  C CA  . SER A 1 46  ? 1.259   3.141   2.025   1.00 7.11  ? 46  SER A CA  1 
ATOM   373  C C   . SER A 1 46  ? 1.859   3.488   0.664   1.00 6.46  ? 46  SER A C   1 
ATOM   374  O O   . SER A 1 46  ? 2.687   2.724   0.136   1.00 6.66  ? 46  SER A O   1 
ATOM   375  C CB  . SER A 1 46  ? 2.229   3.234   3.157   1.00 7.28  ? 46  SER A CB  1 
ATOM   376  O OG  . SER A 1 46  ? 1.547   2.933   4.360   1.00 6.56  ? 46  SER A OG  1 
ATOM   377  N N   . VAL A 1 47  ? 1.454   4.635   0.109   1.00 6.67  ? 47  VAL A N   1 
ATOM   378  C CA  . VAL A 1 47  ? 1.814   5.015   -1.276  1.00 7.30  ? 47  VAL A CA  1 
ATOM   379  C C   . VAL A 1 47  ? 2.275   6.448   -1.398  1.00 7.88  ? 47  VAL A C   1 
ATOM   380  O O   . VAL A 1 47  ? 1.676   7.369   -0.802  1.00 8.01  ? 47  VAL A O   1 
ATOM   381  C CB  . VAL A 1 47  ? 0.542   4.871   -2.216  1.00 6.37  ? 47  VAL A CB  1 
ATOM   382  C CG1 . VAL A 1 47  ? 0.919   5.063   -3.714  1.00 6.58  ? 47  VAL A CG1 1 
ATOM   383  C CG2 . VAL A 1 47  ? -0.139  3.518   -2.008  1.00 7.48  ? 47  VAL A CG2 1 
ATOM   384  N N   . SER A 1 48  ? 3.330   6.641   -2.184  1.00 7.69  ? 48  SER A N   1 
ATOM   385  C CA  . SER A 1 48  ? 3.835   7.995   -2.394  1.00 9.48  ? 48  SER A CA  1 
ATOM   386  C C   . SER A 1 48  ? 3.074   8.644   -3.555  1.00 10.35 ? 48  SER A C   1 
ATOM   387  O O   . SER A 1 48  ? 2.637   7.954   -4.505  1.00 9.43  ? 48  SER A O   1 
ATOM   388  C CB  . SER A 1 48  ? 5.383   7.992   -2.695  1.00 8.65  ? 48  SER A CB  1 
ATOM   389  O OG  . SER A 1 48  ? 5.654   7.501   -3.993  1.00 10.39 ? 48  SER A OG  1 
ATOM   390  N N   . ASP A 1 49  ? 2.883   9.960   -3.447  1.00 10.72 ? 49  ASP A N   1 
ATOM   391  C CA  . ASP A 1 49  ? 2.235   10.731  -4.493  1.00 10.96 ? 49  ASP A CA  1 
ATOM   392  C C   . ASP A 1 49  ? 3.050   12.015  -4.620  1.00 11.65 ? 49  ASP A C   1 
ATOM   393  O O   . ASP A 1 49  ? 3.907   12.321  -3.796  1.00 11.88 ? 49  ASP A O   1 
ATOM   394  C CB  . ASP A 1 49  ? 0.816   11.104  -4.120  1.00 13.26 ? 49  ASP A CB  1 
ATOM   395  C CG  . ASP A 1 49  ? -0.002  11.591  -5.321  1.00 14.72 ? 49  ASP A CG  1 
ATOM   396  O OD1 . ASP A 1 49  ? 0.426   11.432  -6.507  1.00 15.84 ? 49  ASP A OD1 1 
ATOM   397  O OD2 . ASP A 1 49  ? -1.112  12.096  -5.078  1.00 14.83 ? 49  ASP A OD2 1 
ATOM   398  N N   . PHE A 1 50  ? 2.776   12.757  -5.672  1.00 12.04 ? 50  PHE A N   1 
ATOM   399  C CA  . PHE A 1 50  ? 3.461   14.000  -5.885  1.00 12.95 ? 50  PHE A CA  1 
ATOM   400  C C   . PHE A 1 50  ? 2.599   14.923  -6.729  1.00 13.98 ? 50  PHE A C   1 
ATOM   401  O O   . PHE A 1 50  ? 1.949   14.477  -7.672  1.00 14.18 ? 50  PHE A O   1 
ATOM   402  C CB  . PHE A 1 50  ? 4.788   13.751  -6.664  1.00 12.49 ? 50  PHE A CB  1 
ATOM   403  C CG  . PHE A 1 50  ? 5.488   15.018  -7.039  1.00 13.08 ? 50  PHE A CG  1 
ATOM   404  C CD1 . PHE A 1 50  ? 5.150   15.680  -8.226  1.00 12.21 ? 50  PHE A CD1 1 
ATOM   405  C CD2 . PHE A 1 50  ? 6.391   15.610  -6.165  1.00 13.39 ? 50  PHE A CD2 1 
ATOM   406  C CE1 . PHE A 1 50  ? 5.699   16.921  -8.534  1.00 13.12 ? 50  PHE A CE1 1 
ATOM   407  C CE2 . PHE A 1 50  ? 6.949   16.861  -6.468  1.00 15.17 ? 50  PHE A CE2 1 
ATOM   408  C CZ  . PHE A 1 50  ? 6.590   17.514  -7.670  1.00 12.99 ? 50  PHE A CZ  1 
ATOM   409  N N   . ASP A 1 51  ? 2.513   16.179  -6.321  1.00 15.45 ? 51  ASP A N   1 
ATOM   410  C CA  . ASP A 1 51  ? 1.873   17.189  -7.157  1.00 17.79 ? 51  ASP A CA  1 
ATOM   411  C C   . ASP A 1 51  ? 2.513   18.541  -6.843  1.00 19.16 ? 51  ASP A C   1 
ATOM   412  O O   . ASP A 1 51  ? 3.299   18.655  -5.887  1.00 18.73 ? 51  ASP A O   1 
ATOM   413  C CB  . ASP A 1 51  ? 0.293   17.152  -7.168  1.00 20.55 ? 51  ASP A CB  1 
ATOM   414  C CG  . ASP A 1 51  ? -0.327  17.482  -5.844  1.00 23.89 ? 51  ASP A CG  1 
ATOM   415  O OD1 . ASP A 1 51  ? -1.341  16.831  -5.476  1.00 26.85 ? 51  ASP A OD1 1 
ATOM   416  O OD2 . ASP A 1 51  ? 0.160   18.420  -5.209  1.00 24.88 ? 51  ASP A OD2 1 
ATOM   417  N N   . ASN A 1 52  ? 2.294   19.536  -7.697  1.00 20.79 ? 52  ASN A N   1 
ATOM   418  C CA  . ASN A 1 52  ? 2.923   20.831  -7.461  1.00 23.05 ? 52  ASN A CA  1 
ATOM   419  C C   . ASN A 1 52  ? 2.366   21.476  -6.208  1.00 24.63 ? 52  ASN A C   1 
ATOM   420  O O   . ASN A 1 52  ? 3.086   22.188  -5.514  1.00 25.76 ? 52  ASN A O   1 
ATOM   421  C CB  . ASN A 1 52  ? 2.752   21.785  -8.681  1.00 24.11 ? 52  ASN A CB  1 
ATOM   422  C CG  . ASN A 1 52  ? 3.490   21.291  -9.919  1.00 24.22 ? 52  ASN A CG  1 
ATOM   423  O OD1 . ASN A 1 52  ? 4.474   20.544  -9.816  1.00 23.10 ? 52  ASN A OD1 1 
ATOM   424  N ND2 . ASN A 1 52  ? 3.008   21.682  -11.093 1.00 23.23 ? 52  ASN A ND2 1 
ATOM   425  N N   . ALA A 1 53  ? 1.091   21.180  -5.919  1.00 25.95 ? 53  ALA A N   1 
ATOM   426  C CA  . ALA A 1 53  ? 0.380   21.701  -4.733  1.00 26.51 ? 53  ALA A CA  1 
ATOM   427  C C   . ALA A 1 53  ? 1.029   21.258  -3.418  1.00 26.52 ? 53  ALA A C   1 
ATOM   428  O O   . ALA A 1 53  ? 1.466   22.086  -2.621  1.00 27.83 ? 53  ALA A O   1 
ATOM   429  C CB  . ALA A 1 53  ? -1.112  21.259  -4.756  1.00 25.87 ? 53  ALA A CB  1 
ATOM   430  N N   . LYS A 1 54  ? 1.103   19.947  -3.216  1.00 25.59 ? 54  LYS A N   1 
ATOM   431  C CA  . LYS A 1 54  ? 1.652   19.354  -1.997  1.00 24.21 ? 54  LYS A CA  1 
ATOM   432  C C   . LYS A 1 54  ? 3.077   18.850  -2.139  1.00 22.65 ? 54  LYS A C   1 
ATOM   433  O O   . LYS A 1 54  ? 3.753   18.609  -1.134  1.00 23.10 ? 54  LYS A O   1 
ATOM   434  C CB  . LYS A 1 54  ? 0.789   18.153  -1.555  1.00 24.87 ? 54  LYS A CB  1 
ATOM   435  C CG  . LYS A 1 54  ? -0.691  18.388  -1.395  1.00 28.27 ? 54  LYS A CG  1 
ATOM   436  C CD  . LYS A 1 54  ? -1.268  17.155  -0.736  1.00 32.62 ? 54  LYS A CD  1 
ATOM   437  C CE  . LYS A 1 54  ? -2.614  17.504  -0.105  1.00 36.74 ? 54  LYS A CE  1 
ATOM   438  N NZ  . LYS A 1 54  ? -2.794  16.885  1.261   1.00 41.36 ? 54  LYS A NZ  1 
ATOM   439  N N   . GLY A 1 55  ? 3.536   18.670  -3.373  1.00 20.40 ? 55  GLY A N   1 
ATOM   440  C CA  . GLY A 1 55  ? 4.864   18.128  -3.544  1.00 17.10 ? 55  GLY A CA  1 
ATOM   441  C C   . GLY A 1 55  ? 4.774   16.647  -3.198  1.00 14.24 ? 55  GLY A C   1 
ATOM   442  O O   . GLY A 1 55  ? 3.690   16.063  -3.309  1.00 12.76 ? 55  GLY A O   1 
ATOM   443  N N   . LEU A 1 56  ? 5.877   16.079  -2.708  1.00 12.61 ? 56  LEU A N   1 
ATOM   444  C CA  . LEU A 1 56  ? 5.929   14.647  -2.372  1.00 12.61 ? 56  LEU A CA  1 
ATOM   445  C C   . LEU A 1 56  ? 5.180   14.397  -1.072  1.00 11.46 ? 56  LEU A C   1 
ATOM   446  O O   . LEU A 1 56  ? 5.383   15.107  -0.079  1.00 11.41 ? 56  LEU A O   1 
ATOM   447  C CB  . LEU A 1 56  ? 7.439   14.161  -2.292  1.00 13.84 ? 56  LEU A CB  1 
ATOM   448  C CG  . LEU A 1 56  ? 7.842   12.656  -2.019  1.00 14.46 ? 56  LEU A CG  1 
ATOM   449  C CD1 . LEU A 1 56  ? 7.104   11.727  -2.894  1.00 14.54 ? 56  LEU A CD1 1 
ATOM   450  C CD2 . LEU A 1 56  ? 9.312   12.460  -2.218  1.00 17.14 ? 56  LEU A CD2 1 
ATOM   451  N N   . ASN A 1 57  ? 4.242   13.461  -1.101  1.00 9.88  ? 57  ASN A N   1 
ATOM   452  C CA  . ASN A 1 57  ? 3.462   13.193  0.084   1.00 9.89  ? 57  ASN A CA  1 
ATOM   453  C C   . ASN A 1 57  ? 3.047   11.749  0.086   1.00 9.34  ? 57  ASN A C   1 
ATOM   454  O O   . ASN A 1 57  ? 3.251   11.058  -0.910  1.00 10.17 ? 57  ASN A O   1 
ATOM   455  C CB  . ASN A 1 57  ? 2.219   14.167  0.189   1.00 11.57 ? 57  ASN A CB  1 
ATOM   456  C CG  . ASN A 1 57  ? 1.234   13.987  -0.941  1.00 11.59 ? 57  ASN A CG  1 
ATOM   457  O OD1 . ASN A 1 57  ? 0.220   13.325  -0.783  1.00 15.77 ? 57  ASN A OD1 1 
ATOM   458  N ND2 . ASN A 1 57  ? 1.542   14.549  -2.092  1.00 11.83 ? 57  ASN A ND2 1 
ATOM   459  N N   . VAL A 1 58  ? 2.449   11.294  1.186   1.00 8.89  ? 58  VAL A N   1 
ATOM   460  C CA  . VAL A 1 58  ? 2.076   9.889   1.337   1.00 7.78  ? 58  VAL A CA  1 
ATOM   461  C C   . VAL A 1 58  ? 0.621   9.676   1.727   1.00 8.62  ? 58  VAL A C   1 
ATOM   462  O O   . VAL A 1 58  ? 0.066   10.447  2.524   1.00 8.47  ? 58  VAL A O   1 
ATOM   463  C CB  . VAL A 1 58  ? 2.985   9.235   2.435   1.00 8.24  ? 58  VAL A CB  1 
ATOM   464  C CG1 . VAL A 1 58  ? 2.713   7.716   2.575   1.00 8.41  ? 58  VAL A CG1 1 
ATOM   465  C CG2 . VAL A 1 58  ? 4.448   9.511   2.130   1.00 7.53  ? 58  VAL A CG2 1 
ATOM   466  N N   . LYS A 1 59  ? 0.010   8.641   1.151   1.00 7.67  ? 59  LYS A N   1 
ATOM   467  C CA  . LYS A 1 59  ? -1.360  8.266   1.455   1.00 7.93  ? 59  LYS A CA  1 
ATOM   468  C C   . LYS A 1 59  ? -1.360  6.838   2.000   1.00 7.76  ? 59  LYS A C   1 
ATOM   469  O O   . LYS A 1 59  ? -0.490  6.030   1.646   1.00 7.52  ? 59  LYS A O   1 
ATOM   470  C CB  . LYS A 1 59  ? -2.205  8.321   0.234   1.00 9.02  ? 59  LYS A CB  1 
ATOM   471  C CG  . LYS A 1 59  ? -2.424  9.751   -0.296  1.00 13.73 ? 59  LYS A CG  1 
ATOM   472  C CD  . LYS A 1 59  ? -3.241  10.630  0.649   1.00 18.68 ? 59  LYS A CD  1 
ATOM   473  C CE  . LYS A 1 59  ? -3.741  11.945  0.081   1.00 21.92 ? 59  LYS A CE  1 
ATOM   474  N NZ  . LYS A 1 59  ? -4.254  12.918  1.097   1.00 24.85 ? 59  LYS A NZ  1 
ATOM   475  N N   . HIS A 1 60  ? -2.331  6.528   2.853   1.00 6.62  ? 60  HIS A N   1 
ATOM   476  C CA  . HIS A 1 60  ? -2.453  5.196   3.450   1.00 7.92  ? 60  HIS A CA  1 
ATOM   477  C C   . HIS A 1 60  ? -3.856  4.678   3.210   1.00 8.05  ? 60  HIS A C   1 
ATOM   478  O O   . HIS A 1 60  ? -4.810  5.449   3.331   1.00 8.44  ? 60  HIS A O   1 
ATOM   479  C CB  . HIS A 1 60  ? -2.172  5.283   4.981   1.00 5.70  ? 60  HIS A CB  1 
ATOM   480  C CG  . HIS A 1 60  ? -0.855  5.931   5.312   1.00 7.42  ? 60  HIS A CG  1 
ATOM   481  N ND1 . HIS A 1 60  ? 0.350   5.258   5.261   1.00 6.47  ? 60  HIS A ND1 1 
ATOM   482  C CD2 . HIS A 1 60  ? -0.554  7.200   5.674   1.00 8.02  ? 60  HIS A CD2 1 
ATOM   483  C CE1 . HIS A 1 60  ? 1.332   6.082   5.562   1.00 7.30  ? 60  HIS A CE1 1 
ATOM   484  N NE2 . HIS A 1 60  ? 0.811   7.274   5.814   1.00 8.27  ? 60  HIS A NE2 1 
ATOM   485  N N   . TYR A 1 61  ? -3.957  3.420   2.779   1.00 7.08  ? 61  TYR A N   1 
ATOM   486  C CA  . TYR A 1 61  ? -5.239  2.759   2.486   1.00 7.71  ? 61  TYR A CA  1 
ATOM   487  C C   . TYR A 1 61  ? -5.330  1.456   3.265   1.00 8.10  ? 61  TYR A C   1 
ATOM   488  O O   . TYR A 1 61  ? -4.425  0.619   3.229   1.00 8.84  ? 61  TYR A O   1 
ATOM   489  C CB  . TYR A 1 61  ? -5.348  2.446   0.993   1.00 6.71  ? 61  TYR A CB  1 
ATOM   490  C CG  . TYR A 1 61  ? -5.122  3.673   0.165   1.00 5.78  ? 61  TYR A CG  1 
ATOM   491  C CD1 . TYR A 1 61  ? -3.863  3.955   -0.364  1.00 6.22  ? 61  TYR A CD1 1 
ATOM   492  C CD2 . TYR A 1 61  ? -6.161  4.581   -0.077  1.00 6.43  ? 61  TYR A CD2 1 
ATOM   493  C CE1 . TYR A 1 61  ? -3.636  5.120   -1.089  1.00 6.94  ? 61  TYR A CE1 1 
ATOM   494  C CE2 . TYR A 1 61  ? -5.948  5.763   -0.810  1.00 7.26  ? 61  TYR A CE2 1 
ATOM   495  C CZ  . TYR A 1 61  ? -4.687  6.022   -1.321  1.00 7.64  ? 61  TYR A CZ  1 
ATOM   496  O OH  . TYR A 1 61  ? -4.472  7.142   -2.072  1.00 8.61  ? 61  TYR A OH  1 
ATOM   497  N N   . LYS A 1 62  ? -6.446  1.245   3.934   1.00 7.73  ? 62  LYS A N   1 
ATOM   498  C CA  . LYS A 1 62  ? -6.588  0.041   4.722   1.00 8.50  ? 62  LYS A CA  1 
ATOM   499  C C   . LYS A 1 62  ? -7.022  -1.116  3.871   1.00 7.95  ? 62  LYS A C   1 
ATOM   500  O O   . LYS A 1 62  ? -7.941  -0.995  3.079   1.00 7.97  ? 62  LYS A O   1 
ATOM   501  C CB  . LYS A 1 62  ? -7.598  0.274   5.861   1.00 10.49 ? 62  LYS A CB  1 
ATOM   502  C CG  . LYS A 1 62  ? -7.567  -0.935  6.799   1.00 15.37 ? 62  LYS A CG  1 
ATOM   503  C CD  . LYS A 1 62  ? -8.205  -0.617  8.142   1.00 18.50 ? 62  LYS A CD  1 
ATOM   504  C CE  . LYS A 1 62  ? -7.338  0.418   8.811   1.00 22.93 ? 62  LYS A CE  1 
ATOM   505  N NZ  . LYS A 1 62  ? -7.969  0.862   10.085  1.00 26.96 ? 62  LYS A NZ  1 
ATOM   506  N N   . ILE A 1 63  ? -6.372  -2.248  4.061   1.00 8.34  ? 63  ILE A N   1 
ATOM   507  C CA  . ILE A 1 63  ? -6.708  -3.461  3.346   1.00 9.23  ? 63  ILE A CA  1 
ATOM   508  C C   . ILE A 1 63  ? -7.321  -4.412  4.372   1.00 10.14 ? 63  ILE A C   1 
ATOM   509  O O   . ILE A 1 63  ? -6.703  -4.718  5.395   1.00 9.16  ? 63  ILE A O   1 
ATOM   510  C CB  . ILE A 1 63  ? -5.451  -4.142  2.742   1.00 9.07  ? 63  ILE A CB  1 
ATOM   511  C CG1 . ILE A 1 63  ? -4.837  -3.247  1.663   1.00 8.47  ? 63  ILE A CG1 1 
ATOM   512  C CG2 . ILE A 1 63  ? -5.806  -5.540  2.213   1.00 9.15  ? 63  ILE A CG2 1 
ATOM   513  C CD1 . ILE A 1 63  ? -3.504  -3.797  1.124   1.00 7.49  ? 63  ILE A CD1 1 
ATOM   514  N N   . ARG A 1 64  ? -8.547  -4.842  4.098   1.00 11.22 ? 64  ARG A N   1 
ATOM   515  C CA  . ARG A 1 64  ? -9.279  -5.759  4.957   1.00 13.54 ? 64  ARG A CA  1 
ATOM   516  C C   . ARG A 1 64  ? -9.141  -7.162  4.371   1.00 14.72 ? 64  ARG A C   1 
ATOM   517  O O   . ARG A 1 64  ? -8.992  -7.344  3.162   1.00 11.88 ? 64  ARG A O   1 
ATOM   518  C CB  . ARG A 1 64  ? -10.797 -5.377  4.977   1.00 14.23 ? 64  ARG A CB  1 
ATOM   519  C CG  . ARG A 1 64  ? -11.220 -3.966  5.377   1.00 22.73 ? 64  ARG A CG  1 
ATOM   520  C CD  . ARG A 1 64  ? -10.733 -3.513  6.760   1.00 33.33 ? 64  ARG A CD  1 
ATOM   521  N NE  . ARG A 1 64  ? -10.573 -4.613  7.726   1.00 42.25 ? 64  ARG A NE  1 
ATOM   522  C CZ  . ARG A 1 64  ? -10.807 -4.528  9.044   1.00 46.92 ? 64  ARG A CZ  1 
ATOM   523  N NH1 . ARG A 1 64  ? -11.233 -3.386  9.597   1.00 48.68 ? 64  ARG A NH1 1 
ATOM   524  N NH2 . ARG A 1 64  ? -10.499 -5.569  9.833   1.00 47.69 ? 64  ARG A NH2 1 
ATOM   525  N N   . LYS A 1 65  ? -9.201  -8.153  5.245   1.00 16.95 ? 65  LYS A N   1 
ATOM   526  C CA  . LYS A 1 65  ? -9.109  -9.538  4.827   1.00 21.13 ? 65  LYS A CA  1 
ATOM   527  C C   . LYS A 1 65  ? -10.252 -10.239 5.549   1.00 24.09 ? 65  LYS A C   1 
ATOM   528  O O   . LYS A 1 65  ? -10.385 -10.127 6.782   1.00 24.02 ? 65  LYS A O   1 
ATOM   529  C CB  . LYS A 1 65  ? -7.778  -10.116 5.261   1.00 23.59 ? 65  LYS A CB  1 
ATOM   530  C CG  . LYS A 1 65  ? -7.703  -11.621 5.445   1.00 28.33 ? 65  LYS A CG  1 
ATOM   531  C CD  . LYS A 1 65  ? -7.901  -12.518 4.242   1.00 33.02 ? 65  LYS A CD  1 
ATOM   532  C CE  . LYS A 1 65  ? -7.670  -13.943 4.744   1.00 35.76 ? 65  LYS A CE  1 
ATOM   533  N NZ  . LYS A 1 65  ? -6.417  -14.073 5.571   1.00 37.27 ? 65  LYS A NZ  1 
ATOM   534  N N   . LEU A 1 66  ? -11.102 -10.903 4.779   1.00 26.21 ? 66  LEU A N   1 
ATOM   535  C CA  . LEU A 1 66  ? -12.243 -11.630 5.327   1.00 29.22 ? 66  LEU A CA  1 
ATOM   536  C C   . LEU A 1 66  ? -11.827 -13.068 5.684   1.00 31.03 ? 66  LEU A C   1 
ATOM   537  O O   . LEU A 1 66  ? -10.878 -13.587 5.090   1.00 30.55 ? 66  LEU A O   1 
ATOM   538  C CB  . LEU A 1 66  ? -13.318 -11.677 4.276   1.00 28.71 ? 66  LEU A CB  1 
ATOM   539  C CG  . LEU A 1 66  ? -13.675 -10.336 3.689   1.00 28.64 ? 66  LEU A CG  1 
ATOM   540  C CD1 . LEU A 1 66  ? -14.480 -10.520 2.444   1.00 28.89 ? 66  LEU A CD1 1 
ATOM   541  C CD2 . LEU A 1 66  ? -14.447 -9.524  4.698   1.00 29.89 ? 66  LEU A CD2 1 
ATOM   542  N N   . ASP A 1 67  ? -12.478 -13.688 6.680   1.00 33.62 ? 67  ASP A N   1 
ATOM   543  C CA  . ASP A 1 67  ? -12.181 -15.094 7.016   1.00 36.32 ? 67  ASP A CA  1 
ATOM   544  C C   . ASP A 1 67  ? -12.782 -15.894 5.857   1.00 36.68 ? 67  ASP A C   1 
ATOM   545  O O   . ASP A 1 67  ? -12.360 -17.020 5.541   1.00 37.58 ? 67  ASP A O   1 
ATOM   546  C CB  . ASP A 1 67  ? -12.827 -15.496 8.305   1.00 41.37 ? 67  ASP A CB  1 
ATOM   547  C CG  . ASP A 1 67  ? -12.255 -14.745 9.488   1.00 48.90 ? 67  ASP A CG  1 
ATOM   548  O OD1 . ASP A 1 67  ? -11.331 -15.279 10.159  1.00 54.42 ? 67  ASP A OD1 1 
ATOM   549  O OD2 . ASP A 1 67  ? -12.726 -13.611 9.733   1.00 53.98 ? 67  ASP A OD2 1 
ATOM   550  N N   . SER A 1 68  ? -13.787 -15.274 5.242   1.00 36.70 ? 68  SER A N   1 
ATOM   551  C CA  . SER A 1 68  ? -14.471 -15.774 4.054   1.00 36.57 ? 68  SER A CA  1 
ATOM   552  C C   . SER A 1 68  ? -13.449 -15.786 2.888   1.00 35.42 ? 68  SER A C   1 
ATOM   553  O O   . SER A 1 68  ? -13.769 -16.207 1.763   1.00 36.55 ? 68  SER A O   1 
ATOM   554  C CB  . SER A 1 68  ? -15.641 -14.848 3.753   1.00 38.03 ? 68  SER A CB  1 
ATOM   555  O OG  . SER A 1 68  ? -15.978 -14.163 4.954   1.00 40.17 ? 68  SER A OG  1 
ATOM   556  N N   . GLY A 1 69  ? -12.266 -15.200 3.129   1.00 33.28 ? 69  GLY A N   1 
ATOM   557  C CA  . GLY A 1 69  ? -11.184 -15.246 2.153   1.00 29.42 ? 69  GLY A CA  1 
ATOM   558  C C   . GLY A 1 69  ? -10.724 -14.078 1.330   1.00 26.35 ? 69  GLY A C   1 
ATOM   559  O O   . GLY A 1 69  ? -9.544  -14.013 0.982   1.00 27.49 ? 69  GLY A O   1 
ATOM   560  N N   . GLY A 1 70  ? -11.590 -13.126 1.055   1.00 23.60 ? 70  GLY A N   1 
ATOM   561  C CA  . GLY A 1 70  ? -11.169 -12.031 0.187   1.00 19.44 ? 70  GLY A CA  1 
ATOM   562  C C   . GLY A 1 70  ? -10.363 -10.919 0.821   1.00 16.32 ? 70  GLY A C   1 
ATOM   563  O O   . GLY A 1 70  ? -10.459 -10.686 2.023   1.00 16.21 ? 70  GLY A O   1 
ATOM   564  N N   . PHE A 1 71  ? -9.538  -10.284 -0.010  1.00 12.97 ? 71  PHE A N   1 
ATOM   565  C CA  . PHE A 1 71  ? -8.732  -9.121  0.377   1.00 11.02 ? 71  PHE A CA  1 
ATOM   566  C C   . PHE A 1 71  ? -9.257  -7.922  -0.407  1.00 9.33  ? 71  PHE A C   1 
ATOM   567  O O   . PHE A 1 71  ? -9.518  -8.032  -1.604  1.00 8.26  ? 71  PHE A O   1 
ATOM   568  C CB  . PHE A 1 71  ? -7.262  -9.317  -0.032  1.00 11.36 ? 71  PHE A CB  1 
ATOM   569  C CG  . PHE A 1 71  ? -6.517  -10.316 0.791   1.00 14.29 ? 71  PHE A CG  1 
ATOM   570  C CD1 . PHE A 1 71  ? -6.541  -11.670 0.456   1.00 13.94 ? 71  PHE A CD1 1 
ATOM   571  C CD2 . PHE A 1 71  ? -5.741  -9.890  1.878   1.00 14.36 ? 71  PHE A CD2 1 
ATOM   572  C CE1 . PHE A 1 71  ? -5.801  -12.597 1.186   1.00 13.99 ? 71  PHE A CE1 1 
ATOM   573  C CE2 . PHE A 1 71  ? -4.994  -10.825 2.615   1.00 15.86 ? 71  PHE A CE2 1 
ATOM   574  C CZ  . PHE A 1 71  ? -5.032  -12.175 2.258   1.00 14.64 ? 71  PHE A CZ  1 
ATOM   575  N N   . TYR A 1 72  ? -9.380  -6.773  0.250   1.00 8.26  ? 72  TYR A N   1 
ATOM   576  C CA  . TYR A 1 72  ? -9.852  -5.575  -0.451  1.00 8.00  ? 72  TYR A CA  1 
ATOM   577  C C   . TYR A 1 72  ? -9.636  -4.283  0.317   1.00 7.43  ? 72  TYR A C   1 
ATOM   578  O O   . TYR A 1 72  ? -9.401  -4.295  1.524   1.00 7.16  ? 72  TYR A O   1 
ATOM   579  C CB  . TYR A 1 72  ? -11.382 -5.676  -0.743  1.00 8.84  ? 72  TYR A CB  1 
ATOM   580  C CG  . TYR A 1 72  ? -12.237 -5.737  0.500   1.00 10.15 ? 72  TYR A CG  1 
ATOM   581  C CD1 . TYR A 1 72  ? -12.665 -4.566  1.141   1.00 12.15 ? 72  TYR A CD1 1 
ATOM   582  C CD2 . TYR A 1 72  ? -12.564 -6.952  1.068   1.00 11.96 ? 72  TYR A CD2 1 
ATOM   583  C CE1 . TYR A 1 72  ? -13.394 -4.606  2.330   1.00 13.41 ? 72  TYR A CE1 1 
ATOM   584  C CE2 . TYR A 1 72  ? -13.298 -7.010  2.249   1.00 18.24 ? 72  TYR A CE2 1 
ATOM   585  C CZ  . TYR A 1 72  ? -13.695 -5.832  2.872   1.00 15.78 ? 72  TYR A CZ  1 
ATOM   586  O OH  . TYR A 1 72  ? -14.358 -5.921  4.075   1.00 21.75 ? 72  TYR A OH  1 
ATOM   587  N N   . ILE A 1 73  ? -9.674  -3.183  -0.436  1.00 7.91  ? 73  ILE A N   1 
ATOM   588  C CA  . ILE A 1 73  ? -9.643  -1.828  0.126   1.00 8.51  ? 73  ILE A CA  1 
ATOM   589  C C   . ILE A 1 73  ? -11.134 -1.450  0.083   1.00 9.32  ? 73  ILE A C   1 
ATOM   590  O O   . ILE A 1 73  ? -11.681 -0.973  1.083   1.00 9.60  ? 73  ILE A O   1 
ATOM   591  C CB  . ILE A 1 73  ? -8.815  -0.846  -0.721  1.00 8.40  ? 73  ILE A CB  1 
ATOM   592  C CG1 . ILE A 1 73  ? -7.368  -1.290  -0.712  1.00 8.83  ? 73  ILE A CG1 1 
ATOM   593  C CG2 . ILE A 1 73  ? -8.942  0.586   -0.143  1.00 9.67  ? 73  ILE A CG2 1 
ATOM   594  C CD1 . ILE A 1 73  ? -6.452  -0.394  -1.530  1.00 10.69 ? 73  ILE A CD1 1 
ATOM   595  N N   . THR A 1 74  ? -11.779 -1.640  -1.077  1.00 8.92  ? 74  THR A N   1 
ATOM   596  C CA  . THR A 1 74  ? -13.218 -1.398  -1.188  1.00 9.21  ? 74  THR A CA  1 
ATOM   597  C C   . THR A 1 74  ? -13.892 -2.762  -1.357  1.00 9.66  ? 74  THR A C   1 
ATOM   598  O O   . THR A 1 74  ? -13.454 -3.600  -2.135  1.00 9.33  ? 74  THR A O   1 
ATOM   599  C CB  . THR A 1 74  ? -13.610 -0.449  -2.321  1.00 8.42  ? 74  THR A CB  1 
ATOM   600  O OG1 . THR A 1 74  ? -15.045 -0.393  -2.398  1.00 10.39 ? 74  THR A OG1 1 
ATOM   601  C CG2 . THR A 1 74  ? -13.040 -0.905  -3.651  1.00 10.62 ? 74  THR A CG2 1 
ATOM   602  N N   . SER A 1 75  ? -14.941 -2.997  -0.578  1.00 9.72  ? 75  SER A N   1 
ATOM   603  C CA  . SER A 1 75  ? -15.636 -4.272  -0.593  1.00 10.40 ? 75  SER A CA  1 
ATOM   604  C C   . SER A 1 75  ? -16.186 -4.602  -1.978  1.00 10.80 ? 75  SER A C   1 
ATOM   605  O O   . SER A 1 75  ? -16.437 -5.767  -2.284  1.00 10.37 ? 75  SER A O   1 
ATOM   606  C CB  . SER A 1 75  ? -16.784 -4.258  0.450   1.00 13.04 ? 75  SER A CB  1 
ATOM   607  O OG  . SER A 1 75  ? -17.814 -3.373  0.032   1.00 14.47 ? 75  SER A OG  1 
ATOM   608  N N   . ARG A 1 76  ? -16.339 -3.583  -2.823  1.00 11.61 ? 76  ARG A N   1 
ATOM   609  C CA  . ARG A 1 76  ? -16.840 -3.793  -4.172  1.00 12.09 ? 76  ARG A CA  1 
ATOM   610  C C   . ARG A 1 76  ? -15.805 -4.464  -5.083  1.00 12.47 ? 76  ARG A C   1 
ATOM   611  O O   . ARG A 1 76  ? -16.185 -5.100  -6.079  1.00 13.54 ? 76  ARG A O   1 
ATOM   612  C CB  . ARG A 1 76  ? -17.232 -2.455  -4.774  1.00 16.07 ? 76  ARG A CB  1 
ATOM   613  C CG  . ARG A 1 76  ? -18.601 -1.859  -4.411  1.00 25.73 ? 76  ARG A CG  1 
ATOM   614  C CD  . ARG A 1 76  ? -19.641 -2.536  -5.344  1.00 39.40 ? 76  ARG A CD  1 
ATOM   615  N NE  . ARG A 1 76  ? -20.012 -1.747  -6.539  1.00 48.31 ? 76  ARG A NE  1 
ATOM   616  C CZ  . ARG A 1 76  ? -21.207 -1.171  -6.705  1.00 52.93 ? 76  ARG A CZ  1 
ATOM   617  N NH1 . ARG A 1 76  ? -22.137 -1.303  -5.763  1.00 56.53 ? 76  ARG A NH1 1 
ATOM   618  N NH2 . ARG A 1 76  ? -21.467 -0.419  -7.769  1.00 55.18 ? 76  ARG A NH2 1 
ATOM   619  N N   . THR A 1 77  ? -14.527 -4.421  -4.693  1.00 10.55 ? 77  THR A N   1 
ATOM   620  C CA  . THR A 1 77  ? -13.424 -4.924  -5.509  1.00 9.23  ? 77  THR A CA  1 
ATOM   621  C C   . THR A 1 77  ? -12.499 -5.789  -4.680  1.00 9.56  ? 77  THR A C   1 
ATOM   622  O O   . THR A 1 77  ? -11.540 -5.293  -4.072  1.00 9.24  ? 77  THR A O   1 
ATOM   623  C CB  . THR A 1 77  ? -12.711 -3.678  -6.077  1.00 8.62  ? 77  THR A CB  1 
ATOM   624  O OG1 . THR A 1 77  ? -13.720 -2.872  -6.716  1.00 10.61 ? 77  THR A OG1 1 
ATOM   625  C CG2 . THR A 1 77  ? -11.617 -4.020  -7.078  1.00 7.58  ? 77  THR A CG2 1 
ATOM   626  N N   . GLN A 1 78  ? -12.767 -7.093  -4.696  1.00 8.61  ? 78  GLN A N   1 
ATOM   627  C CA  . GLN A 1 78  ? -12.018 -8.062  -3.873  1.00 9.39  ? 78  GLN A CA  1 
ATOM   628  C C   . GLN A 1 78  ? -11.086 -8.971  -4.655  1.00 8.95  ? 78  GLN A C   1 
ATOM   629  O O   . GLN A 1 78  ? -11.290 -9.191  -5.878  1.00 9.75  ? 78  GLN A O   1 
ATOM   630  C CB  . GLN A 1 78  ? -12.992 -8.908  -3.102  1.00 9.68  ? 78  GLN A CB  1 
ATOM   631  C CG  . GLN A 1 78  ? -13.981 -8.027  -2.369  1.00 10.87 ? 78  GLN A CG  1 
ATOM   632  C CD  . GLN A 1 78  ? -14.816 -8.802  -1.360  1.00 13.75 ? 78  GLN A CD  1 
ATOM   633  O OE1 . GLN A 1 78  ? -15.851 -8.320  -0.910  1.00 16.49 ? 78  GLN A OE1 1 
ATOM   634  N NE2 . GLN A 1 78  ? -14.336 -9.972  -0.942  1.00 11.36 ? 78  GLN A NE2 1 
ATOM   635  N N   . PHE A 1 79  ? -10.107 -9.530  -3.943  1.00 8.96  ? 79  PHE A N   1 
ATOM   636  C CA  . PHE A 1 79  ? -9.101  -10.413 -4.535  1.00 9.27  ? 79  PHE A CA  1 
ATOM   637  C C   . PHE A 1 79  ? -8.876  -11.670 -3.693  1.00 10.59 ? 79  PHE A C   1 
ATOM   638  O O   . PHE A 1 79  ? -9.094  -11.661 -2.470  1.00 10.59 ? 79  PHE A O   1 
ATOM   639  C CB  . PHE A 1 79  ? -7.817  -9.658  -4.707  1.00 8.77  ? 79  PHE A CB  1 
ATOM   640  C CG  . PHE A 1 79  ? -7.985  -8.407  -5.532  1.00 7.68  ? 79  PHE A CG  1 
ATOM   641  C CD1 . PHE A 1 79  ? -8.305  -7.199  -4.916  1.00 8.05  ? 79  PHE A CD1 1 
ATOM   642  C CD2 . PHE A 1 79  ? -7.933  -8.466  -6.924  1.00 7.06  ? 79  PHE A CD2 1 
ATOM   643  C CE1 . PHE A 1 79  ? -8.600  -6.063  -5.675  1.00 7.58  ? 79  PHE A CE1 1 
ATOM   644  C CE2 . PHE A 1 79  ? -8.229  -7.336  -7.689  1.00 8.32  ? 79  PHE A CE2 1 
ATOM   645  C CZ  . PHE A 1 79  ? -8.559  -6.129  -7.054  1.00 7.18  ? 79  PHE A CZ  1 
ATOM   646  N N   . ASN A 1 80  ? -8.455  -12.747 -4.360  1.00 11.71 ? 80  ASN A N   1 
ATOM   647  C CA  . ASN A 1 80  ? -8.214  -14.021 -3.680  1.00 12.81 ? 80  ASN A CA  1 
ATOM   648  C C   . ASN A 1 80  ? -6.896  -14.003 -2.893  1.00 13.46 ? 80  ASN A C   1 
ATOM   649  O O   . ASN A 1 80  ? -6.649  -14.894 -2.067  1.00 14.43 ? 80  ASN A O   1 
ATOM   650  C CB  . ASN A 1 80  ? -8.263  -15.210 -4.690  1.00 13.28 ? 80  ASN A CB  1 
ATOM   651  C CG  . ASN A 1 80  ? -9.653  -15.381 -5.327  1.00 15.86 ? 80  ASN A CG  1 
ATOM   652  O OD1 . ASN A 1 80  ? -10.666 -15.064 -4.705  1.00 15.45 ? 80  ASN A OD1 1 
ATOM   653  N ND2 . ASN A 1 80  ? -9.703  -15.877 -6.572  1.00 12.71 ? 80  ASN A ND2 1 
ATOM   654  N N   . SER A 1 81  ? -6.067  -12.982 -3.112  1.00 11.61 ? 81  SER A N   1 
ATOM   655  C CA  . SER A 1 81  ? -4.805  -12.877 -2.393  1.00 12.05 ? 81  SER A CA  1 
ATOM   656  C C   . SER A 1 81  ? -4.336  -11.427 -2.390  1.00 11.99 ? 81  SER A C   1 
ATOM   657  O O   . SER A 1 81  ? -4.773  -10.627 -3.209  1.00 11.84 ? 81  SER A O   1 
ATOM   658  C CB  . SER A 1 81  ? -3.733  -13.737 -3.058  1.00 11.04 ? 81  SER A CB  1 
ATOM   659  O OG  . SER A 1 81  ? -3.400  -13.229 -4.341  1.00 11.53 ? 81  SER A OG  1 
ATOM   660  N N   . LEU A 1 82  ? -3.452  -11.104 -1.457  1.00 12.27 ? 82  LEU A N   1 
ATOM   661  C CA  . LEU A 1 82  ? -2.887  -9.765  -1.347  1.00 11.84 ? 82  LEU A CA  1 
ATOM   662  C C   . LEU A 1 82  ? -2.019  -9.499  -2.602  1.00 11.41 ? 82  LEU A C   1 
ATOM   663  O O   . LEU A 1 82  ? -1.965  -8.381  -3.142  1.00 11.73 ? 82  LEU A O   1 
ATOM   664  C CB  . LEU A 1 82  ? -2.047  -9.694  -0.063  1.00 13.60 ? 82  LEU A CB  1 
ATOM   665  C CG  . LEU A 1 82  ? -1.529  -8.400  0.532   1.00 17.49 ? 82  LEU A CG  1 
ATOM   666  C CD1 . LEU A 1 82  ? -2.678  -7.412  0.777   1.00 16.84 ? 82  LEU A CD1 1 
ATOM   667  C CD2 . LEU A 1 82  ? -0.865  -8.759  1.854   1.00 19.01 ? 82  LEU A CD2 1 
ATOM   668  N N   . GLN A 1 83  ? -1.373  -10.557 -3.083  1.00 11.28 ? 83  GLN A N   1 
ATOM   669  C CA  . GLN A 1 83  ? -0.536  -10.479 -4.263  1.00 11.33 ? 83  GLN A CA  1 
ATOM   670  C C   . GLN A 1 83  ? -1.394  -10.048 -5.470  1.00 10.71 ? 83  GLN A C   1 
ATOM   671  O O   . GLN A 1 83  ? -1.002  -9.191  -6.265  1.00 10.02 ? 83  GLN A O   1 
ATOM   672  C CB  . GLN A 1 83  ? 0.143   -11.848 -4.507  1.00 14.86 ? 83  GLN A CB  1 
ATOM   673  C CG  . GLN A 1 83  ? 1.164   -12.115 -3.344  1.00 19.78 ? 83  GLN A CG  1 
ATOM   674  C CD  . GLN A 1 83  ? 0.668   -12.988 -2.142  1.00 19.97 ? 83  GLN A CD  1 
ATOM   675  O OE1 . GLN A 1 83  ? 1.484   -13.606 -1.439  1.00 24.32 ? 83  GLN A OE1 1 
ATOM   676  N NE2 . GLN A 1 83  ? -0.619  -13.040 -1.924  1.00 14.31 ? 83  GLN A NE2 1 
ATOM   677  N N   . GLN A 1 84  ? -2.583  -10.633 -5.594  1.00 10.16 ? 84  GLN A N   1 
ATOM   678  C CA  . GLN A 1 84  ? -3.469  -10.258 -6.706  1.00 9.83  ? 84  GLN A CA  1 
ATOM   679  C C   . GLN A 1 84  ? -3.989  -8.819  -6.542  1.00 8.03  ? 84  GLN A C   1 
ATOM   680  O O   . GLN A 1 84  ? -4.179  -8.113  -7.511  1.00 8.33  ? 84  GLN A O   1 
ATOM   681  C CB  . GLN A 1 84  ? -4.687  -11.303 -6.835  1.00 10.84 ? 84  GLN A CB  1 
ATOM   682  C CG  . GLN A 1 84  ? -4.218  -12.604 -7.471  1.00 13.44 ? 84  GLN A CG  1 
ATOM   683  C CD  . GLN A 1 84  ? -5.167  -13.771 -7.189  1.00 15.73 ? 84  GLN A CD  1 
ATOM   684  O OE1 . GLN A 1 84  ? -5.545  -14.020 -6.034  1.00 16.47 ? 84  GLN A OE1 1 
ATOM   685  N NE2 . GLN A 1 84  ? -5.511  -14.515 -8.228  1.00 14.51 ? 84  GLN A NE2 1 
ATOM   686  N N   . LEU A 1 85  ? -4.206  -8.391  -5.307  1.00 7.81  ? 85  LEU A N   1 
ATOM   687  C CA  . LEU A 1 85  ? -4.680  -7.026  -5.067  1.00 7.33  ? 85  LEU A CA  1 
ATOM   688  C C   . LEU A 1 85  ? -3.587  -6.051  -5.533  1.00 7.45  ? 85  LEU A C   1 
ATOM   689  O O   . LEU A 1 85  ? -3.859  -5.063  -6.244  1.00 7.64  ? 85  LEU A O   1 
ATOM   690  C CB  . LEU A 1 85  ? -4.986  -6.829  -3.567  1.00 7.04  ? 85  LEU A CB  1 
ATOM   691  C CG  . LEU A 1 85  ? -5.522  -5.444  -3.097  1.00 9.53  ? 85  LEU A CG  1 
ATOM   692  C CD1 . LEU A 1 85  ? -6.391  -5.599  -1.858  1.00 8.04  ? 85  LEU A CD1 1 
ATOM   693  C CD2 . LEU A 1 85  ? -4.366  -4.470  -2.838  1.00 8.60  ? 85  LEU A CD2 1 
ATOM   694  N N   . VAL A 1 86  ? -2.351  -6.320  -5.120  1.00 8.11  ? 86  VAL A N   1 
ATOM   695  C CA  . VAL A 1 86  ? -1.231  -5.465  -5.501  1.00 8.53  ? 86  VAL A CA  1 
ATOM   696  C C   . VAL A 1 86  ? -1.076  -5.432  -7.025  1.00 8.39  ? 86  VAL A C   1 
ATOM   697  O O   . VAL A 1 86  ? -0.876  -4.370  -7.610  1.00 9.10  ? 86  VAL A O   1 
ATOM   698  C CB  . VAL A 1 86  ? 0.080   -5.926  -4.799  1.00 9.01  ? 86  VAL A CB  1 
ATOM   699  C CG1 . VAL A 1 86  ? 1.304   -5.276  -5.422  1.00 8.87  ? 86  VAL A CG1 1 
ATOM   700  C CG2 . VAL A 1 86  ? -0.008  -5.583  -3.344  1.00 9.42  ? 86  VAL A CG2 1 
ATOM   701  N N   . ALA A 1 87  ? -1.194  -6.591  -7.678  1.00 8.60  ? 87  ALA A N   1 
ATOM   702  C CA  . ALA A 1 87  ? -1.071  -6.629  -9.137  1.00 8.79  ? 87  ALA A CA  1 
ATOM   703  C C   . ALA A 1 87  ? -2.200  -5.816  -9.807  1.00 8.63  ? 87  ALA A C   1 
ATOM   704  O O   . ALA A 1 87  ? -1.978  -5.119  -10.811 1.00 10.12 ? 87  ALA A O   1 
ATOM   705  C CB  . ALA A 1 87  ? -1.052  -8.073  -9.641  1.00 10.56 ? 87  ALA A CB  1 
ATOM   706  N N   . TYR A 1 88  ? -3.406  -5.866  -9.249  1.00 7.09  ? 88  TYR A N   1 
ATOM   707  C CA  . TYR A 1 88  ? -4.521  -5.104  -9.849  1.00 7.55  ? 88  TYR A CA  1 
ATOM   708  C C   . TYR A 1 88  ? -4.289  -3.595  -9.743  1.00 6.77  ? 88  TYR A C   1 
ATOM   709  O O   . TYR A 1 88  ? -4.479  -2.853  -10.708 1.00 7.48  ? 88  TYR A O   1 
ATOM   710  C CB  . TYR A 1 88  ? -5.824  -5.461  -9.143  1.00 5.77  ? 88  TYR A CB  1 
ATOM   711  C CG  . TYR A 1 88  ? -6.992  -4.628  -9.560  1.00 7.25  ? 88  TYR A CG  1 
ATOM   712  C CD1 . TYR A 1 88  ? -7.842  -5.030  -10.591 1.00 9.51  ? 88  TYR A CD1 1 
ATOM   713  C CD2 . TYR A 1 88  ? -7.277  -3.429  -8.900  1.00 7.58  ? 88  TYR A CD2 1 
ATOM   714  C CE1 . TYR A 1 88  ? -8.975  -4.239  -10.952 1.00 10.57 ? 88  TYR A CE1 1 
ATOM   715  C CE2 . TYR A 1 88  ? -8.386  -2.634  -9.248  1.00 8.56  ? 88  TYR A CE2 1 
ATOM   716  C CZ  . TYR A 1 88  ? -9.234  -3.046  -10.274 1.00 9.17  ? 88  TYR A CZ  1 
ATOM   717  O OH  . TYR A 1 88  ? -10.309 -2.233  -10.584 1.00 10.73 ? 88  TYR A OH  1 
ATOM   718  N N   . TYR A 1 89  ? -3.900  -3.136  -8.549  1.00 7.31  ? 89  TYR A N   1 
ATOM   719  C CA  . TYR A 1 89  ? -3.663  -1.703  -8.331  1.00 7.30  ? 89  TYR A CA  1 
ATOM   720  C C   . TYR A 1 89  ? -2.373  -1.189  -8.967  1.00 7.69  ? 89  TYR A C   1 
ATOM   721  O O   . TYR A 1 89  ? -2.084  0.007   -8.919  1.00 7.60  ? 89  TYR A O   1 
ATOM   722  C CB  . TYR A 1 89  ? -3.769  -1.309  -6.850  1.00 7.09  ? 89  TYR A CB  1 
ATOM   723  C CG  . TYR A 1 89  ? -5.205  -1.364  -6.357  1.00 6.74  ? 89  TYR A CG  1 
ATOM   724  C CD1 . TYR A 1 89  ? -5.639  -2.397  -5.501  1.00 6.65  ? 89  TYR A CD1 1 
ATOM   725  C CD2 . TYR A 1 89  ? -6.139  -0.402  -6.769  1.00 6.67  ? 89  TYR A CD2 1 
ATOM   726  C CE1 . TYR A 1 89  ? -6.957  -2.459  -5.071  1.00 5.42  ? 89  TYR A CE1 1 
ATOM   727  C CE2 . TYR A 1 89  ? -7.460  -0.463  -6.347  1.00 5.26  ? 89  TYR A CE2 1 
ATOM   728  C CZ  . TYR A 1 89  ? -7.859  -1.500  -5.498  1.00 7.06  ? 89  TYR A CZ  1 
ATOM   729  O OH  . TYR A 1 89  ? -9.164  -1.609  -5.102  1.00 7.02  ? 89  TYR A OH  1 
ATOM   730  N N   . SER A 1 90  ? -1.594  -2.104  -9.544  1.00 9.15  ? 90  SER A N   1 
ATOM   731  C CA  . SER A 1 90  ? -0.383  -1.707  -10.277 1.00 9.80  ? 90  SER A CA  1 
ATOM   732  C C   . SER A 1 90  ? -0.802  -1.338  -11.700 1.00 11.06 ? 90  SER A C   1 
ATOM   733  O O   . SER A 1 90  ? 0.004   -0.794  -12.458 1.00 12.57 ? 90  SER A O   1 
ATOM   734  C CB  . SER A 1 90  ? 0.618   -2.831  -10.342 1.00 9.79  ? 90  SER A CB  1 
ATOM   735  O OG  . SER A 1 90  ? 1.148   -3.105  -9.066  1.00 11.17 ? 90  SER A OG  1 
ATOM   736  N N   . LYS A 1 91  ? -2.045  -1.669  -12.056 1.00 10.31 ? 91  LYS A N   1 
ATOM   737  C CA  . LYS A 1 91  ? -2.603  -1.368  -13.373 1.00 11.06 ? 91  LYS A CA  1 
ATOM   738  C C   . LYS A 1 91  ? -3.721  -0.329  -13.318 1.00 10.87 ? 91  LYS A C   1 
ATOM   739  O O   . LYS A 1 91  ? -3.902  0.447   -14.239 1.00 13.62 ? 91  LYS A O   1 
ATOM   740  C CB  . LYS A 1 91  ? -3.155  -2.645  -14.040 1.00 11.40 ? 91  LYS A CB  1 
ATOM   741  C CG  . LYS A 1 91  ? -2.103  -3.645  -14.456 1.00 18.54 ? 91  LYS A CG  1 
ATOM   742  C CD  . LYS A 1 91  ? -1.261  -3.049  -15.586 1.00 25.08 ? 91  LYS A CD  1 
ATOM   743  C CE  . LYS A 1 91  ? -0.343  -4.002  -16.360 1.00 32.16 ? 91  LYS A CE  1 
ATOM   744  N NZ  . LYS A 1 91  ? -0.314  -5.375  -15.739 1.00 36.80 ? 91  LYS A NZ  1 
ATOM   745  N N   . HIS A 1 92  ? -4.484  -0.315  -12.236 1.00 9.65  ? 92  HIS A N   1 
ATOM   746  C CA  . HIS A 1 92  ? -5.587  0.627   -12.098 1.00 9.40  ? 92  HIS A CA  1 
ATOM   747  C C   . HIS A 1 92  ? -5.344  1.565   -10.934 1.00 9.12  ? 92  HIS A C   1 
ATOM   748  O O   . HIS A 1 92  ? -5.062  1.098   -9.829  1.00 9.95  ? 92  HIS A O   1 
ATOM   749  C CB  . HIS A 1 92  ? -6.865  -0.092  -11.771 1.00 10.33 ? 92  HIS A CB  1 
ATOM   750  C CG  . HIS A 1 92  ? -7.213  -1.187  -12.728 1.00 11.91 ? 92  HIS A CG  1 
ATOM   751  N ND1 . HIS A 1 92  ? -8.113  -1.013  -13.758 1.00 13.80 ? 92  HIS A ND1 1 
ATOM   752  C CD2 . HIS A 1 92  ? -6.783  -2.469  -12.809 1.00 11.89 ? 92  HIS A CD2 1 
ATOM   753  C CE1 . HIS A 1 92  ? -8.222  -2.140  -14.435 1.00 15.52 ? 92  HIS A CE1 1 
ATOM   754  N NE2 . HIS A 1 92  ? -7.425  -3.039  -13.881 1.00 13.35 ? 92  HIS A NE2 1 
ATOM   755  N N   . ALA A 1 93  ? -5.496  2.868   -11.167 1.00 9.53  ? 93  ALA A N   1 
ATOM   756  C CA  . ALA A 1 93  ? -5.361  3.824   -10.079 1.00 8.56  ? 93  ALA A CA  1 
ATOM   757  C C   . ALA A 1 93  ? -6.673  3.733   -9.271  1.00 8.44  ? 93  ALA A C   1 
ATOM   758  O O   . ALA A 1 93  ? -6.643  3.686   -8.056  1.00 8.12  ? 93  ALA A O   1 
ATOM   759  C CB  . ALA A 1 93  ? -5.180  5.241   -10.615 1.00 8.53  ? 93  ALA A CB  1 
ATOM   760  N N   . ASP A 1 94  ? -7.810  3.610   -9.961  1.00 8.63  ? 94  ASP A N   1 
ATOM   761  C CA  . ASP A 1 94  ? -9.111  3.571   -9.295  1.00 8.64  ? 94  ASP A CA  1 
ATOM   762  C C   . ASP A 1 94  ? -9.215  4.763   -8.329  1.00 8.30  ? 94  ASP A C   1 
ATOM   763  O O   . ASP A 1 94  ? -9.060  5.900   -8.757  1.00 8.77  ? 94  ASP A O   1 
ATOM   764  C CB  . ASP A 1 94  ? -9.380  2.166   -8.592  1.00 8.86  ? 94  ASP A CB  1 
ATOM   765  C CG  . ASP A 1 94  ? -9.818  1.096   -9.598  1.00 9.13  ? 94  ASP A CG  1 
ATOM   766  O OD1 . ASP A 1 94  ? -9.803  1.408   -10.835 1.00 9.87  ? 94  ASP A OD1 1 
ATOM   767  O OD2 . ASP A 1 94  ? -10.184 -0.020  -9.158  1.00 8.38  ? 94  ASP A OD2 1 
ATOM   768  N N   . GLY A 1 95  ? -9.428  4.513   -7.039  1.00 8.52  ? 95  GLY A N   1 
ATOM   769  C CA  . GLY A 1 95  ? -9.546  5.609   -6.085  1.00 8.48  ? 95  GLY A CA  1 
ATOM   770  C C   . GLY A 1 95  ? -8.256  5.943   -5.350  1.00 8.74  ? 95  GLY A C   1 
ATOM   771  O O   . GLY A 1 95  ? -8.261  6.797   -4.472  1.00 9.86  ? 95  GLY A O   1 
ATOM   772  N N   . LEU A 1 96  ? -7.167  5.248   -5.676  1.00 8.52  ? 96  LEU A N   1 
ATOM   773  C CA  . LEU A 1 96  ? -5.873  5.502   -5.049  1.00 7.89  ? 96  LEU A CA  1 
ATOM   774  C C   . LEU A 1 96  ? -5.231  6.792   -5.613  1.00 8.11  ? 96  LEU A C   1 
ATOM   775  O O   . LEU A 1 96  ? -5.529  7.215   -6.726  1.00 8.06  ? 96  LEU A O   1 
ATOM   776  C CB  . LEU A 1 96  ? -4.927  4.351   -5.334  1.00 8.66  ? 96  LEU A CB  1 
ATOM   777  C CG  . LEU A 1 96  ? -5.317  2.915   -4.845  1.00 9.38  ? 96  LEU A CG  1 
ATOM   778  C CD1 . LEU A 1 96  ? -4.129  1.976   -5.082  1.00 10.75 ? 96  LEU A CD1 1 
ATOM   779  C CD2 . LEU A 1 96  ? -5.715  2.904   -3.381  1.00 12.79 ? 96  LEU A CD2 1 
ATOM   780  N N   . CYS A 1 97  ? -4.275  7.347   -4.879  1.00 7.67  ? 97  CYS A N   1 
ATOM   781  C CA  . CYS A 1 97  ? -3.601  8.557   -5.318  1.00 8.41  ? 97  CYS A CA  1 
ATOM   782  C C   . CYS A 1 97  ? -2.810  8.331   -6.605  1.00 7.98  ? 97  CYS A C   1 
ATOM   783  O O   . CYS A 1 97  ? -2.585  9.271   -7.384  1.00 8.78  ? 97  CYS A O   1 
ATOM   784  C CB  . CYS A 1 97  ? -2.710  9.115   -4.170  1.00 8.28  ? 97  CYS A CB  1 
ATOM   785  S SG  . CYS A 1 97  ? -1.457  7.974   -3.610  1.00 9.36  ? 97  CYS A SG  1 
ATOM   786  N N   . HIS A 1 98  ? -2.429  7.082   -6.869  1.00 8.84  ? 98  HIS A N   1 
ATOM   787  C CA  . HIS A 1 98  ? -1.669  6.734   -8.067  1.00 8.54  ? 98  HIS A CA  1 
ATOM   788  C C   . HIS A 1 98  ? -1.622  5.214   -8.182  1.00 9.16  ? 98  HIS A C   1 
ATOM   789  O O   . HIS A 1 98  ? -1.780  4.528   -7.168  1.00 10.05 ? 98  HIS A O   1 
ATOM   790  C CB  . HIS A 1 98  ? -0.236  7.241   -7.908  1.00 8.38  ? 98  HIS A CB  1 
ATOM   791  C CG  . HIS A 1 98  ? 0.528   7.298   -9.194  1.00 9.47  ? 98  HIS A CG  1 
ATOM   792  N ND1 . HIS A 1 98  ? 1.211   6.228   -9.711  1.00 10.09 ? 98  HIS A ND1 1 
ATOM   793  C CD2 . HIS A 1 98  ? 0.687   8.317   -10.083 1.00 10.01 ? 98  HIS A CD2 1 
ATOM   794  C CE1 . HIS A 1 98  ? 1.771   6.568   -10.865 1.00 11.19 ? 98  HIS A CE1 1 
ATOM   795  N NE2 . HIS A 1 98  ? 1.458   7.836   -11.101 1.00 10.76 ? 98  HIS A NE2 1 
ATOM   796  N N   . ARG A 1 99  ? -1.467  4.671   -9.391  1.00 9.23  ? 99  ARG A N   1 
ATOM   797  C CA  . ARG A 1 99  ? -1.338  3.207   -9.505  1.00 9.30  ? 99  ARG A CA  1 
ATOM   798  C C   . ARG A 1 99  ? -0.018  2.854   -8.809  1.00 8.80  ? 99  ARG A C   1 
ATOM   799  O O   . ARG A 1 99  ? 0.887   3.721   -8.701  1.00 9.35  ? 99  ARG A O   1 
ATOM   800  C CB  . ARG A 1 99  ? -1.285  2.739   -11.007 1.00 10.23 ? 99  ARG A CB  1 
ATOM   801  C CG  . ARG A 1 99  ? 0.023   2.948   -11.709 1.00 14.37 ? 99  ARG A CG  1 
ATOM   802  C CD  . ARG A 1 99  ? 0.079   2.394   -13.148 1.00 15.75 ? 99  ARG A CD  1 
ATOM   803  N NE  . ARG A 1 99  ? 1.405   2.606   -13.733 1.00 16.27 ? 99  ARG A NE  1 
ATOM   804  C CZ  . ARG A 1 99  ? 2.414   1.739   -13.694 1.00 17.27 ? 99  ARG A CZ  1 
ATOM   805  N NH1 . ARG A 1 99  ? 2.281   0.544   -13.109 1.00 17.43 ? 99  ARG A NH1 1 
ATOM   806  N NH2 . ARG A 1 99  ? 3.618   2.133   -14.105 1.00 18.21 ? 99  ARG A NH2 1 
ATOM   807  N N   . LEU A 1 100 ? 0.106   1.629   -8.312  1.00 8.79  ? 100 LEU A N   1 
ATOM   808  C CA  . LEU A 1 100 ? 1.332   1.177   -7.652  1.00 9.31  ? 100 LEU A CA  1 
ATOM   809  C C   . LEU A 1 100 ? 2.402   0.986   -8.717  1.00 9.86  ? 100 LEU A C   1 
ATOM   810  O O   . LEU A 1 100 ? 2.166   0.323   -9.741  1.00 10.04 ? 100 LEU A O   1 
ATOM   811  C CB  . LEU A 1 100 ? 1.100   -0.135  -6.899  1.00 8.65  ? 100 LEU A CB  1 
ATOM   812  C CG  . LEU A 1 100 ? -0.109  -0.062  -5.960  1.00 7.32  ? 100 LEU A CG  1 
ATOM   813  C CD1 . LEU A 1 100 ? -0.365  -1.393  -5.268  1.00 8.25  ? 100 LEU A CD1 1 
ATOM   814  C CD2 . LEU A 1 100 ? 0.108   1.104   -4.975  1.00 6.60  ? 100 LEU A CD2 1 
ATOM   815  N N   . THR A 1 101 ? 3.583   1.539   -8.480  1.00 9.67  ? 101 THR A N   1 
ATOM   816  C CA  . THR A 1 101 ? 4.666   1.438   -9.446  1.00 11.03 ? 101 THR A CA  1 
ATOM   817  C C   . THR A 1 101 ? 5.883   0.630   -8.969  1.00 13.08 ? 101 THR A C   1 
ATOM   818  O O   . THR A 1 101 ? 6.052   -0.557  -9.296  1.00 16.25 ? 101 THR A O   1 
ATOM   819  C CB  . THR A 1 101 ? 5.139   2.873   -9.929  1.00 10.47 ? 101 THR A CB  1 
ATOM   820  O OG1 . THR A 1 101 ? 5.575   3.658   -8.804  1.00 9.93  ? 101 THR A OG1 1 
ATOM   821  C CG2 . THR A 1 101 ? 4.019   3.623   -10.631 1.00 9.40  ? 101 THR A CG2 1 
ATOM   822  N N   . THR A 1 102 ? 6.605   1.213   -8.024  1.00 13.02 ? 102 THR A N   1 
ATOM   823  C CA  . THR A 1 102 ? 7.859   0.638   -7.549  1.00 13.09 ? 102 THR A CA  1 
ATOM   824  C C   . THR A 1 102 ? 7.835   0.305   -6.054  1.00 10.63 ? 102 THR A C   1 
ATOM   825  O O   . THR A 1 102 ? 7.233   1.016   -5.261  1.00 10.22 ? 102 THR A O   1 
ATOM   826  C CB  . THR A 1 102 ? 9.018   1.679   -7.920  1.00 17.28 ? 102 THR A CB  1 
ATOM   827  O OG1 . THR A 1 102 ? 10.164  1.511   -7.082  1.00 25.05 ? 102 THR A OG1 1 
ATOM   828  C CG2 . THR A 1 102 ? 8.532   3.114   -7.769  1.00 19.01 ? 102 THR A CG2 1 
ATOM   829  N N   . VAL A 1 103 ? 8.470   -0.786  -5.669  1.00 9.76  ? 103 VAL A N   1 
ATOM   830  C CA  . VAL A 1 103 ? 8.530   -1.146  -4.249  1.00 10.08 ? 103 VAL A CA  1 
ATOM   831  C C   . VAL A 1 103 ? 9.450   -0.152  -3.530  1.00 10.14 ? 103 VAL A C   1 
ATOM   832  O O   . VAL A 1 103 ? 10.561  0.145   -3.991  1.00 10.21 ? 103 VAL A O   1 
ATOM   833  C CB  . VAL A 1 103 ? 9.006   -2.588  -4.043  1.00 9.80  ? 103 VAL A CB  1 
ATOM   834  C CG1 . VAL A 1 103 ? 9.113   -2.914  -2.560  1.00 11.17 ? 103 VAL A CG1 1 
ATOM   835  C CG2 . VAL A 1 103 ? 8.043   -3.534  -4.759  1.00 10.63 ? 103 VAL A CG2 1 
ATOM   836  N N   . CYS A 1 104 ? 8.987   0.376   -2.407  1.00 9.66  ? 104 CYS A N   1 
ATOM   837  C CA  . CYS A 1 104 ? 9.777   1.340   -1.656  1.00 9.67  ? 104 CYS A CA  1 
ATOM   838  C C   . CYS A 1 104 ? 11.145  0.813   -1.246  1.00 10.26 ? 104 CYS A C   1 
ATOM   839  O O   . CYS A 1 104 ? 11.256  -0.286  -0.717  1.00 10.65 ? 104 CYS A O   1 
ATOM   840  C CB  . CYS A 1 104 ? 9.065   1.749   -0.424  1.00 9.21  ? 104 CYS A CB  1 
ATOM   841  S SG  . CYS A 1 104 ? 9.791   3.183   0.407   1.00 10.57 ? 104 CYS A SG  1 
ATOM   842  N N   . PRO A 1 105 ? 12.204  1.560   -1.560  1.00 10.65 ? 105 PRO A N   1 
ATOM   843  C CA  . PRO A 1 105 ? 13.531  1.096   -1.167  1.00 12.66 ? 105 PRO A CA  1 
ATOM   844  C C   . PRO A 1 105 ? 13.679  1.289   0.334   1.00 14.22 ? 105 PRO A C   1 
ATOM   845  O O   . PRO A 1 105 ? 13.095  2.206   0.920   1.00 12.59 ? 105 PRO A O   1 
ATOM   846  C CB  . PRO A 1 105 ? 14.475  2.080   -1.870  1.00 13.16 ? 105 PRO A CB  1 
ATOM   847  C CG  . PRO A 1 105 ? 13.644  2.719   -2.955  1.00 15.05 ? 105 PRO A CG  1 
ATOM   848  C CD  . PRO A 1 105 ? 12.271  2.797   -2.351  1.00 12.00 ? 105 PRO A CD  1 
ATOM   849  N N   . THR A 1 106 ? 14.510  0.462   0.953   1.00 16.26 ? 106 THR A N   1 
ATOM   850  C CA  . THR A 1 106 ? 14.781  0.598   2.380   1.00 19.72 ? 106 THR A CA  1 
ATOM   851  C C   . THR A 1 106 ? 15.968  1.571   2.586   1.00 20.88 ? 106 THR A C   1 
ATOM   852  O O   . THR A 1 106 ? 16.667  1.908   1.605   1.00 22.72 ? 106 THR A O   1 
ATOM   853  C CB  . THR A 1 106 ? 15.104  -0.785  3.008   1.00 23.76 ? 106 THR A CB  1 
ATOM   854  O OG1 . THR A 1 106 ? 16.237  -1.360  2.333   1.00 27.66 ? 106 THR A OG1 1 
ATOM   855  C CG2 . THR A 1 106 ? 13.910  -1.741  2.809   1.00 25.12 ? 106 THR A CG2 1 
HETATM 856  C C1  . 219 B 2 .   ? -5.126  5.771   7.031   1.00 41.66 ? 300 219 A C1  1 
HETATM 857  C C2  . 219 B 2 .   ? -5.725  4.789   6.183   1.00 39.95 ? 300 219 A C2  1 
HETATM 858  C C3  . 219 B 2 .   ? -5.283  3.420   6.291   1.00 38.89 ? 300 219 A C3  1 
HETATM 859  C C4  . 219 B 2 .   ? -4.235  2.982   7.197   1.00 36.55 ? 300 219 A C4  1 
HETATM 860  C C5  . 219 B 2 .   ? -3.641  4.007   8.048   1.00 38.90 ? 300 219 A C5  1 
HETATM 861  C C6  . 219 B 2 .   ? -4.121  5.377   7.972   1.00 40.12 ? 300 219 A C6  1 
HETATM 862  C C7  . 219 B 2 .   ? -3.712  1.547   7.139   1.00 31.32 ? 300 219 A C7  1 
HETATM 863  O O8  . 219 B 2 .   ? -2.398  3.724   8.778   1.00 39.03 ? 300 219 A O8  1 
HETATM 864  P P9  . 219 B 2 .   ? -2.440  3.228   10.314  1.00 36.83 ? 300 219 A P9  1 
HETATM 865  O O10 . 219 B 2 .   ? -3.950  3.124   10.424  1.00 34.64 ? 300 219 A O10 1 
HETATM 866  O O11 . 219 B 2 .   ? -2.062  4.471   11.134  1.00 41.52 ? 300 219 A O11 1 
HETATM 867  C C12 . 219 B 2 .   ? -4.450  1.852   10.680  1.00 32.38 ? 300 219 A C12 1 
HETATM 868  O O17 . 219 B 2 .   ? -3.598  0.579   8.060   1.00 30.04 ? 300 219 A O17 1 
HETATM 869  O O19 . 219 B 2 .   ? -1.555  2.061   10.675  1.00 25.13 ? 300 219 A O19 1 
HETATM 870  C C21 . 219 B 2 .   ? -4.728  1.926   12.141  1.00 34.49 ? 300 219 A C21 1 
HETATM 871  C C24 . 219 B 2 .   ? -6.269  1.985   12.229  1.00 36.25 ? 300 219 A C24 1 
HETATM 872  C C25 . 219 B 2 .   ? -6.895  3.295   11.746  1.00 36.32 ? 300 219 A C25 1 
HETATM 873  C C26 . 219 B 2 .   ? -6.464  4.445   12.640  1.00 37.84 ? 300 219 A C26 1 
HETATM 874  C C27 . 219 B 2 .   ? -4.934  4.537   12.639  1.00 37.26 ? 300 219 A C27 1 
HETATM 875  C C28 . 219 B 2 .   ? -4.156  3.230   12.856  1.00 37.29 ? 300 219 A C28 1 
HETATM 876  O O   . HOH C 3 .   ? 5.418   6.985   -11.409 1.00 11.35 ? 301 HOH A O   1 
HETATM 877  O O   . HOH C 3 .   ? -3.546  11.752  -7.143  1.00 15.36 ? 302 HOH A O   1 
HETATM 878  O O   . HOH C 3 .   ? -10.893 -0.011  -6.666  1.00 8.10  ? 303 HOH A O   1 
HETATM 879  O O   . HOH C 3 .   ? 8.535   1.254   12.575  1.00 11.16 ? 304 HOH A O   1 
HETATM 880  O O   . HOH C 3 .   ? 5.740   10.088  -5.182  1.00 13.12 ? 305 HOH A O   1 
HETATM 881  O O   . HOH C 3 .   ? 7.905   12.022  -6.374  1.00 11.26 ? 306 HOH A O   1 
HETATM 882  O O   . HOH C 3 .   ? 6.335   -8.998  -6.007  1.00 17.25 ? 307 HOH A O   1 
HETATM 883  O O   . HOH C 3 .   ? -0.234  6.661   13.632  1.00 13.57 ? 308 HOH A O   1 
HETATM 884  O O   . HOH C 3 .   ? -10.448 -0.204  3.319   1.00 12.38 ? 309 HOH A O   1 
HETATM 885  O O   . HOH C 3 .   ? -1.710  4.574   16.435  1.00 9.35  ? 310 HOH A O   1 
HETATM 886  O O   . HOH C 3 .   ? -14.625 -4.175  -9.107  1.00 11.45 ? 311 HOH A O   1 
HETATM 887  O O   . HOH C 3 .   ? -12.482 -4.040  -10.833 1.00 14.28 ? 312 HOH A O   1 
HETATM 888  O O   . HOH C 3 .   ? 0.004   -5.929  -12.506 1.00 15.10 ? 313 HOH A O   1 
HETATM 889  O O   . HOH C 3 .   ? -13.567 -0.291  -7.155  1.00 10.30 ? 314 HOH A O   1 
HETATM 890  O O   . HOH C 3 .   ? -7.366  9.489   -4.923  1.00 13.87 ? 315 HOH A O   1 
HETATM 891  O O   . HOH C 3 .   ? 12.156  10.782  4.677   1.00 21.08 ? 316 HOH A O   1 
HETATM 892  O O   . HOH C 3 .   ? 4.114   -3.386  -8.981  1.00 24.95 ? 317 HOH A O   1 
HETATM 893  O O   . HOH C 3 .   ? 2.787   13.046  3.587   1.00 18.34 ? 318 HOH A O   1 
HETATM 894  O O   . HOH C 3 .   ? 5.643   11.428  9.229   1.00 20.11 ? 319 HOH A O   1 
HETATM 895  O O   . HOH C 3 .   ? 8.240   10.740  8.848   1.00 27.24 ? 320 HOH A O   1 
HETATM 896  O O   . HOH C 3 .   ? 2.062   -0.534  11.658  1.00 26.40 ? 321 HOH A O   1 
HETATM 897  O O   . HOH C 3 .   ? 3.433   -1.338  -11.410 1.00 36.18 ? 322 HOH A O   1 
HETATM 898  O O   . HOH C 3 .   ? -3.233  -11.066 -10.877 1.00 14.56 ? 323 HOH A O   1 
HETATM 899  O O   . HOH C 3 .   ? 2.952   -1.609  13.715  1.00 18.97 ? 324 HOH A O   1 
HETATM 900  O O   . HOH C 3 .   ? 0.904   -3.590  13.937  1.00 16.28 ? 325 HOH A O   1 
HETATM 901  O O   . HOH C 3 .   ? -1.584  14.231  -6.990  1.00 31.60 ? 326 HOH A O   1 
HETATM 902  O O   . HOH C 3 .   ? 0.295   10.867  8.673   1.00 32.65 ? 327 HOH A O   1 
HETATM 903  O O   . HOH C 3 .   ? 10.219  -5.362  -6.296  1.00 31.32 ? 328 HOH A O   1 
HETATM 904  O O   . HOH C 3 .   ? -2.460  -5.040  12.977  1.00 33.41 ? 329 HOH A O   1 
HETATM 905  O O   . HOH C 3 .   ? 10.254  5.827   12.192  1.00 20.77 ? 330 HOH A O   1 
HETATM 906  O O   . HOH C 3 .   ? 13.268  4.967   0.992   1.00 11.25 ? 331 HOH A O   1 
HETATM 907  O O   . HOH C 3 .   ? 14.002  8.407   3.154   1.00 20.95 ? 332 HOH A O   1 
HETATM 908  O O   . HOH C 3 .   ? 4.655   15.419  2.664   1.00 33.10 ? 333 HOH A O   1 
HETATM 909  O O   . HOH C 3 .   ? 3.660   -10.335 -5.687  1.00 32.05 ? 334 HOH A O   1 
HETATM 910  O O   . HOH C 3 .   ? 8.754   -9.566  3.424   1.00 27.59 ? 335 HOH A O   1 
HETATM 911  O O   . HOH C 3 .   ? -7.089  -16.804 -7.722  1.00 22.14 ? 336 HOH A O   1 
HETATM 912  O O   . HOH C 3 .   ? -1.841  12.313  -2.582  1.00 21.44 ? 337 HOH A O   1 
HETATM 913  O O   . HOH C 3 .   ? 12.751  -2.412  -0.899  1.00 16.98 ? 338 HOH A O   1 
HETATM 914  O O   . HOH C 3 .   ? 0.605   5.624   -14.026 1.00 20.06 ? 339 HOH A O   1 
HETATM 915  O O   . HOH C 3 .   ? -11.579 -0.293  5.841   1.00 19.03 ? 340 HOH A O   1 
HETATM 916  O O   . HOH C 3 .   ? -1.815  10.791  4.511   1.00 18.19 ? 341 HOH A O   1 
HETATM 917  O O   . HOH C 3 .   ? 1.623   -8.961  -7.085  1.00 20.13 ? 342 HOH A O   1 
HETATM 918  O O   . HOH C 3 .   ? -12.888 -2.003  7.228   1.00 34.40 ? 343 HOH A O   1 
HETATM 919  O O   . HOH C 3 .   ? 9.553   -2.827  -7.679  1.00 31.43 ? 344 HOH A O   1 
HETATM 920  O O   . HOH C 3 .   ? 15.205  12.829  0.017   1.00 28.22 ? 345 HOH A O   1 
HETATM 921  O O   . HOH C 3 .   ? -0.805  13.048  1.664   1.00 19.61 ? 346 HOH A O   1 
HETATM 922  O O   . HOH C 3 .   ? 12.665  -5.178  -4.964  1.00 40.38 ? 347 HOH A O   1 
HETATM 923  O O   . HOH C 3 .   ? 12.030  -4.800  -0.236  1.00 18.20 ? 348 HOH A O   1 
HETATM 924  O O   . HOH C 3 .   ? -0.414  21.372  -11.466 1.00 32.48 ? 349 HOH A O   1 
HETATM 925  O O   . HOH C 3 .   ? -1.350  -12.083 -9.038  1.00 34.63 ? 350 HOH A O   1 
HETATM 926  O O   . HOH C 3 .   ? 12.703  -2.168  -3.842  1.00 43.46 ? 351 HOH A O   1 
HETATM 927  O O   . HOH C 3 .   ? -21.963 2.304   -5.825  1.00 28.41 ? 352 HOH A O   1 
HETATM 928  O O   . HOH C 3 .   ? -9.191  6.650   -1.736  1.00 59.51 ? 353 HOH A O   1 
HETATM 929  O O   . HOH C 3 .   ? -4.779  -16.833 -5.047  1.00 31.70 ? 354 HOH A O   1 
HETATM 930  O O   . HOH C 3 .   ? -19.943 -4.602  -1.817  1.00 43.77 ? 355 HOH A O   1 
HETATM 931  O O   . HOH C 3 .   ? 8.628   -8.379  6.550   1.00 41.33 ? 356 HOH A O   1 
HETATM 932  O O   . HOH C 3 .   ? -0.626  8.952   -12.865 1.00 25.00 ? 357 HOH A O   1 
HETATM 933  O O   . HOH C 3 .   ? 9.225   -2.953  14.330  1.00 43.77 ? 358 HOH A O   1 
HETATM 934  O O   . HOH C 3 .   ? -5.647  8.945   9.399   1.00 42.33 ? 359 HOH A O   1 
HETATM 935  O O   . HOH C 3 .   ? 14.787  11.638  2.863   1.00 35.73 ? 360 HOH A O   1 
HETATM 936  O O   . HOH C 3 .   ? -11.198 2.589   -3.056  1.00 48.06 ? 361 HOH A O   1 
HETATM 937  O O   . HOH C 3 .   ? -18.423 -7.631  -3.752  1.00 36.18 ? 362 HOH A O   1 
HETATM 938  O O   . HOH C 3 .   ? 13.723  11.758  6.942   1.00 61.33 ? 363 HOH A O   1 
HETATM 939  O O   . HOH C 3 .   ? -18.417 -5.903  -8.231  1.00 47.58 ? 364 HOH A O   1 
HETATM 940  O O   . HOH C 3 .   ? -5.075  -17.428 -1.048  1.00 50.96 ? 365 HOH A O   1 
HETATM 941  O O   . HOH C 3 .   ? 13.923  6.028   -1.721  1.00 20.75 ? 366 HOH A O   1 
HETATM 942  O O   . HOH C 3 .   ? 13.610  -5.835  -2.273  1.00 23.32 ? 367 HOH A O   1 
HETATM 943  O O   . HOH C 3 .   ? 11.578  -1.943  7.206   1.00 43.88 ? 368 HOH A O   1 
HETATM 944  O O   . HOH C 3 .   ? 1.455   -6.747  15.497  1.00 22.61 ? 369 HOH A O   1 
HETATM 945  O O   . HOH C 3 .   ? 18.186  7.953   -0.892  1.00 48.55 ? 370 HOH A O   1 
HETATM 946  O O   . HOH C 3 .   ? 15.616  -1.721  -0.365  1.00 26.01 ? 371 HOH A O   1 
HETATM 947  O O   . HOH C 3 .   ? 10.979  -5.465  5.007   1.00 47.89 ? 372 HOH A O   1 
HETATM 948  O O   . HOH C 3 .   ? 10.850  8.551   11.995  1.00 23.80 ? 373 HOH A O   1 
HETATM 949  O O   . HOH C 3 .   ? -6.538  4.742   15.958  1.00 48.87 ? 374 HOH A O   1 
HETATM 950  O O   . HOH C 3 .   ? -2.779  14.774  -1.448  1.00 51.43 ? 375 HOH A O   1 
HETATM 951  O O   . HOH C 3 .   ? 3.857   18.176  -11.671 1.00 36.69 ? 376 HOH A O   1 
HETATM 952  O O   . HOH C 3 .   ? 3.973   -8.750  14.187  1.00 33.97 ? 377 HOH A O   1 
HETATM 953  O O   . HOH C 3 .   ? 0.135   -9.748  13.184  1.00 70.04 ? 378 HOH A O   1 
HETATM 954  O O   . HOH C 3 .   ? -8.008  9.421   0.025   1.00 28.05 ? 379 HOH A O   1 
HETATM 955  O O   . HOH C 3 .   ? 17.024  11.138  -1.370  1.00 33.02 ? 380 HOH A O   1 
HETATM 956  O O   . HOH C 3 .   ? -23.274 -2.997  -3.993  1.00 46.38 ? 381 HOH A O   1 
HETATM 957  O O   . HOH C 3 .   ? -15.056 -7.844  -6.167  1.00 10.79 ? 382 HOH A O   1 
HETATM 958  O O   . HOH C 3 .   ? -2.835  11.868  10.459  1.00 75.75 ? 383 HOH A O   1 
HETATM 959  O O   . HOH C 3 .   ? -6.822  11.673  1.667   1.00 25.16 ? 384 HOH A O   1 
HETATM 960  O O   . HOH C 3 .   ? -6.345  9.036   -2.137  1.00 21.64 ? 385 HOH A O   1 
HETATM 961  O O   . HOH C 3 .   ? -9.847  1.664   -13.711 1.00 25.99 ? 386 HOH A O   1 
HETATM 962  O O   . HOH C 3 .   ? 10.433  13.393  -5.870  1.00 15.72 ? 387 HOH A O   1 
HETATM 963  O O   . HOH C 3 .   ? 12.900  4.893   -5.524  1.00 27.18 ? 388 HOH A O   1 
HETATM 964  O O   . HOH C 3 .   ? -6.657  6.456   10.034  1.00 45.35 ? 389 HOH A O   1 
HETATM 965  O O   . HOH C 3 .   ? 15.525  9.189   7.022   1.00 27.95 ? 390 HOH A O   1 
HETATM 966  O O   . HOH C 3 .   ? -8.390  3.240   3.696   1.00 18.09 ? 391 HOH A O   1 
HETATM 967  O O   . HOH C 3 .   ? 2.362   9.822   -12.723 1.00 23.95 ? 392 HOH A O   1 
HETATM 968  O O   . HOH C 3 .   ? 7.247   -7.573  10.904  1.00 25.88 ? 393 HOH A O   1 
HETATM 969  O O   . HOH C 3 .   ? 3.187   -8.993  9.628   1.00 20.86 ? 394 HOH A O   1 
HETATM 970  O O   . HOH C 3 .   ? 7.556   -3.456  17.235  1.00 26.21 ? 395 HOH A O   1 
HETATM 971  O O   . HOH C 3 .   ? 8.541   17.494  -3.007  1.00 21.06 ? 396 HOH A O   1 
HETATM 972  O O   . HOH C 3 .   ? -10.343 -10.819 -7.936  1.00 8.70  ? 397 HOH A O   1 
HETATM 973  O O   . HOH C 3 .   ? 15.260  5.858   2.864   1.00 32.58 ? 398 HOH A O   1 
HETATM 974  O O   . HOH C 3 .   ? 13.981  7.581   -9.024  1.00 16.62 ? 399 HOH A O   1 
HETATM 975  O O   . HOH C 3 .   ? -0.042  14.869  -4.456  1.00 19.60 ? 400 HOH A O   1 
HETATM 976  O O   . HOH C 3 .   ? 0.703   18.979  -10.280 1.00 28.40 ? 401 HOH A O   1 
HETATM 977  O O   . HOH C 3 .   ? -3.594  8.712   3.733   1.00 15.96 ? 402 HOH A O   1 
HETATM 978  O O   . HOH C 3 .   ? -10.354 -3.108  -3.192  1.00 7.51  ? 403 HOH A O   1 
HETATM 979  O O   . HOH C 3 .   ? -2.347  -13.195 0.205   1.00 15.35 ? 404 HOH A O   1 
HETATM 980  O O   . HOH C 3 .   ? -4.713  -13.431 -10.915 1.00 23.22 ? 405 HOH A O   1 
HETATM 981  O O   . HOH C 3 .   ? -7.872  8.106   -7.653  1.00 7.99  ? 406 HOH A O   1 
HETATM 982  O O   . HOH C 3 .   ? -2.356  -9.694  10.015  1.00 43.40 ? 407 HOH A O   1 
HETATM 983  O O   . HOH C 3 .   ? 10.211  -4.015  7.633   1.00 32.13 ? 408 HOH A O   1 
HETATM 984  O O   . HOH C 3 .   ? 9.723   -5.334  10.925  1.00 58.97 ? 409 HOH A O   1 
HETATM 985  O O   . HOH C 3 .   ? 10.648  10.362  10.027  1.00 36.79 ? 410 HOH A O   1 
HETATM 986  O O   . HOH C 3 .   ? 11.070  14.770  0.255   1.00 34.63 ? 411 HOH A O   1 
HETATM 987  O O   . HOH C 3 .   ? 19.596  11.663  -5.905  1.00 42.68 ? 412 HOH A O   1 
HETATM 988  O O   . HOH C 3 .   ? -2.298  -7.213  10.670  1.00 40.08 ? 413 HOH A O   1 
HETATM 989  O O   . HOH C 3 .   ? -9.068  -7.346  7.962   1.00 25.43 ? 414 HOH A O   1 
HETATM 990  O O   . HOH C 3 .   ? 2.252   17.781  1.843   1.00 32.95 ? 415 HOH A O   1 
HETATM 991  O O   . HOH C 3 .   ? -7.447  5.735   2.540   1.00 71.46 ? 416 HOH A O   1 
HETATM 992  O O   . HOH C 3 .   ? -8.336  -12.626 -7.100  1.00 13.06 ? 417 HOH A O   1 
HETATM 993  O O   . HOH C 3 .   ? 0.990   10.891  -14.861 1.00 32.07 ? 418 HOH A O   1 
HETATM 994  O O   . HOH C 3 .   ? 16.556  4.206   5.465   1.00 25.93 ? 419 HOH A O   1 
HETATM 995  O O   . HOH C 3 .   ? -0.761  11.535  -8.978  1.00 19.77 ? 420 HOH A O   1 
HETATM 996  O O   . HOH C 3 .   ? 2.248   12.408  5.901   1.00 55.68 ? 421 HOH A O   1 
HETATM 997  O O   . HOH C 3 .   ? -0.754  -16.291 -3.296  1.00 60.64 ? 422 HOH A O   1 
HETATM 998  O O   . HOH C 3 .   ? -3.335  -3.818  15.201  1.00 42.17 ? 423 HOH A O   1 
HETATM 999  O O   . HOH C 3 .   ? -7.399  3.092   17.947  1.00 33.25 ? 424 HOH A O   1 
HETATM 1000 O O   . HOH C 3 .   ? -11.173 1.824   -16.034 1.00 21.45 ? 425 HOH A O   1 
HETATM 1001 O O   . HOH C 3 .   ? -0.501  15.033  3.691   1.00 60.54 ? 426 HOH A O   1 
HETATM 1002 O O   . HOH C 3 .   ? 9.857   -5.038  16.095  1.00 33.68 ? 427 HOH A O   1 
HETATM 1003 O O   . HOH C 3 .   ? 9.235   15.444  3.208   1.00 53.07 ? 428 HOH A O   1 
HETATM 1004 O O   . HOH C 3 .   ? 18.453  15.597  -2.999  1.00 56.08 ? 429 HOH A O   1 
HETATM 1005 O O   . HOH C 3 .   ? -12.050 6.003   -2.154  1.00 56.54 ? 430 HOH A O   1 
HETATM 1006 O O   . HOH C 3 .   ? 11.660  -5.810  2.575   1.00 47.52 ? 431 HOH A O   1 
HETATM 1007 O O   . HOH C 3 .   ? 13.763  -0.943  5.905   1.00 72.70 ? 432 HOH A O   1 
HETATM 1008 O O   . HOH C 3 .   ? 3.649   -11.876 13.092  1.00 80.56 ? 433 HOH A O   1 
HETATM 1009 O O   . HOH C 3 .   ? 5.111   -11.794 15.950  1.00 40.34 ? 434 HOH A O   1 
HETATM 1010 O O   . HOH C 3 .   ? -1.275  -6.872  15.669  1.00 43.93 ? 435 HOH A O   1 
HETATM 1011 O O   . HOH C 3 .   ? 9.369   13.160  8.087   1.00 50.38 ? 436 HOH A O   1 
HETATM 1012 O O   . HOH C 3 .   ? 12.979  12.241  9.703   1.00 44.65 ? 437 HOH A O   1 
HETATM 1013 O O   . HOH C 3 .   ? 1.855   13.571  8.822   1.00 66.08 ? 438 HOH A O   1 
HETATM 1014 O O   . HOH C 3 .   ? 18.782  12.563  1.529   1.00 47.29 ? 439 HOH A O   1 
HETATM 1015 O O   . HOH C 3 .   ? 17.973  13.033  -3.396  1.00 46.81 ? 440 HOH A O   1 
HETATM 1016 O O   . HOH C 3 .   ? -2.453  21.224  1.834   1.00 62.12 ? 441 HOH A O   1 
HETATM 1017 O O   . HOH C 3 .   ? -6.000  9.313   3.097   1.00 44.91 ? 442 HOH A O   1 
HETATM 1018 O O   . HOH C 3 .   ? -3.579  -15.584 0.124   1.00 58.71 ? 443 HOH A O   1 
HETATM 1019 O O   . HOH C 3 .   ? -1.770  -15.195 -5.504  1.00 38.63 ? 444 HOH A O   1 
HETATM 1020 O O   . HOH C 3 .   ? 11.849  2.727   -9.329  1.00 41.74 ? 445 HOH A O   1 
HETATM 1021 O O   . HOH C 3 .   ? 9.232   -0.644  -10.117 1.00 41.24 ? 446 HOH A O   1 
HETATM 1022 O O   . HOH C 3 .   ? -21.613 0.692   -3.675  1.00 29.99 ? 447 HOH A O   1 
HETATM 1023 O O   . HOH C 3 .   ? -4.837  11.260  8.332   1.00 41.53 ? 448 HOH A O   1 
HETATM 1024 O O   . HOH C 3 .   ? -6.702  12.232  4.920   1.00 48.11 ? 449 HOH A O   1 
HETATM 1025 O O   . HOH C 3 .   ? -13.946 -4.363  7.624   1.00 39.85 ? 450 HOH A O   1 
HETATM 1026 O O   . HOH C 3 .   ? 20.785  14.419  3.841   1.00 45.77 ? 451 HOH A O   1 
HETATM 1027 O O   . HOH C 3 .   ? -9.047  7.227   0.957   1.00 47.69 ? 452 HOH A O   1 
HETATM 1028 O O   . HOH C 3 .   ? -9.858  4.574   11.078  1.00 46.71 ? 453 HOH A O   1 
HETATM 1029 O O   . HOH C 3 .   ? -10.325 2.748   6.793   1.00 55.38 ? 454 HOH A O   1 
HETATM 1030 O O   . HOH C 3 .   ? -1.850  11.455  6.983   1.00 51.78 ? 455 HOH A O   1 
HETATM 1031 O O   . HOH C 3 .   ? -18.048 -8.967  1.323   1.00 53.23 ? 456 HOH A O   1 
HETATM 1032 O O   . HOH C 3 .   ? 5.636   -9.488  10.045  1.00 45.08 ? 457 HOH A O   1 
HETATM 1033 O O   . HOH C 3 .   ? 19.893  2.424   10.755  1.00 49.19 ? 458 HOH A O   1 
HETATM 1034 O O   . HOH C 3 .   ? -0.826  -17.941 1.918   1.00 56.56 ? 459 HOH A O   1 
HETATM 1035 O O   . HOH C 3 .   ? -23.401 -8.623  -3.107  1.00 46.75 ? 460 HOH A O   1 
HETATM 1036 O O   . HOH C 3 .   ? 10.116  14.654  5.792   1.00 50.89 ? 461 HOH A O   1 
HETATM 1037 O O   . HOH C 3 .   ? -10.349 2.327   -5.449  1.00 15.46 ? 462 HOH A O   1 
HETATM 1038 O O   . HOH C 3 .   ? -8.510  2.295   -3.579  1.00 47.34 ? 463 HOH A O   1 
HETATM 1039 O O   . HOH C 3 .   ? -9.596  4.065   -1.453  1.00 39.04 ? 464 HOH A O   1 
HETATM 1040 O O   . HOH C 3 .   ? -5.175  8.804   5.561   1.00 38.11 ? 465 HOH A O   1 
HETATM 1041 O O   . HOH C 3 .   ? -4.707  9.049   12.005  1.00 53.55 ? 466 HOH A O   1 
HETATM 1042 O O   . HOH C 3 .   ? 12.505  0.142   8.242   1.00 33.00 ? 467 HOH A O   1 
HETATM 1043 O O   . HOH C 3 .   ? 15.435  1.279   6.389   1.00 38.35 ? 468 HOH A O   1 
# 
